data_6ZZU
#
_entry.id   6ZZU
#
_cell.length_a   1.00
_cell.length_b   1.00
_cell.length_c   1.00
_cell.angle_alpha   90.00
_cell.angle_beta   90.00
_cell.angle_gamma   90.00
#
_symmetry.space_group_name_H-M   'P 1'
#
loop_
_entity.id
_entity.type
_entity.pdbx_description
1 polymer 'Tyrosine 3-monooxygenase'
2 non-polymer 'FE (III) ION'
3 water water
#
_entity_poly.entity_id   1
_entity_poly.type   'polypeptide(L)'
_entity_poly.pdbx_seq_one_letter_code
;VPWFPRKVSELDKCHHLVTKFDPDLDLDHPGFSDQVYRQRRKLIAEIAFQYRHGDPIPRVEYTAEEIATWKEVYTTLKGL
YATHACGEHLEAFALLERFSGYREDNIPQLEDVSRFLKERTGFQLRPVAGLLSARDFLASLAFRVFQCTQYIRHASSPMH
SPEPDCCHELLGHVPMLADRTFAQFSQDIGLASLGASDEEIEKLSTLYWFTVEFGLCKQNGEVKAYGAGLLSSYGELLHC
LSEEPEIRAFDPEAAAVQPYQDQTYQSVYFVSESFSDAKDKLRSYASRIQRPFSVKFDPYTLAIDVLDSPQAVRRSLEGV
QDELDTLAHALSAIG
;
_entity_poly.pdbx_strand_id   B,A,C,D
#
loop_
_chem_comp.id
_chem_comp.type
_chem_comp.name
_chem_comp.formula
FE non-polymer 'FE (III) ION' 'Fe 3'
#
# COMPACT_ATOMS: atom_id res chain seq x y z
N VAL A 1 -5.20 24.17 20.16
CA VAL A 1 -5.61 22.79 19.93
C VAL A 1 -6.22 22.22 21.20
N PRO A 2 -7.46 21.72 21.11
CA PRO A 2 -8.11 21.14 22.29
C PRO A 2 -7.54 19.79 22.67
N TRP A 3 -8.10 19.18 23.72
CA TRP A 3 -7.62 17.92 24.24
C TRP A 3 -8.43 16.77 23.66
N PHE A 4 -7.75 15.64 23.46
CA PHE A 4 -8.35 14.45 22.91
C PHE A 4 -7.53 13.27 23.44
N PRO A 5 -8.17 12.12 23.70
CA PRO A 5 -7.44 11.00 24.32
C PRO A 5 -6.48 10.32 23.38
N ARG A 6 -5.52 9.64 23.97
CA ARG A 6 -4.49 8.92 23.24
C ARG A 6 -4.50 7.42 23.48
N LYS A 7 -4.72 6.98 24.71
CA LYS A 7 -4.82 5.56 25.03
C LYS A 7 -6.24 5.29 25.49
N VAL A 8 -6.62 4.00 25.50
CA VAL A 8 -7.96 3.64 25.98
C VAL A 8 -8.09 3.80 27.48
N SER A 9 -6.97 3.76 28.22
CA SER A 9 -7.03 4.07 29.65
C SER A 9 -7.22 5.56 29.88
N GLU A 10 -6.79 6.39 28.93
CA GLU A 10 -7.02 7.82 29.00
C GLU A 10 -8.35 8.23 28.41
N LEU A 11 -9.22 7.26 28.07
CA LEU A 11 -10.64 7.54 27.90
C LEU A 11 -11.36 7.74 29.22
N ASP A 12 -10.71 7.41 30.34
CA ASP A 12 -11.40 7.33 31.61
C ASP A 12 -11.26 8.63 32.40
N LYS A 13 -10.03 9.07 32.65
CA LYS A 13 -9.80 10.11 33.64
C LYS A 13 -10.24 11.48 33.15
N CYS A 14 -9.81 11.87 31.96
CA CYS A 14 -10.11 13.21 31.46
C CYS A 14 -11.51 13.30 30.84
N HIS A 15 -12.26 12.20 30.78
CA HIS A 15 -13.65 12.23 30.38
C HIS A 15 -14.58 11.89 31.51
N HIS A 16 -14.06 11.50 32.67
CA HIS A 16 -14.85 11.47 33.89
C HIS A 16 -14.60 12.69 34.77
N LEU A 17 -13.52 13.43 34.52
CA LEU A 17 -13.32 14.70 35.21
C LEU A 17 -14.34 15.75 34.78
N VAL A 18 -14.89 15.63 33.57
CA VAL A 18 -15.81 16.61 33.03
C VAL A 18 -17.23 16.05 32.93
N THR A 19 -17.39 14.73 32.73
CA THR A 19 -18.72 14.17 32.58
C THR A 19 -19.18 13.32 33.75
N LYS A 20 -18.28 12.99 34.69
CA LYS A 20 -18.67 12.21 35.86
C LYS A 20 -18.43 13.03 37.12
N PHE A 21 -18.82 12.45 38.25
CA PHE A 21 -19.18 13.12 39.51
C PHE A 21 -19.92 14.43 39.26
N ASP A 22 -20.99 14.33 38.47
CA ASP A 22 -21.89 15.44 38.24
C ASP A 22 -23.25 15.08 38.80
N PRO A 23 -23.81 15.85 39.74
CA PRO A 23 -25.16 15.55 40.23
C PRO A 23 -26.21 15.88 39.18
N ASP A 24 -26.74 14.85 38.53
CA ASP A 24 -27.67 15.01 37.43
C ASP A 24 -29.10 14.94 37.91
N LEU A 25 -29.95 15.76 37.30
CA LEU A 25 -31.39 15.68 37.53
C LEU A 25 -31.94 14.48 36.76
N ASP A 26 -33.21 14.16 36.97
CA ASP A 26 -33.82 12.98 36.38
C ASP A 26 -33.91 13.08 34.86
N LEU A 27 -34.65 14.06 34.35
CA LEU A 27 -34.75 14.30 32.92
C LEU A 27 -34.64 15.80 32.68
N ASP A 28 -34.25 16.17 31.46
CA ASP A 28 -34.19 17.59 31.11
C ASP A 28 -35.57 18.21 31.03
N HIS A 29 -36.60 17.41 30.82
CA HIS A 29 -37.96 17.82 31.08
C HIS A 29 -38.11 18.10 32.57
N PRO A 30 -38.54 19.30 32.97
CA PRO A 30 -38.46 19.67 34.38
C PRO A 30 -39.46 18.96 35.29
N GLY A 31 -38.97 18.01 36.07
CA GLY A 31 -39.72 17.49 37.19
C GLY A 31 -40.52 16.22 36.92
N PHE A 32 -40.07 15.10 37.48
CA PHE A 32 -40.83 13.87 37.50
C PHE A 32 -41.18 13.51 38.94
N SER A 33 -42.35 12.92 39.14
CA SER A 33 -42.74 12.40 40.45
C SER A 33 -42.38 10.92 40.57
N ASP A 34 -41.11 10.62 40.31
CA ASP A 34 -40.64 9.26 40.05
C ASP A 34 -39.36 8.99 40.80
N GLN A 35 -39.40 9.19 42.13
CA GLN A 35 -38.22 9.09 42.99
C GLN A 35 -37.56 7.72 42.93
N VAL A 36 -38.34 6.65 42.78
CA VAL A 36 -37.74 5.32 42.64
C VAL A 36 -37.03 5.19 41.28
N TYR A 37 -37.57 5.83 40.24
CA TYR A 37 -36.86 5.88 38.97
C TYR A 37 -35.64 6.76 39.05
N ARG A 38 -35.68 7.79 39.92
CA ARG A 38 -34.48 8.59 40.17
C ARG A 38 -33.39 7.80 40.86
N GLN A 39 -33.77 6.92 41.80
CA GLN A 39 -32.77 6.04 42.42
C GLN A 39 -32.25 5.02 41.41
N ARG A 40 -33.10 4.58 40.48
CA ARG A 40 -32.64 3.69 39.41
C ARG A 40 -31.64 4.39 38.50
N ARG A 41 -31.91 5.63 38.13
CA ARG A 41 -30.99 6.41 37.31
C ARG A 41 -29.70 6.70 38.05
N LYS A 42 -29.79 6.95 39.36
CA LYS A 42 -28.61 7.22 40.17
C LYS A 42 -27.73 5.98 40.33
N LEU A 43 -28.34 4.82 40.56
CA LEU A 43 -27.55 3.60 40.70
C LEU A 43 -26.94 3.21 39.36
N ILE A 44 -27.67 3.39 38.26
CA ILE A 44 -27.14 3.10 36.94
C ILE A 44 -26.00 4.06 36.59
N ALA A 45 -26.14 5.32 36.98
CA ALA A 45 -25.06 6.30 36.83
C ALA A 45 -23.84 5.95 37.66
N GLU A 46 -24.01 5.38 38.85
CA GLU A 46 -22.83 5.02 39.62
C GLU A 46 -22.34 3.60 39.33
N ILE A 47 -22.97 2.88 38.40
CA ILE A 47 -22.27 1.76 37.78
C ILE A 47 -21.06 2.27 37.00
N ALA A 48 -21.26 3.32 36.20
CA ALA A 48 -20.20 3.88 35.38
C ALA A 48 -19.29 4.82 36.16
N PHE A 49 -19.48 4.97 37.47
CA PHE A 49 -18.65 5.84 38.28
C PHE A 49 -17.23 5.30 38.39
N GLN A 50 -17.08 4.13 38.99
CA GLN A 50 -15.76 3.54 39.21
C GLN A 50 -15.32 2.67 38.05
N TYR A 51 -16.06 2.68 36.95
CA TYR A 51 -15.69 1.90 35.79
C TYR A 51 -14.45 2.48 35.12
N ARG A 52 -13.40 1.67 35.04
CA ARG A 52 -12.21 2.00 34.27
C ARG A 52 -12.15 1.07 33.07
N HIS A 53 -11.33 1.43 32.08
CA HIS A 53 -11.20 0.61 30.90
C HIS A 53 -10.39 -0.65 31.20
N GLY A 54 -10.74 -1.73 30.50
CA GLY A 54 -10.22 -3.04 30.81
C GLY A 54 -11.08 -3.83 31.77
N ASP A 55 -11.86 -3.17 32.60
CA ASP A 55 -12.82 -3.84 33.45
C ASP A 55 -14.09 -4.17 32.67
N PRO A 56 -14.73 -5.28 32.99
CA PRO A 56 -16.00 -5.61 32.33
C PRO A 56 -17.12 -4.74 32.87
N ILE A 57 -18.24 -4.75 32.15
CA ILE A 57 -19.42 -4.01 32.59
C ILE A 57 -20.07 -4.79 33.71
N PRO A 58 -20.33 -4.17 34.87
CA PRO A 58 -21.13 -4.84 35.91
C PRO A 58 -22.57 -5.01 35.45
N ARG A 59 -23.15 -6.17 35.76
CA ARG A 59 -24.50 -6.48 35.31
C ARG A 59 -25.52 -5.60 36.03
N VAL A 60 -26.60 -5.31 35.32
CA VAL A 60 -27.64 -4.40 35.79
C VAL A 60 -28.85 -5.24 36.20
N GLU A 61 -29.36 -4.99 37.40
CA GLU A 61 -30.62 -5.61 37.77
C GLU A 61 -31.79 -4.81 37.20
N TYR A 62 -32.86 -5.51 36.86
CA TYR A 62 -34.03 -4.89 36.28
C TYR A 62 -35.27 -5.42 36.99
N THR A 63 -36.16 -4.52 37.38
CA THR A 63 -37.43 -4.92 37.96
C THR A 63 -38.45 -5.16 36.85
N ALA A 64 -39.73 -5.24 37.22
CA ALA A 64 -40.76 -5.67 36.28
C ALA A 64 -41.10 -4.62 35.24
N GLU A 65 -41.11 -3.33 35.62
CA GLU A 65 -41.61 -2.30 34.73
C GLU A 65 -40.63 -1.94 33.61
N GLU A 66 -39.32 -1.93 33.88
CA GLU A 66 -38.38 -1.68 32.79
C GLU A 66 -38.24 -2.90 31.89
N ILE A 67 -38.39 -4.10 32.45
CA ILE A 67 -38.45 -5.32 31.63
C ILE A 67 -39.70 -5.31 30.75
N ALA A 68 -40.81 -4.79 31.28
CA ALA A 68 -42.05 -4.77 30.52
C ALA A 68 -42.01 -3.71 29.42
N THR A 69 -41.43 -2.54 29.68
CA THR A 69 -41.33 -1.57 28.59
C THR A 69 -40.23 -1.95 27.61
N TRP A 70 -39.23 -2.72 28.04
CA TRP A 70 -38.29 -3.32 27.10
C TRP A 70 -38.99 -4.32 26.19
N LYS A 71 -39.89 -5.12 26.77
CA LYS A 71 -40.74 -6.01 25.98
C LYS A 71 -41.62 -5.22 25.01
N GLU A 72 -42.15 -4.08 25.44
CA GLU A 72 -42.99 -3.25 24.58
C GLU A 72 -42.21 -2.70 23.40
N VAL A 73 -41.04 -2.11 23.66
CA VAL A 73 -40.24 -1.53 22.58
C VAL A 73 -39.68 -2.65 21.69
N TYR A 74 -39.43 -3.83 22.26
CA TYR A 74 -38.91 -4.94 21.46
C TYR A 74 -39.97 -5.49 20.53
N THR A 75 -41.16 -5.80 21.04
CA THR A 75 -42.21 -6.34 20.18
C THR A 75 -42.80 -5.30 19.23
N THR A 76 -42.68 -4.01 19.53
CA THR A 76 -43.08 -3.04 18.53
C THR A 76 -42.02 -2.89 17.45
N LEU A 77 -40.77 -2.65 17.86
CA LEU A 77 -39.71 -2.30 16.92
C LEU A 77 -39.21 -3.49 16.12
N LYS A 78 -39.23 -4.70 16.67
CA LYS A 78 -38.86 -5.88 15.90
C LYS A 78 -39.90 -6.20 14.85
N GLY A 79 -41.19 -6.01 15.19
CA GLY A 79 -42.23 -6.12 14.18
C GLY A 79 -42.16 -5.02 13.15
N LEU A 80 -41.71 -3.83 13.56
CA LEU A 80 -41.52 -2.73 12.63
C LEU A 80 -40.20 -2.81 11.87
N TYR A 81 -39.34 -3.76 12.18
CA TYR A 81 -38.10 -3.88 11.41
C TYR A 81 -38.34 -4.42 10.00
N ALA A 82 -39.47 -5.07 9.75
CA ALA A 82 -39.88 -5.32 8.38
C ALA A 82 -40.39 -4.05 7.72
N THR A 83 -40.85 -3.09 8.50
CA THR A 83 -41.43 -1.85 7.97
C THR A 83 -40.34 -0.79 7.86
N HIS A 84 -39.89 -0.55 6.63
CA HIS A 84 -39.10 0.62 6.24
C HIS A 84 -37.71 0.65 6.87
N ALA A 85 -37.25 -0.43 7.48
CA ALA A 85 -35.95 -0.49 8.11
C ALA A 85 -34.93 -1.15 7.18
N CYS A 86 -33.66 -0.98 7.53
CA CYS A 86 -32.58 -1.54 6.70
C CYS A 86 -32.55 -3.06 6.79
N GLY A 87 -32.34 -3.70 5.64
CA GLY A 87 -32.16 -5.14 5.62
C GLY A 87 -30.83 -5.59 6.18
N GLU A 88 -29.80 -4.74 6.08
CA GLU A 88 -28.56 -4.97 6.80
C GLU A 88 -28.81 -4.96 8.30
N HIS A 89 -29.65 -4.03 8.76
CA HIS A 89 -30.09 -4.03 10.16
C HIS A 89 -30.94 -5.25 10.48
N LEU A 90 -31.68 -5.78 9.49
CA LEU A 90 -32.49 -6.96 9.73
C LEU A 90 -31.63 -8.20 9.95
N GLU A 91 -30.64 -8.43 9.08
CA GLU A 91 -29.77 -9.58 9.27
C GLU A 91 -28.85 -9.40 10.48
N ALA A 92 -28.47 -8.15 10.78
CA ALA A 92 -27.70 -7.90 11.99
C ALA A 92 -28.54 -8.12 13.24
N PHE A 93 -29.84 -7.82 13.16
CA PHE A 93 -30.73 -8.10 14.28
C PHE A 93 -30.96 -9.59 14.45
N ALA A 94 -30.99 -10.34 13.36
CA ALA A 94 -31.08 -11.80 13.47
C ALA A 94 -29.81 -12.36 14.11
N LEU A 95 -28.65 -11.82 13.73
CA LEU A 95 -27.39 -12.18 14.38
C LEU A 95 -27.38 -11.81 15.86
N LEU A 96 -27.99 -10.67 16.21
CA LEU A 96 -28.09 -10.28 17.60
C LEU A 96 -29.06 -11.17 18.38
N GLU A 97 -30.13 -11.62 17.72
CA GLU A 97 -31.12 -12.44 18.39
C GLU A 97 -30.60 -13.85 18.64
N ARG A 98 -29.73 -14.36 17.76
CA ARG A 98 -29.18 -15.68 18.01
C ARG A 98 -27.91 -15.61 18.86
N PHE A 99 -27.20 -14.48 18.80
CA PHE A 99 -25.93 -14.37 19.51
C PHE A 99 -26.07 -13.68 20.86
N SER A 100 -26.50 -12.41 20.86
CA SER A 100 -26.39 -11.54 22.02
C SER A 100 -27.47 -11.82 23.07
N GLY A 101 -28.63 -12.29 22.65
CA GLY A 101 -29.67 -12.59 23.61
C GLY A 101 -30.82 -11.61 23.55
N TYR A 102 -31.13 -11.12 22.36
CA TYR A 102 -32.24 -10.20 22.18
C TYR A 102 -33.54 -10.98 22.26
N ARG A 103 -34.36 -10.69 23.26
CA ARG A 103 -35.65 -11.35 23.37
C ARG A 103 -36.64 -10.38 24.00
N GLU A 104 -37.88 -10.85 24.09
CA GLU A 104 -38.95 -10.04 24.65
C GLU A 104 -38.84 -9.96 26.16
N ASP A 105 -38.65 -11.09 26.81
CA ASP A 105 -38.67 -11.19 28.27
C ASP A 105 -37.40 -10.63 28.92
N ASN A 106 -36.22 -11.07 28.48
CA ASN A 106 -34.98 -10.63 29.09
C ASN A 106 -34.34 -9.54 28.24
N ILE A 107 -33.97 -8.45 28.90
CA ILE A 107 -33.14 -7.41 28.30
C ILE A 107 -31.69 -7.87 28.35
N PRO A 108 -30.96 -7.79 27.24
CA PRO A 108 -29.55 -8.20 27.25
C PRO A 108 -28.69 -7.20 28.00
N GLN A 109 -27.77 -7.72 28.80
CA GLN A 109 -26.82 -6.85 29.47
C GLN A 109 -25.77 -6.36 28.49
N LEU A 110 -24.98 -5.39 28.95
CA LEU A 110 -24.02 -4.71 28.09
C LEU A 110 -22.79 -5.57 27.79
N GLU A 111 -22.46 -6.51 28.67
CA GLU A 111 -21.26 -7.33 28.49
C GLU A 111 -21.39 -8.26 27.31
N ASP A 112 -22.54 -8.90 27.14
CA ASP A 112 -22.73 -9.85 26.05
C ASP A 112 -22.76 -9.18 24.69
N VAL A 113 -23.40 -8.02 24.58
CA VAL A 113 -23.43 -7.31 23.31
C VAL A 113 -22.08 -6.64 23.03
N SER A 114 -21.34 -6.31 24.10
CA SER A 114 -19.99 -5.78 23.90
C SER A 114 -19.04 -6.86 23.42
N ARG A 115 -19.16 -8.07 23.99
CA ARG A 115 -18.42 -9.22 23.52
C ARG A 115 -18.83 -9.63 22.12
N PHE A 116 -20.07 -9.32 21.72
CA PHE A 116 -20.46 -9.52 20.33
C PHE A 116 -19.80 -8.51 19.40
N LEU A 117 -19.70 -7.25 19.83
CA LEU A 117 -19.08 -6.26 18.96
C LEU A 117 -17.58 -6.45 18.85
N LYS A 118 -16.92 -6.93 19.92
CA LYS A 118 -15.52 -7.33 19.78
C LYS A 118 -15.35 -8.59 18.94
N GLU A 119 -16.41 -9.36 18.75
CA GLU A 119 -16.38 -10.47 17.81
C GLU A 119 -16.57 -10.03 16.37
N ARG A 120 -17.48 -9.08 16.11
CA ARG A 120 -17.80 -8.71 14.74
C ARG A 120 -16.82 -7.68 14.17
N THR A 121 -16.79 -6.49 14.76
CA THR A 121 -16.02 -5.38 14.21
C THR A 121 -14.94 -4.86 15.15
N GLY A 122 -15.00 -5.20 16.43
CA GLY A 122 -14.07 -4.66 17.39
C GLY A 122 -14.51 -3.40 18.09
N PHE A 123 -15.77 -2.99 17.96
CA PHE A 123 -16.27 -1.95 18.83
C PHE A 123 -16.46 -2.48 20.25
N GLN A 124 -16.52 -1.56 21.20
CA GLN A 124 -16.96 -1.91 22.54
C GLN A 124 -17.94 -0.86 23.02
N LEU A 125 -19.02 -1.32 23.62
CA LEU A 125 -19.90 -0.44 24.35
C LEU A 125 -19.27 -0.11 25.70
N ARG A 126 -19.35 1.16 26.07
CA ARG A 126 -18.71 1.61 27.28
C ARG A 126 -19.73 2.37 28.11
N PRO A 127 -19.98 1.95 29.35
CA PRO A 127 -21.08 2.53 30.12
C PRO A 127 -20.74 3.92 30.63
N VAL A 128 -21.70 4.83 30.42
CA VAL A 128 -21.64 6.21 30.89
C VAL A 128 -23.08 6.66 31.04
N ALA A 129 -23.31 7.57 31.99
CA ALA A 129 -24.67 8.02 32.24
C ALA A 129 -25.10 9.10 31.24
N GLY A 130 -24.41 10.23 31.24
CA GLY A 130 -24.78 11.35 30.43
C GLY A 130 -23.90 11.49 29.20
N LEU A 131 -24.48 12.13 28.17
CA LEU A 131 -23.77 12.50 26.96
C LEU A 131 -23.10 13.87 27.08
N LEU A 132 -22.78 14.29 28.32
CA LEU A 132 -22.51 15.65 28.77
C LEU A 132 -21.54 16.43 27.89
N SER A 133 -20.58 15.77 27.25
CA SER A 133 -19.73 16.41 26.26
C SER A 133 -19.97 15.77 24.90
N ALA A 134 -20.35 16.59 23.93
CA ALA A 134 -20.43 16.13 22.55
C ALA A 134 -19.07 15.90 21.93
N ARG A 135 -18.03 16.53 22.47
CA ARG A 135 -16.67 16.27 22.01
C ARG A 135 -16.18 14.90 22.47
N ASP A 136 -16.42 14.56 23.73
CA ASP A 136 -15.82 13.38 24.33
C ASP A 136 -16.45 12.09 23.83
N PHE A 137 -17.75 12.10 23.56
CA PHE A 137 -18.40 10.92 22.97
C PHE A 137 -17.85 10.62 21.58
N LEU A 138 -17.65 11.66 20.77
CA LEU A 138 -17.04 11.47 19.46
C LEU A 138 -15.59 11.03 19.58
N ALA A 139 -14.84 11.64 20.51
CA ALA A 139 -13.43 11.27 20.69
C ALA A 139 -13.28 9.86 21.23
N SER A 140 -14.29 9.36 21.94
CA SER A 140 -14.33 7.94 22.28
C SER A 140 -14.61 7.11 21.05
N LEU A 141 -15.54 7.56 20.20
CA LEU A 141 -15.88 6.82 18.99
C LEU A 141 -14.73 6.78 17.98
N ALA A 142 -13.76 7.68 18.12
CA ALA A 142 -12.48 7.53 17.45
C ALA A 142 -11.80 6.22 17.83
N PHE A 143 -11.86 5.86 19.10
CA PHE A 143 -11.17 4.69 19.63
C PHE A 143 -11.92 3.40 19.39
N ARG A 144 -12.90 3.40 18.49
CA ARG A 144 -13.84 2.30 18.30
C ARG A 144 -14.57 1.96 19.60
N VAL A 145 -14.87 3.00 20.39
CA VAL A 145 -15.51 2.86 21.69
C VAL A 145 -16.77 3.70 21.68
N PHE A 146 -17.93 3.05 21.79
CA PHE A 146 -19.20 3.75 21.79
C PHE A 146 -19.62 4.01 23.23
N GLN A 147 -19.65 5.28 23.62
CA GLN A 147 -20.23 5.65 24.90
C GLN A 147 -21.72 5.35 24.89
N CYS A 148 -22.20 4.72 25.94
CA CYS A 148 -23.53 4.15 25.93
C CYS A 148 -24.17 4.22 27.31
N THR A 149 -25.49 4.40 27.31
CA THR A 149 -26.27 4.69 28.51
C THR A 149 -26.94 3.42 29.00
N GLN A 150 -26.68 3.05 30.25
CA GLN A 150 -27.18 1.79 30.81
C GLN A 150 -28.54 1.91 31.48
N TYR A 151 -29.32 2.94 31.14
CA TYR A 151 -30.64 3.08 31.75
C TYR A 151 -31.74 2.91 30.72
N ILE A 152 -32.98 2.98 31.21
CA ILE A 152 -34.18 2.78 30.41
C ILE A 152 -34.97 4.08 30.43
N ARG A 153 -35.65 4.38 29.33
CA ARG A 153 -36.62 5.48 29.32
C ARG A 153 -37.81 5.15 30.21
N HIS A 154 -38.65 6.17 30.42
CA HIS A 154 -39.76 6.06 31.33
C HIS A 154 -40.84 5.12 30.79
N ALA A 155 -41.57 4.49 31.71
CA ALA A 155 -42.65 3.61 31.30
C ALA A 155 -43.84 4.38 30.77
N SER A 156 -44.06 5.60 31.27
CA SER A 156 -45.13 6.45 30.76
C SER A 156 -44.79 7.02 29.39
N SER A 157 -43.53 7.01 28.99
CA SER A 157 -43.11 7.38 27.64
C SER A 157 -42.35 6.21 27.03
N PRO A 158 -43.06 5.17 26.58
CA PRO A 158 -42.36 3.99 26.05
C PRO A 158 -41.87 4.17 24.62
N MET A 159 -42.53 5.06 23.87
CA MET A 159 -42.24 5.24 22.46
C MET A 159 -41.27 6.38 22.18
N HIS A 160 -41.58 7.60 22.63
CA HIS A 160 -40.70 8.74 22.47
C HIS A 160 -39.84 8.90 23.72
N SER A 161 -38.52 8.96 23.51
CA SER A 161 -37.59 9.16 24.59
C SER A 161 -36.87 10.48 24.34
N PRO A 162 -36.84 11.39 25.32
CA PRO A 162 -36.05 12.62 25.18
C PRO A 162 -34.56 12.43 25.36
N GLU A 163 -34.13 11.28 25.89
CA GLU A 163 -32.73 10.99 26.13
C GLU A 163 -32.44 9.59 25.63
N PRO A 164 -31.23 9.32 25.15
CA PRO A 164 -30.92 7.97 24.68
C PRO A 164 -30.80 6.97 25.82
N ASP A 165 -31.57 5.90 25.72
CA ASP A 165 -31.55 4.83 26.72
C ASP A 165 -31.07 3.54 26.09
N CYS A 166 -31.13 2.41 26.81
CA CYS A 166 -30.80 1.13 26.20
C CYS A 166 -31.77 0.76 25.09
N CYS A 167 -33.04 1.14 25.22
CA CYS A 167 -33.97 0.95 24.12
C CYS A 167 -33.65 1.82 22.92
N HIS A 168 -32.96 2.94 23.12
CA HIS A 168 -32.43 3.68 21.99
C HIS A 168 -31.23 2.97 21.39
N GLU A 169 -30.18 2.78 22.19
CA GLU A 169 -28.87 2.43 21.64
C GLU A 169 -28.83 0.96 21.22
N LEU A 170 -29.34 0.05 22.06
CA LEU A 170 -29.32 -1.38 21.80
C LEU A 170 -30.18 -1.77 20.61
N LEU A 171 -31.11 -0.91 20.20
CA LEU A 171 -31.94 -1.16 19.04
C LEU A 171 -31.45 -0.45 17.78
N GLY A 172 -30.92 0.78 17.92
CA GLY A 172 -30.55 1.53 16.74
C GLY A 172 -29.07 1.62 16.48
N HIS A 173 -28.27 1.86 17.53
CA HIS A 173 -26.84 2.04 17.35
C HIS A 173 -26.15 0.70 17.13
N VAL A 174 -26.27 -0.20 18.11
CA VAL A 174 -25.44 -1.40 18.13
C VAL A 174 -25.68 -2.40 16.99
N PRO A 175 -26.90 -2.56 16.41
CA PRO A 175 -26.96 -3.45 15.24
C PRO A 175 -26.45 -2.79 13.97
N MET A 176 -26.25 -1.48 13.98
CA MET A 176 -25.47 -0.83 12.93
C MET A 176 -23.98 -0.94 13.19
N LEU A 177 -23.57 -0.93 14.47
CA LEU A 177 -22.16 -1.05 14.82
C LEU A 177 -21.59 -2.44 14.54
N ALA A 178 -22.44 -3.46 14.42
CA ALA A 178 -22.00 -4.81 14.08
C ALA A 178 -21.68 -4.96 12.60
N ASP A 179 -22.02 -3.97 11.78
CA ASP A 179 -21.63 -3.96 10.38
C ASP A 179 -20.19 -3.49 10.26
N ARG A 180 -19.46 -4.06 9.31
CA ARG A 180 -18.05 -3.76 9.13
C ARG A 180 -17.82 -2.32 8.67
N THR A 181 -18.35 -1.97 7.49
CA THR A 181 -18.04 -0.68 6.90
C THR A 181 -18.72 0.47 7.62
N PHE A 182 -19.87 0.23 8.26
CA PHE A 182 -20.45 1.30 9.07
C PHE A 182 -19.65 1.52 10.35
N ALA A 183 -19.03 0.45 10.89
CA ALA A 183 -18.15 0.65 12.04
C ALA A 183 -16.91 1.45 11.66
N GLN A 184 -16.28 1.10 10.53
CA GLN A 184 -15.17 1.90 10.03
C GLN A 184 -15.61 3.32 9.66
N PHE A 185 -16.86 3.49 9.27
CA PHE A 185 -17.42 4.80 9.00
C PHE A 185 -17.56 5.63 10.27
N SER A 186 -18.29 5.12 11.26
CA SER A 186 -18.56 5.84 12.49
C SER A 186 -17.32 6.06 13.32
N GLN A 187 -16.31 5.20 13.16
CA GLN A 187 -15.01 5.47 13.77
C GLN A 187 -14.31 6.64 13.11
N ASP A 188 -14.52 6.83 11.79
CA ASP A 188 -13.86 7.93 11.10
C ASP A 188 -14.44 9.29 11.45
N ILE A 189 -15.70 9.35 11.91
CA ILE A 189 -16.27 10.61 12.38
C ILE A 189 -15.54 11.07 13.63
N GLY A 190 -15.33 10.16 14.58
CA GLY A 190 -14.55 10.49 15.75
C GLY A 190 -13.09 10.72 15.46
N LEU A 191 -12.54 10.02 14.47
CA LEU A 191 -11.17 10.28 14.02
C LEU A 191 -11.04 11.68 13.44
N ALA A 192 -12.09 12.16 12.78
CA ALA A 192 -12.15 13.57 12.42
C ALA A 192 -12.30 14.46 13.64
N SER A 193 -12.92 13.96 14.71
CA SER A 193 -13.20 14.79 15.89
C SER A 193 -12.07 14.86 16.90
N LEU A 194 -10.93 14.22 16.64
CA LEU A 194 -9.83 14.22 17.60
C LEU A 194 -9.02 15.51 17.50
N GLY A 195 -9.02 16.28 18.59
CA GLY A 195 -8.28 17.53 18.59
C GLY A 195 -8.90 18.61 17.74
N ALA A 196 -10.16 18.44 17.35
CA ALA A 196 -10.86 19.44 16.56
C ALA A 196 -11.46 20.49 17.47
N SER A 197 -11.59 21.71 16.94
CA SER A 197 -12.05 22.83 17.74
C SER A 197 -13.55 22.73 18.01
N ASP A 198 -14.06 23.70 18.76
CA ASP A 198 -15.44 23.70 19.27
C ASP A 198 -16.48 23.77 18.16
N GLU A 199 -16.32 24.65 17.17
CA GLU A 199 -17.28 24.65 16.07
C GLU A 199 -17.04 23.46 15.14
N GLU A 200 -15.83 22.92 15.12
CA GLU A 200 -15.62 21.66 14.41
C GLU A 200 -16.25 20.49 15.15
N ILE A 201 -16.22 20.51 16.48
CA ILE A 201 -16.91 19.50 17.27
C ILE A 201 -18.42 19.60 17.06
N GLU A 202 -18.93 20.83 16.99
CA GLU A 202 -20.35 21.04 16.72
C GLU A 202 -20.71 20.59 15.31
N LYS A 203 -19.84 20.86 14.33
CA LYS A 203 -20.10 20.44 12.96
C LYS A 203 -20.07 18.92 12.81
N LEU A 204 -19.14 18.27 13.52
CA LEU A 204 -19.03 16.82 13.41
C LEU A 204 -20.14 16.11 14.16
N SER A 205 -20.56 16.64 15.30
CA SER A 205 -21.73 16.09 15.98
C SER A 205 -23.01 16.39 15.20
N THR A 206 -23.04 17.51 14.48
CA THR A 206 -24.18 17.82 13.62
C THR A 206 -24.25 16.86 12.44
N LEU A 207 -23.10 16.55 11.85
CA LEU A 207 -23.02 15.54 10.81
C LEU A 207 -23.43 14.17 11.35
N TYR A 208 -22.91 13.81 12.53
CA TYR A 208 -23.25 12.56 13.21
C TYR A 208 -24.74 12.46 13.53
N TRP A 209 -25.39 13.59 13.78
CA TRP A 209 -26.83 13.63 13.99
C TRP A 209 -27.60 13.20 12.74
N PHE A 210 -27.00 13.37 11.56
CA PHE A 210 -27.71 13.18 10.31
C PHE A 210 -27.20 12.00 9.48
N THR A 211 -26.08 11.39 9.85
CA THR A 211 -25.62 10.22 9.12
C THR A 211 -25.39 8.99 9.98
N VAL A 212 -25.54 9.08 11.30
CA VAL A 212 -25.51 7.91 12.18
C VAL A 212 -26.76 7.85 13.04
N GLU A 213 -27.05 8.93 13.77
CA GLU A 213 -28.21 8.99 14.65
C GLU A 213 -29.51 8.96 13.86
N PHE A 214 -29.64 9.87 12.88
CA PHE A 214 -30.83 9.95 12.04
C PHE A 214 -30.36 10.01 10.60
N GLY A 215 -30.11 8.85 10.02
CA GLY A 215 -29.63 8.75 8.65
C GLY A 215 -30.40 7.67 7.93
N LEU A 216 -30.66 7.92 6.65
CA LEU A 216 -31.54 7.09 5.86
C LEU A 216 -30.76 6.46 4.72
N CYS A 217 -30.98 5.16 4.49
CA CYS A 217 -30.20 4.40 3.53
C CYS A 217 -31.02 4.06 2.29
N LYS A 218 -30.35 3.45 1.31
CA LYS A 218 -30.98 3.04 0.06
C LYS A 218 -30.39 1.69 -0.36
N GLN A 219 -31.15 0.63 -0.16
CA GLN A 219 -30.75 -0.71 -0.55
C GLN A 219 -31.70 -1.26 -1.61
N ASN A 220 -31.13 -1.93 -2.60
CA ASN A 220 -31.85 -2.55 -3.73
C ASN A 220 -32.72 -1.54 -4.47
N GLY A 221 -32.32 -0.28 -4.50
CA GLY A 221 -33.13 0.78 -5.07
C GLY A 221 -34.06 1.42 -4.07
N GLU A 222 -34.62 0.64 -3.16
CA GLU A 222 -35.61 1.20 -2.25
C GLU A 222 -34.95 1.87 -1.05
N VAL A 223 -35.53 2.98 -0.65
CA VAL A 223 -35.04 3.72 0.50
C VAL A 223 -35.56 3.04 1.77
N LYS A 224 -34.66 2.82 2.72
CA LYS A 224 -34.96 2.29 4.04
C LYS A 224 -34.28 3.18 5.06
N ALA A 225 -34.37 2.83 6.33
CA ALA A 225 -33.73 3.63 7.37
C ALA A 225 -32.64 2.85 8.05
N TYR A 226 -31.49 3.50 8.28
CA TYR A 226 -30.40 2.91 9.05
C TYR A 226 -29.96 3.74 10.25
N GLY A 227 -30.61 4.87 10.51
CA GLY A 227 -30.21 5.72 11.61
C GLY A 227 -30.48 5.07 12.96
N ALA A 228 -29.76 5.57 13.97
CA ALA A 228 -29.88 5.00 15.30
C ALA A 228 -31.21 5.37 15.94
N GLY A 229 -31.48 6.67 16.08
CA GLY A 229 -32.72 7.13 16.68
C GLY A 229 -33.94 6.92 15.81
N LEU A 230 -33.75 6.79 14.49
CA LEU A 230 -34.85 6.37 13.63
C LEU A 230 -35.29 4.95 13.98
N LEU A 231 -34.33 4.08 14.24
CA LEU A 231 -34.59 2.70 14.60
C LEU A 231 -34.59 2.50 16.09
N SER A 232 -35.08 3.50 16.82
CA SER A 232 -35.14 3.48 18.27
C SER A 232 -36.50 3.89 18.82
N SER A 233 -37.28 4.68 18.08
CA SER A 233 -38.58 5.13 18.53
C SER A 233 -39.64 4.67 17.55
N TYR A 234 -40.89 4.62 18.01
CA TYR A 234 -41.97 3.99 17.25
C TYR A 234 -42.37 4.83 16.04
N GLY A 235 -42.79 6.08 16.27
CA GLY A 235 -43.38 6.86 15.21
C GLY A 235 -42.39 7.45 14.24
N GLU A 236 -41.14 7.61 14.66
CA GLU A 236 -40.14 8.25 13.82
C GLU A 236 -39.71 7.34 12.67
N LEU A 237 -39.66 6.02 12.90
CA LEU A 237 -39.35 5.06 11.84
C LEU A 237 -40.39 5.05 10.73
N LEU A 238 -41.64 5.33 11.05
CA LEU A 238 -42.66 5.49 10.01
C LEU A 238 -42.75 6.93 9.52
N HIS A 239 -42.23 7.88 10.29
CA HIS A 239 -42.23 9.28 9.88
C HIS A 239 -41.17 9.57 8.83
N CYS A 240 -39.99 8.97 8.97
CA CYS A 240 -38.84 9.36 8.16
C CYS A 240 -39.03 9.00 6.68
N LEU A 241 -39.70 7.89 6.41
CA LEU A 241 -40.02 7.54 5.04
C LEU A 241 -41.40 8.00 4.60
N SER A 242 -42.17 8.63 5.50
CA SER A 242 -43.32 9.38 5.04
C SER A 242 -42.85 10.66 4.36
N GLU A 243 -43.76 11.31 3.64
CA GLU A 243 -43.36 12.39 2.76
C GLU A 243 -43.41 13.78 3.39
N GLU A 244 -44.04 13.93 4.57
CA GLU A 244 -44.03 15.24 5.21
C GLU A 244 -42.65 15.70 5.72
N PRO A 245 -41.66 14.84 6.00
CA PRO A 245 -40.29 15.37 6.02
C PRO A 245 -39.64 15.29 4.65
N GLU A 246 -38.60 16.09 4.47
CA GLU A 246 -37.87 16.17 3.21
C GLU A 246 -36.53 15.49 3.37
N ILE A 247 -36.14 14.73 2.35
CA ILE A 247 -34.92 13.91 2.37
C ILE A 247 -33.99 14.44 1.29
N ARG A 248 -32.98 15.20 1.68
CA ARG A 248 -31.94 15.59 0.75
C ARG A 248 -30.94 14.46 0.58
N ALA A 249 -30.07 14.59 -0.42
CA ALA A 249 -28.95 13.68 -0.57
C ALA A 249 -27.92 13.96 0.52
N PHE A 250 -27.17 12.92 0.87
CA PHE A 250 -26.12 13.07 1.86
C PHE A 250 -24.98 13.88 1.27
N ASP A 251 -24.67 15.00 1.92
CA ASP A 251 -23.60 15.88 1.49
C ASP A 251 -22.68 16.18 2.67
N PRO A 252 -21.37 16.33 2.43
CA PRO A 252 -20.43 16.56 3.54
C PRO A 252 -20.61 17.91 4.22
N GLU A 253 -20.70 18.98 3.43
CA GLU A 253 -20.82 20.31 4.01
C GLU A 253 -22.26 20.66 4.35
N ALA A 254 -23.24 20.12 3.61
CA ALA A 254 -24.63 20.41 3.90
C ALA A 254 -25.16 19.63 5.09
N ALA A 255 -24.41 18.66 5.61
CA ALA A 255 -24.70 18.04 6.89
C ALA A 255 -23.87 18.64 8.02
N ALA A 256 -22.86 19.44 7.70
CA ALA A 256 -22.00 20.02 8.73
C ALA A 256 -22.67 21.15 9.48
N VAL A 257 -23.40 22.02 8.77
CA VAL A 257 -23.97 23.22 9.37
C VAL A 257 -25.49 23.18 9.24
N GLN A 258 -26.04 22.00 9.06
CA GLN A 258 -27.49 21.84 8.93
C GLN A 258 -28.16 22.04 10.29
N PRO A 259 -29.13 22.94 10.40
CA PRO A 259 -29.84 23.11 11.67
C PRO A 259 -30.70 21.91 12.01
N TYR A 260 -30.88 21.69 13.30
CA TYR A 260 -31.60 20.52 13.78
C TYR A 260 -32.17 20.80 15.17
N GLN A 261 -33.34 20.25 15.43
CA GLN A 261 -33.90 20.17 16.77
C GLN A 261 -33.81 18.73 17.25
N ASP A 262 -34.37 18.44 18.42
CA ASP A 262 -34.32 17.10 18.97
C ASP A 262 -35.66 16.59 19.48
N GLN A 263 -36.64 17.46 19.72
CA GLN A 263 -37.92 17.05 20.29
C GLN A 263 -38.93 16.63 19.22
N THR A 264 -39.18 17.49 18.25
CA THR A 264 -40.08 17.18 17.15
C THR A 264 -39.41 16.17 16.23
N TYR A 265 -40.22 15.39 15.52
CA TYR A 265 -39.70 14.50 14.47
C TYR A 265 -39.01 15.33 13.40
N GLN A 266 -37.82 14.89 13.00
CA GLN A 266 -36.89 15.76 12.28
C GLN A 266 -37.36 16.04 10.85
N SER A 267 -37.07 17.25 10.39
CA SER A 267 -37.53 17.68 9.07
C SER A 267 -36.61 17.18 7.97
N VAL A 268 -35.34 17.58 8.03
CA VAL A 268 -34.38 17.23 7.00
C VAL A 268 -33.79 15.86 7.29
N TYR A 269 -33.72 15.01 6.27
CA TYR A 269 -33.02 13.74 6.35
C TYR A 269 -32.01 13.65 5.22
N PHE A 270 -31.11 12.67 5.34
CA PHE A 270 -29.99 12.56 4.42
C PHE A 270 -29.94 11.13 3.87
N VAL A 271 -30.34 10.97 2.61
CA VAL A 271 -30.30 9.64 2.00
C VAL A 271 -28.86 9.27 1.64
N SER A 272 -28.46 8.07 2.08
CA SER A 272 -27.13 7.55 1.78
C SER A 272 -27.29 6.31 0.93
N GLU A 273 -26.54 6.25 -0.17
CA GLU A 273 -26.66 5.10 -1.07
C GLU A 273 -26.06 3.84 -0.46
N SER A 274 -25.00 3.97 0.33
CA SER A 274 -24.41 2.86 1.08
C SER A 274 -23.55 3.46 2.18
N PHE A 275 -23.21 2.62 3.17
CA PHE A 275 -22.28 3.04 4.21
C PHE A 275 -20.87 3.23 3.67
N SER A 276 -20.52 2.54 2.59
CA SER A 276 -19.23 2.77 1.95
C SER A 276 -19.18 4.15 1.29
N ASP A 277 -20.26 4.57 0.65
CA ASP A 277 -20.31 5.90 0.06
C ASP A 277 -20.34 6.97 1.14
N ALA A 278 -20.98 6.67 2.27
CA ALA A 278 -20.88 7.54 3.44
C ALA A 278 -19.45 7.61 3.96
N LYS A 279 -18.71 6.51 3.87
CA LYS A 279 -17.30 6.51 4.26
C LYS A 279 -16.46 7.36 3.30
N ASP A 280 -16.75 7.30 2.00
CA ASP A 280 -16.05 8.18 1.06
C ASP A 280 -16.38 9.64 1.31
N LYS A 281 -17.63 9.95 1.63
CA LYS A 281 -17.99 11.34 1.84
C LYS A 281 -17.45 11.87 3.16
N LEU A 282 -17.35 11.01 4.18
CA LEU A 282 -16.64 11.38 5.39
C LEU A 282 -15.14 11.51 5.17
N ARG A 283 -14.58 10.76 4.23
CA ARG A 283 -13.17 10.95 3.88
C ARG A 283 -12.96 12.31 3.23
N SER A 284 -13.85 12.69 2.31
CA SER A 284 -13.73 13.98 1.65
C SER A 284 -14.02 15.14 2.61
N TYR A 285 -14.88 14.93 3.61
CA TYR A 285 -15.11 15.97 4.59
C TYR A 285 -13.97 16.07 5.60
N ALA A 286 -13.43 14.92 6.03
CA ALA A 286 -12.35 14.90 7.00
C ALA A 286 -11.03 15.36 6.40
N SER A 287 -10.90 15.33 5.08
CA SER A 287 -9.73 15.93 4.44
C SER A 287 -9.70 17.44 4.66
N ARG A 288 -10.81 18.12 4.37
CA ARG A 288 -10.87 19.57 4.44
C ARG A 288 -11.04 20.09 5.85
N ILE A 289 -11.17 19.21 6.85
CA ILE A 289 -11.20 19.63 8.25
C ILE A 289 -9.83 20.14 8.64
N GLN A 290 -9.75 21.39 9.05
CA GLN A 290 -8.48 22.03 9.37
C GLN A 290 -7.98 21.51 10.71
N ARG A 291 -6.74 21.04 10.72
CA ARG A 291 -6.14 20.45 11.90
C ARG A 291 -4.65 20.51 11.72
N PRO A 292 -3.87 20.83 12.76
CA PRO A 292 -2.41 20.85 12.62
C PRO A 292 -1.79 19.47 12.42
N PHE A 293 -2.54 18.40 12.63
CA PHE A 293 -2.04 17.04 12.45
C PHE A 293 -3.16 16.22 11.83
N SER A 294 -2.97 14.90 11.81
CA SER A 294 -4.07 13.98 11.63
C SER A 294 -3.88 12.86 12.63
N VAL A 295 -4.79 11.89 12.62
CA VAL A 295 -4.70 10.76 13.53
C VAL A 295 -5.01 9.48 12.78
N LYS A 296 -4.30 8.42 13.11
CA LYS A 296 -4.57 7.08 12.61
C LYS A 296 -4.91 6.21 13.81
N PHE A 297 -6.01 5.48 13.72
CA PHE A 297 -6.32 4.52 14.76
C PHE A 297 -5.49 3.26 14.56
N ASP A 298 -4.59 3.01 15.50
CA ASP A 298 -3.73 1.83 15.49
C ASP A 298 -4.49 0.72 16.22
N PRO A 299 -5.05 -0.23 15.49
CA PRO A 299 -5.99 -1.17 16.11
C PRO A 299 -5.34 -2.35 16.81
N TYR A 300 -4.02 -2.51 16.69
CA TYR A 300 -3.33 -3.51 17.48
C TYR A 300 -3.44 -3.21 18.96
N THR A 301 -2.81 -2.11 19.41
CA THR A 301 -2.91 -1.65 20.78
C THR A 301 -4.13 -0.77 21.01
N LEU A 302 -4.99 -0.63 19.99
CA LEU A 302 -6.31 -0.01 20.09
C LEU A 302 -6.18 1.49 20.42
N ALA A 303 -5.07 2.09 20.00
CA ALA A 303 -4.68 3.42 20.40
C ALA A 303 -4.75 4.38 19.22
N ILE A 304 -4.30 5.61 19.45
CA ILE A 304 -4.38 6.69 18.47
C ILE A 304 -2.98 7.22 18.22
N ASP A 305 -2.61 7.31 16.94
CA ASP A 305 -1.31 7.81 16.51
C ASP A 305 -1.48 9.19 15.92
N VAL A 306 -0.83 10.18 16.52
CA VAL A 306 -0.80 11.53 15.95
C VAL A 306 0.19 11.53 14.79
N LEU A 307 -0.29 11.92 13.62
CA LEU A 307 0.54 12.17 12.46
C LEU A 307 0.70 13.68 12.37
N ASP A 308 1.67 14.17 13.15
CA ASP A 308 2.07 15.57 13.22
C ASP A 308 3.45 15.77 12.60
N SER A 309 3.99 14.74 11.97
CA SER A 309 5.33 14.79 11.41
C SER A 309 5.42 13.71 10.33
N PRO A 310 6.31 13.90 9.34
CA PRO A 310 6.55 12.81 8.38
C PRO A 310 7.16 11.57 9.00
N GLN A 311 7.89 11.71 10.11
CA GLN A 311 8.40 10.55 10.84
C GLN A 311 7.26 9.71 11.42
N ALA A 312 6.21 10.35 11.94
CA ALA A 312 5.06 9.63 12.46
C ALA A 312 4.31 8.92 11.34
N VAL A 313 4.18 9.56 10.17
CA VAL A 313 3.55 8.91 9.04
C VAL A 313 4.42 7.77 8.53
N ARG A 314 5.74 7.87 8.70
CA ARG A 314 6.64 6.78 8.32
C ARG A 314 6.46 5.56 9.23
N ARG A 315 6.44 5.78 10.54
CA ARG A 315 6.25 4.61 11.42
C ARG A 315 4.81 4.12 11.43
N SER A 316 3.86 4.92 10.92
CA SER A 316 2.56 4.38 10.54
C SER A 316 2.63 3.52 9.28
N LEU A 317 3.34 3.98 8.25
CA LEU A 317 3.41 3.30 6.97
C LEU A 317 4.21 2.02 7.04
N GLU A 318 5.13 1.90 8.02
CA GLU A 318 5.85 0.65 8.20
C GLU A 318 4.92 -0.50 8.61
N GLY A 319 3.93 -0.23 9.45
CA GLY A 319 2.95 -1.25 9.77
C GLY A 319 2.08 -1.64 8.58
N VAL A 320 1.79 -0.67 7.71
CA VAL A 320 1.13 -0.95 6.45
C VAL A 320 2.00 -1.85 5.58
N GLN A 321 3.31 -1.63 5.61
CA GLN A 321 4.21 -2.46 4.83
C GLN A 321 4.33 -3.87 5.40
N ASP A 322 4.27 -4.03 6.72
CA ASP A 322 4.21 -5.37 7.28
C ASP A 322 2.92 -6.08 6.90
N GLU A 323 1.79 -5.37 6.99
CA GLU A 323 0.51 -5.99 6.68
C GLU A 323 0.32 -6.17 5.17
N LEU A 324 1.07 -5.46 4.35
CA LEU A 324 1.06 -5.69 2.90
C LEU A 324 2.05 -6.74 2.45
N ASP A 325 3.16 -6.91 3.17
CA ASP A 325 4.02 -8.06 2.94
C ASP A 325 3.32 -9.34 3.37
N THR A 326 2.46 -9.24 4.38
CA THR A 326 1.54 -10.33 4.72
C THR A 326 0.66 -10.70 3.53
N LEU A 327 0.11 -9.70 2.83
CA LEU A 327 -0.73 -9.98 1.67
C LEU A 327 0.08 -10.48 0.49
N ALA A 328 1.30 -9.98 0.32
CA ALA A 328 2.16 -10.43 -0.77
C ALA A 328 2.64 -11.87 -0.56
N HIS A 329 2.84 -12.28 0.68
CA HIS A 329 3.14 -13.67 0.97
C HIS A 329 1.89 -14.55 0.94
N ALA A 330 0.73 -13.98 1.26
CA ALA A 330 -0.51 -14.73 1.13
C ALA A 330 -0.86 -15.00 -0.33
N LEU A 331 -0.57 -14.06 -1.22
CA LEU A 331 -0.81 -14.26 -2.63
C LEU A 331 0.18 -15.24 -3.25
N SER A 332 1.32 -15.46 -2.59
CA SER A 332 2.18 -16.58 -2.94
C SER A 332 1.68 -17.89 -2.36
N ALA A 333 1.08 -17.85 -1.18
CA ALA A 333 0.53 -19.05 -0.56
C ALA A 333 -0.67 -19.58 -1.34
N ILE A 334 -1.61 -18.71 -1.65
CA ILE A 334 -2.76 -19.10 -2.45
C ILE A 334 -2.36 -19.06 -3.92
N GLY A 335 -3.05 -19.85 -4.75
CA GLY A 335 -2.76 -19.91 -6.17
C GLY A 335 -2.93 -21.29 -6.76
N VAL B 1 -11.67 -16.08 -26.08
CA VAL B 1 -10.97 -14.94 -25.52
C VAL B 1 -10.41 -14.07 -26.62
N PRO B 2 -10.77 -12.79 -26.63
CA PRO B 2 -10.25 -11.87 -27.65
C PRO B 2 -8.78 -11.57 -27.43
N TRP B 3 -8.12 -11.01 -28.45
CA TRP B 3 -6.69 -10.77 -28.40
C TRP B 3 -6.40 -9.35 -27.95
N PHE B 4 -5.33 -9.21 -27.17
CA PHE B 4 -4.94 -7.92 -26.61
C PHE B 4 -3.41 -7.88 -26.57
N PRO B 5 -2.82 -6.70 -26.80
CA PRO B 5 -1.35 -6.61 -26.85
C PRO B 5 -0.72 -6.74 -25.47
N ARG B 6 0.57 -7.06 -25.50
CA ARG B 6 1.36 -7.24 -24.29
C ARG B 6 2.48 -6.24 -24.12
N LYS B 7 3.18 -5.88 -25.19
CA LYS B 7 4.21 -4.85 -25.15
C LYS B 7 3.85 -3.80 -26.17
N VAL B 8 4.49 -2.63 -26.06
CA VAL B 8 4.40 -1.63 -27.11
C VAL B 8 5.13 -2.06 -28.37
N SER B 9 6.10 -2.97 -28.26
CA SER B 9 6.67 -3.58 -29.45
C SER B 9 5.68 -4.53 -30.11
N GLU B 10 4.82 -5.17 -29.32
CA GLU B 10 3.76 -6.00 -29.86
C GLU B 10 2.51 -5.19 -30.23
N LEU B 11 2.54 -3.88 -30.02
CA LEU B 11 1.42 -3.04 -30.42
C LEU B 11 1.34 -2.85 -31.92
N ASP B 12 2.45 -3.05 -32.64
CA ASP B 12 2.47 -2.73 -34.06
C ASP B 12 2.11 -3.94 -34.91
N LYS B 13 2.72 -5.08 -34.61
CA LYS B 13 2.69 -6.21 -35.55
C LYS B 13 1.32 -6.88 -35.59
N CYS B 14 0.59 -6.86 -34.47
CA CYS B 14 -0.73 -7.47 -34.44
C CYS B 14 -1.84 -6.46 -34.59
N HIS B 15 -1.51 -5.19 -34.81
CA HIS B 15 -2.51 -4.17 -35.11
C HIS B 15 -2.24 -3.47 -36.43
N HIS B 16 -1.44 -4.08 -37.30
CA HIS B 16 -1.28 -3.62 -38.68
C HIS B 16 -1.71 -4.66 -39.69
N LEU B 17 -1.87 -5.92 -39.31
CA LEU B 17 -2.49 -6.87 -40.21
C LEU B 17 -4.01 -6.70 -40.23
N VAL B 18 -4.55 -6.01 -39.23
CA VAL B 18 -5.98 -5.77 -39.13
C VAL B 18 -6.33 -4.31 -39.45
N THR B 19 -5.39 -3.38 -39.22
CA THR B 19 -5.67 -1.97 -39.51
C THR B 19 -4.89 -1.41 -40.68
N LYS B 20 -3.73 -1.97 -41.01
CA LYS B 20 -2.89 -1.41 -42.07
C LYS B 20 -2.82 -2.35 -43.27
N PHE B 21 -2.06 -1.91 -44.26
CA PHE B 21 -2.20 -2.25 -45.70
C PHE B 21 -3.67 -2.40 -46.09
N ASP B 22 -4.45 -1.36 -45.80
CA ASP B 22 -5.82 -1.26 -46.27
C ASP B 22 -5.91 -0.08 -47.22
N PRO B 23 -6.22 -0.28 -48.50
CA PRO B 23 -6.41 0.85 -49.40
C PRO B 23 -7.71 1.58 -49.09
N ASP B 24 -7.59 2.73 -48.46
CA ASP B 24 -8.75 3.47 -48.00
C ASP B 24 -9.23 4.42 -49.09
N LEU B 25 -10.53 4.67 -49.08
CA LEU B 25 -11.11 5.71 -49.93
C LEU B 25 -10.82 7.07 -49.29
N ASP B 26 -11.18 8.14 -49.98
CA ASP B 26 -10.88 9.50 -49.53
C ASP B 26 -11.57 9.84 -48.22
N LEU B 27 -12.90 9.92 -48.23
CA LEU B 27 -13.69 10.10 -47.02
C LEU B 27 -14.89 9.18 -47.09
N ASP B 28 -15.51 8.93 -45.95
CA ASP B 28 -16.67 8.03 -45.91
C ASP B 28 -17.87 8.64 -46.62
N HIS B 29 -17.94 9.96 -46.69
CA HIS B 29 -18.81 10.61 -47.66
C HIS B 29 -18.26 10.32 -49.04
N PRO B 30 -18.98 9.59 -49.90
CA PRO B 30 -18.35 9.04 -51.11
C PRO B 30 -18.16 10.07 -52.22
N GLY B 31 -16.91 10.27 -52.62
CA GLY B 31 -16.61 11.01 -53.83
C GLY B 31 -16.21 12.46 -53.63
N PHE B 32 -14.92 12.73 -53.65
CA PHE B 32 -14.41 14.09 -53.63
C PHE B 32 -13.61 14.37 -54.91
N SER B 33 -13.59 15.64 -55.29
CA SER B 33 -12.73 16.10 -56.38
C SER B 33 -11.39 16.60 -55.84
N ASP B 34 -10.74 15.75 -55.06
CA ASP B 34 -9.60 16.12 -54.24
C ASP B 34 -8.44 15.16 -54.44
N GLN B 35 -8.07 14.94 -55.71
CA GLN B 35 -7.08 13.93 -56.04
C GLN B 35 -5.68 14.32 -55.56
N VAL B 36 -5.30 15.59 -55.68
CA VAL B 36 -4.02 16.03 -55.13
C VAL B 36 -4.07 16.07 -53.61
N TYR B 37 -5.29 16.14 -53.04
CA TYR B 37 -5.47 15.94 -51.61
C TYR B 37 -5.54 14.47 -51.27
N ARG B 38 -5.97 13.63 -52.21
CA ARG B 38 -6.01 12.19 -51.99
C ARG B 38 -4.61 11.59 -51.98
N GLN B 39 -3.72 12.07 -52.86
CA GLN B 39 -2.33 11.64 -52.78
C GLN B 39 -1.66 12.17 -51.53
N ARG B 40 -2.08 13.36 -51.08
CA ARG B 40 -1.69 13.84 -49.77
C ARG B 40 -2.30 12.99 -48.67
N ARG B 41 -3.50 12.45 -48.91
CA ARG B 41 -4.09 11.51 -47.96
C ARG B 41 -3.42 10.15 -48.03
N LYS B 42 -2.84 9.82 -49.18
CA LYS B 42 -2.20 8.52 -49.33
C LYS B 42 -0.78 8.53 -48.75
N LEU B 43 -0.02 9.60 -48.98
CA LEU B 43 1.33 9.68 -48.42
C LEU B 43 1.29 9.85 -46.91
N ILE B 44 0.22 10.44 -46.38
CA ILE B 44 0.08 10.56 -44.94
C ILE B 44 -0.42 9.24 -44.35
N ALA B 45 -0.96 8.36 -45.20
CA ALA B 45 -1.33 7.03 -44.73
C ALA B 45 -0.14 6.08 -44.71
N GLU B 46 0.83 6.26 -45.61
CA GLU B 46 1.93 5.33 -45.72
C GLU B 46 3.06 5.63 -44.74
N ILE B 47 3.04 6.79 -44.09
CA ILE B 47 4.06 7.10 -43.09
C ILE B 47 3.86 6.22 -41.85
N ALA B 48 2.61 5.88 -41.54
CA ALA B 48 2.31 5.00 -40.42
C ALA B 48 2.45 3.52 -40.77
N PHE B 49 2.72 3.20 -42.04
CA PHE B 49 2.76 1.80 -42.45
C PHE B 49 4.05 1.12 -41.99
N GLN B 50 5.19 1.65 -42.40
CA GLN B 50 6.49 1.13 -41.98
C GLN B 50 6.96 1.76 -40.67
N TYR B 51 6.11 2.50 -40.00
CA TYR B 51 6.45 3.01 -38.67
C TYR B 51 6.41 1.88 -37.66
N ARG B 52 7.53 1.68 -36.98
CA ARG B 52 7.61 0.72 -35.88
C ARG B 52 7.81 1.49 -34.59
N HIS B 53 7.42 0.88 -33.47
CA HIS B 53 7.55 1.55 -32.18
C HIS B 53 9.01 1.61 -31.77
N GLY B 54 9.36 2.70 -31.09
CA GLY B 54 10.74 3.02 -30.82
C GLY B 54 11.37 3.95 -31.82
N ASP B 55 10.90 3.93 -33.07
CA ASP B 55 11.31 4.92 -34.04
C ASP B 55 10.53 6.22 -33.83
N PRO B 56 11.15 7.36 -34.10
CA PRO B 56 10.42 8.62 -33.98
C PRO B 56 9.43 8.78 -35.13
N ILE B 57 8.51 9.71 -34.96
CA ILE B 57 7.58 10.06 -36.04
C ILE B 57 8.35 10.88 -37.07
N PRO B 58 8.35 10.47 -38.34
CA PRO B 58 8.96 11.31 -39.37
C PRO B 58 8.13 12.56 -39.59
N ARG B 59 8.81 13.67 -39.88
CA ARG B 59 8.14 14.95 -40.03
C ARG B 59 7.29 14.97 -41.30
N VAL B 60 6.27 15.81 -41.28
CA VAL B 60 5.30 15.92 -42.36
C VAL B 60 5.48 17.27 -43.04
N GLU B 61 5.63 17.26 -44.36
CA GLU B 61 5.60 18.50 -45.12
C GLU B 61 4.14 18.91 -45.35
N TYR B 62 3.91 20.21 -45.34
CA TYR B 62 2.55 20.74 -45.49
C TYR B 62 2.51 21.78 -46.59
N THR B 63 1.52 21.66 -47.47
CA THR B 63 1.24 22.69 -48.44
C THR B 63 0.46 23.81 -47.77
N ALA B 64 0.32 24.96 -48.43
CA ALA B 64 -0.21 26.14 -47.77
C ALA B 64 -1.72 26.07 -47.59
N GLU B 65 -2.42 25.27 -48.41
CA GLU B 65 -3.87 25.25 -48.34
C GLU B 65 -4.39 24.49 -47.12
N GLU B 66 -3.58 23.58 -46.56
CA GLU B 66 -3.93 23.01 -45.26
C GLU B 66 -3.26 23.74 -44.11
N ILE B 67 -2.23 24.54 -44.42
CA ILE B 67 -1.67 25.46 -43.43
C ILE B 67 -2.68 26.53 -43.07
N ALA B 68 -3.34 27.09 -44.08
CA ALA B 68 -4.30 28.17 -43.86
C ALA B 68 -5.56 27.67 -43.17
N THR B 69 -5.93 26.41 -43.38
CA THR B 69 -7.06 25.85 -42.64
C THR B 69 -6.64 25.37 -41.27
N TRP B 70 -5.38 24.98 -41.10
CA TRP B 70 -4.84 24.85 -39.74
C TRP B 70 -4.78 26.21 -39.06
N LYS B 71 -4.46 27.25 -39.83
CA LYS B 71 -4.55 28.61 -39.32
C LYS B 71 -5.99 29.00 -39.03
N GLU B 72 -6.94 28.52 -39.84
CA GLU B 72 -8.35 28.85 -39.64
C GLU B 72 -8.90 28.20 -38.39
N VAL B 73 -8.57 26.92 -38.17
CA VAL B 73 -9.06 26.24 -36.98
C VAL B 73 -8.32 26.74 -35.74
N TYR B 74 -7.12 27.32 -35.91
CA TYR B 74 -6.40 27.84 -34.76
C TYR B 74 -6.99 29.15 -34.28
N THR B 75 -7.13 30.14 -35.17
CA THR B 75 -7.58 31.46 -34.74
C THR B 75 -9.05 31.49 -34.33
N THR B 76 -9.85 30.52 -34.79
CA THR B 76 -11.22 30.44 -34.32
C THR B 76 -11.29 29.76 -32.96
N LEU B 77 -10.73 28.56 -32.85
CA LEU B 77 -10.95 27.72 -31.68
C LEU B 77 -10.08 28.15 -30.50
N LYS B 78 -8.93 28.78 -30.73
CA LYS B 78 -8.19 29.36 -29.60
C LYS B 78 -8.92 30.58 -29.06
N GLY B 79 -9.60 31.32 -29.94
CA GLY B 79 -10.53 32.32 -29.46
C GLY B 79 -11.74 31.70 -28.81
N LEU B 80 -12.08 30.47 -29.18
CA LEU B 80 -13.17 29.73 -28.55
C LEU B 80 -12.72 28.90 -27.36
N TYR B 81 -11.57 29.20 -26.76
CA TYR B 81 -11.20 28.54 -25.52
C TYR B 81 -11.51 29.38 -24.29
N ALA B 82 -11.64 30.70 -24.45
CA ALA B 82 -12.25 31.50 -23.40
C ALA B 82 -13.74 31.22 -23.29
N THR B 83 -14.39 30.87 -24.40
CA THR B 83 -15.81 30.53 -24.40
C THR B 83 -15.95 29.03 -24.21
N HIS B 84 -16.61 28.64 -23.12
CA HIS B 84 -17.22 27.31 -22.92
C HIS B 84 -16.21 26.17 -22.82
N ALA B 85 -14.91 26.44 -22.76
CA ALA B 85 -13.92 25.38 -22.74
C ALA B 85 -13.42 25.15 -21.32
N CYS B 86 -12.75 24.00 -21.13
CA CYS B 86 -12.19 23.67 -19.83
C CYS B 86 -11.03 24.59 -19.47
N GLY B 87 -11.01 25.02 -18.21
CA GLY B 87 -9.87 25.77 -17.71
C GLY B 87 -8.64 24.93 -17.52
N GLU B 88 -8.81 23.63 -17.26
CA GLU B 88 -7.67 22.72 -17.25
C GLU B 88 -7.09 22.56 -18.65
N HIS B 89 -7.95 22.62 -19.67
CA HIS B 89 -7.47 22.70 -21.04
C HIS B 89 -6.77 24.03 -21.32
N LEU B 90 -7.23 25.11 -20.68
CA LEU B 90 -6.75 26.44 -21.01
C LEU B 90 -5.30 26.64 -20.57
N GLU B 91 -4.96 26.23 -19.34
CA GLU B 91 -3.58 26.28 -18.92
C GLU B 91 -2.74 25.23 -19.63
N ALA B 92 -3.37 24.13 -20.05
CA ALA B 92 -2.66 23.15 -20.87
C ALA B 92 -2.38 23.69 -22.26
N PHE B 93 -3.36 24.37 -22.86
CA PHE B 93 -3.12 24.99 -24.16
C PHE B 93 -2.12 26.13 -24.07
N ALA B 94 -2.02 26.78 -22.91
CA ALA B 94 -0.96 27.75 -22.69
C ALA B 94 0.40 27.05 -22.60
N LEU B 95 0.43 25.84 -22.03
CA LEU B 95 1.63 25.03 -22.09
C LEU B 95 1.89 24.51 -23.50
N LEU B 96 0.83 24.25 -24.26
CA LEU B 96 1.00 23.80 -25.64
C LEU B 96 1.45 24.92 -26.56
N GLU B 97 1.15 26.17 -26.21
CA GLU B 97 1.64 27.29 -27.02
C GLU B 97 3.11 27.58 -26.73
N ARG B 98 3.60 27.15 -25.56
CA ARG B 98 4.98 27.44 -25.19
C ARG B 98 5.90 26.26 -25.52
N PHE B 99 5.51 25.05 -25.12
CA PHE B 99 6.43 23.92 -25.19
C PHE B 99 6.37 23.22 -26.54
N SER B 100 5.16 22.91 -27.03
CA SER B 100 5.03 22.10 -28.23
C SER B 100 5.18 22.91 -29.51
N GLY B 101 4.74 24.17 -29.49
CA GLY B 101 4.90 25.00 -30.68
C GLY B 101 3.61 25.32 -31.40
N TYR B 102 2.53 25.53 -30.65
CA TYR B 102 1.23 25.82 -31.25
C TYR B 102 1.22 27.27 -31.70
N ARG B 103 0.92 27.49 -32.98
CA ARG B 103 0.80 28.85 -33.49
C ARG B 103 -0.15 28.85 -34.69
N GLU B 104 -0.32 30.03 -35.26
CA GLU B 104 -1.18 30.18 -36.43
C GLU B 104 -0.54 29.58 -37.68
N ASP B 105 0.70 29.98 -37.97
CA ASP B 105 1.32 29.67 -39.24
C ASP B 105 1.83 28.23 -39.33
N ASN B 106 2.51 27.73 -38.31
CA ASN B 106 3.09 26.40 -38.36
C ASN B 106 2.21 25.44 -37.57
N ILE B 107 1.85 24.34 -38.21
CA ILE B 107 1.21 23.23 -37.50
C ILE B 107 2.32 22.47 -36.77
N PRO B 108 2.12 22.13 -35.50
CA PRO B 108 3.12 21.34 -34.78
C PRO B 108 3.22 19.93 -35.33
N GLN B 109 4.44 19.49 -35.60
CA GLN B 109 4.65 18.13 -36.02
C GLN B 109 4.40 17.17 -34.87
N LEU B 110 4.20 15.91 -35.22
CA LEU B 110 3.77 14.90 -34.25
C LEU B 110 4.85 14.51 -33.28
N GLU B 111 6.12 14.66 -33.64
CA GLU B 111 7.22 14.30 -32.74
C GLU B 111 7.30 15.27 -31.56
N ASP B 112 7.14 16.56 -31.82
CA ASP B 112 7.28 17.57 -30.78
C ASP B 112 6.13 17.56 -29.78
N VAL B 113 4.94 17.15 -30.21
CA VAL B 113 3.82 17.07 -29.29
C VAL B 113 3.83 15.75 -28.53
N SER B 114 4.40 14.71 -29.14
CA SER B 114 4.54 13.43 -28.44
C SER B 114 5.65 13.51 -27.40
N ARG B 115 6.76 14.17 -27.73
CA ARG B 115 7.82 14.41 -26.76
C ARG B 115 7.37 15.32 -25.63
N PHE B 116 6.37 16.16 -25.87
CA PHE B 116 5.73 16.92 -24.80
C PHE B 116 5.03 15.99 -23.81
N LEU B 117 4.26 15.02 -24.31
CA LEU B 117 3.45 14.17 -23.44
C LEU B 117 4.29 13.18 -22.66
N LYS B 118 5.50 12.87 -23.14
CA LYS B 118 6.44 12.12 -22.32
C LYS B 118 6.86 12.88 -21.08
N GLU B 119 6.95 14.21 -21.17
CA GLU B 119 7.36 15.01 -20.03
C GLU B 119 6.23 15.27 -19.04
N ARG B 120 4.98 15.20 -19.47
CA ARG B 120 3.88 15.55 -18.57
C ARG B 120 3.30 14.33 -17.88
N THR B 121 2.73 13.40 -18.66
CA THR B 121 2.07 12.23 -18.10
C THR B 121 2.66 10.91 -18.55
N GLY B 122 3.43 10.89 -19.62
CA GLY B 122 3.92 9.66 -20.19
C GLY B 122 3.07 9.06 -21.29
N PHE B 123 2.07 9.79 -21.79
CA PHE B 123 1.44 9.34 -23.02
C PHE B 123 2.36 9.59 -24.21
N GLN B 124 2.08 8.93 -25.31
CA GLN B 124 2.72 9.22 -26.57
C GLN B 124 1.68 9.18 -27.67
N LEU B 125 1.81 10.06 -28.64
CA LEU B 125 0.98 9.98 -29.83
C LEU B 125 1.61 9.00 -30.80
N ARG B 126 0.77 8.20 -31.43
CA ARG B 126 1.26 7.18 -32.34
C ARG B 126 0.54 7.32 -33.67
N PRO B 127 1.28 7.51 -34.76
CA PRO B 127 0.62 7.79 -36.04
C PRO B 127 -0.05 6.54 -36.61
N VAL B 128 -1.30 6.72 -37.04
CA VAL B 128 -2.07 5.67 -37.66
C VAL B 128 -2.98 6.34 -38.69
N ALA B 129 -3.25 5.63 -39.77
CA ALA B 129 -4.07 6.20 -40.83
C ALA B 129 -5.55 6.19 -40.47
N GLY B 130 -6.12 5.01 -40.26
CA GLY B 130 -7.55 4.86 -40.09
C GLY B 130 -7.97 4.61 -38.65
N LEU B 131 -9.27 4.81 -38.42
CA LEU B 131 -9.93 4.40 -37.18
C LEU B 131 -10.53 3.00 -37.31
N LEU B 132 -9.88 2.14 -38.10
CA LEU B 132 -10.46 0.91 -38.62
C LEU B 132 -10.83 -0.10 -37.54
N SER B 133 -10.20 -0.04 -36.37
CA SER B 133 -10.57 -0.89 -35.26
C SER B 133 -10.92 -0.03 -34.06
N ALA B 134 -12.09 -0.29 -33.48
CA ALA B 134 -12.48 0.34 -32.22
C ALA B 134 -11.87 -0.37 -31.02
N ARG B 135 -11.42 -1.62 -31.18
CA ARG B 135 -10.79 -2.33 -30.08
C ARG B 135 -9.33 -1.91 -29.92
N ASP B 136 -8.57 -1.89 -31.02
CA ASP B 136 -7.14 -1.67 -30.96
C ASP B 136 -6.78 -0.25 -30.56
N PHE B 137 -7.59 0.72 -30.94
CA PHE B 137 -7.37 2.09 -30.47
C PHE B 137 -7.59 2.20 -28.97
N LEU B 138 -8.54 1.42 -28.44
CA LEU B 138 -8.65 1.33 -26.99
C LEU B 138 -7.61 0.38 -26.41
N ALA B 139 -7.22 -0.65 -27.15
CA ALA B 139 -6.21 -1.59 -26.63
C ALA B 139 -4.84 -0.94 -26.55
N SER B 140 -4.56 0.03 -27.41
CA SER B 140 -3.31 0.76 -27.31
C SER B 140 -3.37 1.78 -26.19
N LEU B 141 -4.58 2.25 -25.84
CA LEU B 141 -4.75 3.31 -24.86
C LEU B 141 -4.38 2.88 -23.45
N ALA B 142 -4.42 1.58 -23.17
CA ALA B 142 -3.92 1.08 -21.89
C ALA B 142 -2.40 1.18 -21.81
N PHE B 143 -1.73 1.15 -22.96
CA PHE B 143 -0.28 1.21 -23.02
C PHE B 143 0.27 2.63 -22.94
N ARG B 144 -0.56 3.58 -22.50
CA ARG B 144 -0.30 5.02 -22.57
C ARG B 144 0.05 5.46 -23.99
N VAL B 145 -0.61 4.85 -24.97
CA VAL B 145 -0.37 5.12 -26.37
C VAL B 145 -1.67 5.56 -27.00
N PHE B 146 -1.68 6.76 -27.57
CA PHE B 146 -2.85 7.30 -28.23
C PHE B 146 -2.70 7.17 -29.74
N GLN B 147 -3.56 6.38 -30.36
CA GLN B 147 -3.60 6.31 -31.82
C GLN B 147 -4.06 7.64 -32.39
N CYS B 148 -3.29 8.19 -33.31
CA CYS B 148 -3.54 9.51 -33.82
C CYS B 148 -3.31 9.55 -35.33
N THR B 149 -3.98 10.50 -35.98
CA THR B 149 -4.05 10.58 -37.44
C THR B 149 -3.35 11.84 -37.93
N GLN B 150 -2.33 11.66 -38.76
CA GLN B 150 -1.47 12.77 -39.15
C GLN B 150 -2.02 13.61 -40.30
N TYR B 151 -3.27 13.42 -40.70
CA TYR B 151 -3.81 14.20 -41.80
C TYR B 151 -4.65 15.37 -41.29
N ILE B 152 -5.14 16.16 -42.24
CA ILE B 152 -5.96 17.34 -41.98
C ILE B 152 -7.30 17.10 -42.66
N ARG B 153 -8.37 17.65 -42.08
CA ARG B 153 -9.63 17.75 -42.80
C ARG B 153 -9.47 18.69 -44.01
N HIS B 154 -10.35 18.51 -44.99
CA HIS B 154 -10.22 19.24 -46.24
C HIS B 154 -10.60 20.71 -46.05
N ALA B 155 -10.09 21.55 -46.96
CA ALA B 155 -10.37 22.98 -46.92
C ALA B 155 -11.83 23.28 -47.20
N SER B 156 -12.53 22.40 -47.93
CA SER B 156 -13.94 22.59 -48.19
C SER B 156 -14.78 22.42 -46.92
N SER B 157 -14.30 21.68 -45.94
CA SER B 157 -14.95 21.54 -44.65
C SER B 157 -13.97 21.94 -43.56
N PRO B 158 -13.82 23.24 -43.32
CA PRO B 158 -12.82 23.68 -42.33
C PRO B 158 -13.30 23.53 -40.89
N MET B 159 -14.62 23.53 -40.69
CA MET B 159 -15.19 23.52 -39.35
C MET B 159 -15.68 22.15 -38.89
N HIS B 160 -16.53 21.50 -39.67
CA HIS B 160 -17.02 20.16 -39.34
C HIS B 160 -16.20 19.13 -40.08
N SER B 161 -15.68 18.16 -39.33
CA SER B 161 -14.93 17.06 -39.91
C SER B 161 -15.66 15.77 -39.57
N PRO B 162 -15.92 14.92 -40.56
CA PRO B 162 -16.50 13.60 -40.29
C PRO B 162 -15.51 12.57 -39.78
N GLU B 163 -14.22 12.85 -39.87
CA GLU B 163 -13.19 11.91 -39.44
C GLU B 163 -12.19 12.66 -38.58
N PRO B 164 -11.61 12.01 -37.56
CA PRO B 164 -10.65 12.72 -36.70
C PRO B 164 -9.33 12.99 -37.41
N ASP B 165 -8.95 14.26 -37.44
CA ASP B 165 -7.71 14.70 -38.05
C ASP B 165 -6.82 15.35 -36.99
N CYS B 166 -5.72 16.00 -37.42
CA CYS B 166 -4.91 16.74 -36.46
C CYS B 166 -5.66 17.93 -35.88
N CYS B 167 -6.57 18.53 -36.66
CA CYS B 167 -7.44 19.55 -36.08
C CYS B 167 -8.42 18.97 -35.06
N HIS B 168 -8.71 17.67 -35.13
CA HIS B 168 -9.50 17.05 -34.08
C HIS B 168 -8.67 16.81 -32.83
N GLU B 169 -7.53 16.11 -32.97
CA GLU B 169 -6.88 15.52 -31.81
C GLU B 169 -5.79 16.41 -31.24
N LEU B 170 -5.13 17.21 -32.09
CA LEU B 170 -4.06 18.04 -31.54
C LEU B 170 -4.61 19.26 -30.82
N LEU B 171 -5.88 19.60 -30.99
CA LEU B 171 -6.53 20.63 -30.18
C LEU B 171 -7.53 20.06 -29.20
N GLY B 172 -8.06 18.86 -29.46
CA GLY B 172 -9.04 18.27 -28.58
C GLY B 172 -8.54 17.16 -27.70
N HIS B 173 -7.70 16.27 -28.24
CA HIS B 173 -7.31 15.09 -27.48
C HIS B 173 -6.11 15.38 -26.59
N VAL B 174 -5.00 15.84 -27.18
CA VAL B 174 -3.76 16.02 -26.42
C VAL B 174 -3.83 17.05 -25.28
N PRO B 175 -4.53 18.20 -25.37
CA PRO B 175 -4.49 19.09 -24.20
C PRO B 175 -5.35 18.61 -23.04
N MET B 176 -6.18 17.60 -23.25
CA MET B 176 -6.71 16.83 -22.13
C MET B 176 -5.71 15.79 -21.66
N LEU B 177 -4.94 15.23 -22.59
CA LEU B 177 -4.02 14.14 -22.29
C LEU B 177 -2.82 14.58 -21.45
N ALA B 178 -2.52 15.88 -21.43
CA ALA B 178 -1.42 16.41 -20.63
C ALA B 178 -1.77 16.53 -19.15
N ASP B 179 -3.03 16.33 -18.79
CA ASP B 179 -3.43 16.28 -17.39
C ASP B 179 -3.11 14.91 -16.81
N ARG B 180 -2.60 14.90 -15.59
CA ARG B 180 -2.19 13.64 -14.96
C ARG B 180 -3.39 12.79 -14.61
N THR B 181 -4.47 13.41 -14.09
CA THR B 181 -5.63 12.65 -13.68
C THR B 181 -6.42 12.13 -14.87
N PHE B 182 -6.53 12.92 -15.94
CA PHE B 182 -7.28 12.47 -17.11
C PHE B 182 -6.53 11.37 -17.84
N ALA B 183 -5.19 11.42 -17.84
CA ALA B 183 -4.40 10.41 -18.52
C ALA B 183 -4.54 9.05 -17.83
N GLN B 184 -4.47 9.03 -16.49
CA GLN B 184 -4.76 7.81 -15.75
C GLN B 184 -6.21 7.39 -15.93
N PHE B 185 -7.12 8.35 -16.10
CA PHE B 185 -8.52 8.04 -16.36
C PHE B 185 -8.71 7.46 -17.75
N SER B 186 -8.16 8.12 -18.78
CA SER B 186 -8.34 7.65 -20.15
C SER B 186 -7.63 6.33 -20.42
N GLN B 187 -6.54 6.06 -19.69
CA GLN B 187 -5.89 4.77 -19.79
C GLN B 187 -6.72 3.66 -19.16
N ASP B 188 -7.39 3.95 -18.05
CA ASP B 188 -8.24 2.96 -17.40
C ASP B 188 -9.48 2.63 -18.22
N ILE B 189 -9.90 3.52 -19.12
CA ILE B 189 -10.87 3.14 -20.14
C ILE B 189 -10.26 2.10 -21.07
N GLY B 190 -9.04 2.35 -21.54
CA GLY B 190 -8.36 1.38 -22.37
C GLY B 190 -7.92 0.14 -21.61
N LEU B 191 -7.71 0.27 -20.30
CA LEU B 191 -7.30 -0.88 -19.49
C LEU B 191 -8.43 -1.87 -19.33
N ALA B 192 -9.68 -1.44 -19.49
CA ALA B 192 -10.80 -2.38 -19.46
C ALA B 192 -11.00 -3.08 -20.78
N SER B 193 -10.37 -2.60 -21.86
CA SER B 193 -10.61 -3.12 -23.20
C SER B 193 -9.66 -4.24 -23.59
N LEU B 194 -8.74 -4.62 -22.71
CA LEU B 194 -7.78 -5.68 -23.01
C LEU B 194 -8.39 -7.06 -22.75
N GLY B 195 -8.58 -7.82 -23.81
CA GLY B 195 -9.21 -9.12 -23.69
C GLY B 195 -10.70 -9.07 -23.47
N ALA B 196 -11.32 -7.91 -23.70
CA ALA B 196 -12.75 -7.75 -23.54
C ALA B 196 -13.46 -8.07 -24.84
N SER B 197 -14.69 -8.55 -24.71
CA SER B 197 -15.48 -8.99 -25.85
C SER B 197 -15.91 -7.80 -26.72
N ASP B 198 -16.44 -8.12 -27.90
CA ASP B 198 -16.80 -7.10 -28.87
C ASP B 198 -17.98 -6.24 -28.43
N GLU B 199 -18.92 -6.77 -27.63
CA GLU B 199 -19.93 -5.89 -27.06
C GLU B 199 -19.38 -5.14 -25.86
N GLU B 200 -18.32 -5.65 -25.24
CA GLU B 200 -17.64 -4.90 -24.20
C GLU B 200 -16.71 -3.85 -24.78
N ILE B 201 -16.13 -4.14 -25.96
CA ILE B 201 -15.45 -3.11 -26.73
C ILE B 201 -16.43 -2.03 -27.13
N GLU B 202 -17.62 -2.43 -27.57
CA GLU B 202 -18.63 -1.45 -27.98
C GLU B 202 -19.21 -0.71 -26.78
N LYS B 203 -19.32 -1.39 -25.63
CA LYS B 203 -19.77 -0.71 -24.41
C LYS B 203 -18.74 0.30 -23.95
N LEU B 204 -17.46 -0.03 -24.08
CA LEU B 204 -16.41 0.90 -23.68
C LEU B 204 -16.25 2.02 -24.70
N SER B 205 -16.45 1.73 -25.98
CA SER B 205 -16.35 2.77 -27.00
C SER B 205 -17.53 3.73 -26.94
N THR B 206 -18.72 3.23 -26.60
CA THR B 206 -19.82 4.14 -26.28
C THR B 206 -19.53 4.91 -24.99
N LEU B 207 -18.86 4.27 -24.04
CA LEU B 207 -18.40 5.00 -22.87
C LEU B 207 -17.32 6.00 -23.25
N TYR B 208 -16.37 5.60 -24.10
CA TYR B 208 -15.31 6.50 -24.56
C TYR B 208 -15.87 7.64 -25.40
N TRP B 209 -17.00 7.42 -26.07
CA TRP B 209 -17.62 8.47 -26.88
C TRP B 209 -18.15 9.60 -26.02
N PHE B 210 -18.50 9.32 -24.76
CA PHE B 210 -19.23 10.28 -23.96
C PHE B 210 -18.49 10.82 -22.74
N THR B 211 -17.25 10.36 -22.49
CA THR B 211 -16.47 10.95 -21.41
C THR B 211 -15.03 11.25 -21.78
N VAL B 212 -14.61 11.00 -23.01
CA VAL B 212 -13.34 11.50 -23.53
C VAL B 212 -13.51 12.26 -24.82
N GLU B 213 -14.17 11.65 -25.81
CA GLU B 213 -14.41 12.30 -27.08
C GLU B 213 -15.38 13.46 -26.94
N PHE B 214 -16.54 13.21 -26.34
CA PHE B 214 -17.57 14.23 -26.15
C PHE B 214 -18.01 14.17 -24.69
N GLY B 215 -17.27 14.87 -23.84
CA GLY B 215 -17.56 14.90 -22.43
C GLY B 215 -17.48 16.32 -21.92
N LEU B 216 -18.39 16.66 -21.03
CA LEU B 216 -18.54 18.02 -20.52
C LEU B 216 -18.17 18.03 -19.04
N CYS B 217 -17.35 19.00 -18.65
CA CYS B 217 -16.84 19.04 -17.28
C CYS B 217 -17.55 20.09 -16.44
N LYS B 218 -17.06 20.27 -15.22
CA LYS B 218 -17.60 21.27 -14.29
C LYS B 218 -16.47 21.75 -13.38
N GLN B 219 -15.81 22.83 -13.78
CA GLN B 219 -14.83 23.50 -12.94
C GLN B 219 -15.34 24.86 -12.52
N ASN B 220 -14.97 25.27 -11.31
CA ASN B 220 -15.37 26.54 -10.70
C ASN B 220 -16.87 26.71 -10.63
N GLY B 221 -17.60 25.61 -10.43
CA GLY B 221 -19.05 25.66 -10.36
C GLY B 221 -19.73 25.57 -11.71
N GLU B 222 -19.29 26.40 -12.66
CA GLU B 222 -19.87 26.43 -13.99
C GLU B 222 -19.50 25.17 -14.76
N VAL B 223 -20.35 24.83 -15.72
CA VAL B 223 -20.12 23.68 -16.58
C VAL B 223 -19.35 24.12 -17.82
N LYS B 224 -18.28 23.39 -18.13
CA LYS B 224 -17.47 23.62 -19.31
C LYS B 224 -17.30 22.30 -20.05
N ALA B 225 -16.65 22.34 -21.20
CA ALA B 225 -16.46 21.14 -21.99
C ALA B 225 -15.01 20.68 -21.92
N TYR B 226 -14.81 19.37 -21.76
CA TYR B 226 -13.49 18.76 -21.86
C TYR B 226 -13.40 17.67 -22.91
N GLY B 227 -14.44 17.44 -23.70
CA GLY B 227 -14.38 16.44 -24.73
C GLY B 227 -13.43 16.80 -25.84
N ALA B 228 -12.89 15.76 -26.49
CA ALA B 228 -11.93 15.96 -27.56
C ALA B 228 -12.61 16.55 -28.80
N GLY B 229 -13.70 15.91 -29.24
CA GLY B 229 -14.42 16.41 -30.40
C GLY B 229 -15.21 17.67 -30.13
N LEU B 230 -15.57 17.93 -28.87
CA LEU B 230 -16.21 19.20 -28.52
C LEU B 230 -15.24 20.36 -28.70
N LEU B 231 -13.97 20.16 -28.36
CA LEU B 231 -12.96 21.18 -28.54
C LEU B 231 -12.20 20.99 -29.84
N SER B 232 -12.90 20.55 -30.88
CA SER B 232 -12.31 20.28 -32.17
C SER B 232 -13.06 20.90 -33.34
N SER B 233 -14.23 21.50 -33.10
CA SER B 233 -15.06 22.00 -34.16
C SER B 233 -15.70 23.33 -33.76
N TYR B 234 -16.23 24.04 -34.76
CA TYR B 234 -16.61 25.44 -34.58
C TYR B 234 -17.90 25.57 -33.77
N GLY B 235 -18.99 24.96 -34.24
CA GLY B 235 -20.28 25.20 -33.63
C GLY B 235 -20.62 24.28 -32.48
N GLU B 236 -19.96 23.12 -32.40
CA GLU B 236 -20.30 22.13 -31.39
C GLU B 236 -19.88 22.57 -30.00
N LEU B 237 -18.74 23.26 -29.88
CA LEU B 237 -18.34 23.85 -28.61
C LEU B 237 -19.31 24.93 -28.14
N LEU B 238 -19.97 25.62 -29.06
CA LEU B 238 -21.08 26.49 -28.69
C LEU B 238 -22.38 25.73 -28.53
N HIS B 239 -22.43 24.48 -29.00
CA HIS B 239 -23.65 23.68 -28.93
C HIS B 239 -23.76 22.91 -27.61
N CYS B 240 -22.64 22.50 -27.02
CA CYS B 240 -22.69 21.60 -25.86
C CYS B 240 -23.22 22.32 -24.61
N LEU B 241 -22.87 23.58 -24.43
CA LEU B 241 -23.46 24.33 -23.33
C LEU B 241 -24.80 24.96 -23.68
N SER B 242 -25.19 24.93 -24.95
CA SER B 242 -26.55 25.33 -25.29
C SER B 242 -27.54 24.29 -24.78
N GLU B 243 -28.80 24.68 -24.66
CA GLU B 243 -29.76 23.84 -23.97
C GLU B 243 -30.64 23.02 -24.91
N GLU B 244 -30.55 23.23 -26.22
CA GLU B 244 -31.25 22.32 -27.13
C GLU B 244 -30.66 20.90 -27.14
N PRO B 245 -29.40 20.64 -26.76
CA PRO B 245 -29.08 19.29 -26.26
C PRO B 245 -29.23 19.20 -24.76
N GLU B 246 -29.38 17.97 -24.28
CA GLU B 246 -29.54 17.69 -22.86
C GLU B 246 -28.27 17.05 -22.32
N ILE B 247 -27.86 17.48 -21.13
CA ILE B 247 -26.64 17.01 -20.49
C ILE B 247 -27.05 16.16 -19.29
N ARG B 248 -26.89 14.84 -19.41
CA ARG B 248 -27.13 13.95 -18.29
C ARG B 248 -25.94 13.97 -17.35
N ALA B 249 -26.12 13.43 -16.15
CA ALA B 249 -25.00 13.18 -15.26
C ALA B 249 -24.22 11.96 -15.74
N PHE B 250 -22.92 12.01 -15.52
CA PHE B 250 -22.06 10.90 -15.94
C PHE B 250 -22.30 9.70 -15.04
N ASP B 251 -22.71 8.58 -15.66
CA ASP B 251 -23.05 7.33 -15.02
C ASP B 251 -22.25 6.19 -15.64
N PRO B 252 -21.94 5.11 -14.90
CA PRO B 252 -21.18 4.00 -15.49
C PRO B 252 -21.94 3.24 -16.56
N GLU B 253 -23.15 2.80 -16.23
CA GLU B 253 -23.89 1.95 -17.15
C GLU B 253 -24.74 2.74 -18.13
N ALA B 254 -25.15 3.95 -17.78
CA ALA B 254 -25.91 4.78 -18.71
C ALA B 254 -25.02 5.39 -19.77
N ALA B 255 -23.70 5.35 -19.63
CA ALA B 255 -22.79 5.66 -20.70
C ALA B 255 -22.38 4.42 -21.50
N ALA B 256 -22.65 3.22 -20.98
CA ALA B 256 -22.24 2.00 -21.65
C ALA B 256 -23.12 1.65 -22.84
N VAL B 257 -24.43 1.82 -22.71
CA VAL B 257 -25.37 1.41 -23.75
C VAL B 257 -26.10 2.63 -24.31
N GLN B 258 -25.51 3.81 -24.12
CA GLN B 258 -26.12 5.04 -24.61
C GLN B 258 -26.03 5.09 -26.14
N PRO B 259 -27.12 5.40 -26.83
CA PRO B 259 -27.04 5.56 -28.29
C PRO B 259 -26.27 6.81 -28.66
N TYR B 260 -25.69 6.78 -29.85
CA TYR B 260 -24.90 7.90 -30.35
C TYR B 260 -24.87 7.86 -31.86
N GLN B 261 -24.89 9.03 -32.47
CA GLN B 261 -24.56 9.19 -33.87
C GLN B 261 -23.27 10.00 -33.97
N ASP B 262 -22.86 10.33 -35.19
CA ASP B 262 -21.60 11.03 -35.40
C ASP B 262 -21.70 12.27 -36.28
N GLN B 263 -22.78 12.42 -37.06
CA GLN B 263 -22.90 13.54 -37.99
C GLN B 263 -23.57 14.75 -37.38
N THR B 264 -24.78 14.59 -36.86
CA THR B 264 -25.48 15.66 -36.18
C THR B 264 -24.78 15.96 -34.85
N TYR B 265 -24.80 17.23 -34.44
CA TYR B 265 -24.35 17.62 -33.10
C TYR B 265 -25.08 16.83 -32.04
N GLN B 266 -24.34 16.29 -31.08
CA GLN B 266 -24.84 15.21 -30.22
C GLN B 266 -25.91 15.71 -29.26
N SER B 267 -26.90 14.84 -29.02
CA SER B 267 -28.01 15.20 -28.15
C SER B 267 -27.64 14.99 -26.68
N VAL B 268 -27.32 13.77 -26.31
CA VAL B 268 -27.03 13.44 -24.92
C VAL B 268 -25.59 13.80 -24.60
N TYR B 269 -25.39 14.44 -23.45
CA TYR B 269 -24.07 14.77 -22.94
C TYR B 269 -23.96 14.31 -21.50
N PHE B 270 -22.73 14.18 -21.02
CA PHE B 270 -22.45 13.59 -19.72
C PHE B 270 -21.62 14.56 -18.91
N VAL B 271 -22.24 15.22 -17.93
CA VAL B 271 -21.49 16.17 -17.11
C VAL B 271 -20.64 15.40 -16.09
N SER B 272 -19.35 15.77 -16.04
CA SER B 272 -18.41 15.16 -15.12
C SER B 272 -17.93 16.23 -14.17
N GLU B 273 -17.98 15.95 -12.87
CA GLU B 273 -17.60 16.96 -11.87
C GLU B 273 -16.11 17.23 -11.88
N SER B 274 -15.29 16.20 -12.03
CA SER B 274 -13.85 16.36 -12.24
C SER B 274 -13.33 15.08 -12.87
N PHE B 275 -12.06 15.11 -13.27
CA PHE B 275 -11.44 13.94 -13.87
C PHE B 275 -11.23 12.82 -12.86
N SER B 276 -11.08 13.17 -11.58
CA SER B 276 -11.01 12.15 -10.54
C SER B 276 -12.36 11.49 -10.32
N ASP B 277 -13.44 12.28 -10.37
CA ASP B 277 -14.78 11.71 -10.36
C ASP B 277 -15.03 10.85 -11.59
N ALA B 278 -14.42 11.22 -12.72
CA ALA B 278 -14.41 10.32 -13.87
C ALA B 278 -13.55 9.09 -13.61
N LYS B 279 -12.49 9.23 -12.81
CA LYS B 279 -11.60 8.11 -12.54
C LYS B 279 -12.24 7.10 -11.58
N ASP B 280 -12.87 7.57 -10.51
CA ASP B 280 -13.48 6.64 -9.57
C ASP B 280 -14.74 6.00 -10.13
N LYS B 281 -15.40 6.67 -11.08
CA LYS B 281 -16.57 6.07 -11.69
C LYS B 281 -16.20 5.05 -12.75
N LEU B 282 -15.06 5.24 -13.42
CA LEU B 282 -14.50 4.17 -14.23
C LEU B 282 -13.96 3.02 -13.38
N ARG B 283 -13.57 3.32 -12.15
CA ARG B 283 -13.15 2.24 -11.25
C ARG B 283 -14.33 1.36 -10.86
N SER B 284 -15.51 1.96 -10.76
CA SER B 284 -16.70 1.16 -10.51
C SER B 284 -17.14 0.39 -11.75
N TYR B 285 -17.00 0.99 -12.93
CA TYR B 285 -17.48 0.33 -14.13
C TYR B 285 -16.53 -0.75 -14.63
N ALA B 286 -15.21 -0.50 -14.55
CA ALA B 286 -14.25 -1.50 -15.01
C ALA B 286 -14.14 -2.68 -14.05
N SER B 287 -14.63 -2.54 -12.83
CA SER B 287 -14.70 -3.68 -11.91
C SER B 287 -15.72 -4.69 -12.39
N ARG B 288 -16.91 -4.24 -12.77
CA ARG B 288 -17.99 -5.11 -13.21
C ARG B 288 -17.83 -5.58 -14.65
N ILE B 289 -16.80 -5.10 -15.35
CA ILE B 289 -16.46 -5.61 -16.68
C ILE B 289 -16.02 -7.06 -16.54
N GLN B 290 -16.81 -7.98 -17.11
CA GLN B 290 -16.58 -9.40 -16.97
C GLN B 290 -15.39 -9.81 -17.82
N ARG B 291 -14.45 -10.52 -17.21
CA ARG B 291 -13.17 -10.80 -17.83
C ARG B 291 -12.55 -11.96 -17.07
N PRO B 292 -11.84 -12.87 -17.75
CA PRO B 292 -11.12 -13.93 -17.03
C PRO B 292 -9.97 -13.44 -16.16
N PHE B 293 -9.57 -12.18 -16.27
CA PHE B 293 -8.50 -11.63 -15.46
C PHE B 293 -8.76 -10.14 -15.26
N SER B 294 -7.72 -9.44 -14.84
CA SER B 294 -7.62 -8.00 -15.02
C SER B 294 -6.17 -7.70 -15.38
N VAL B 295 -5.93 -6.53 -15.93
CA VAL B 295 -4.59 -6.17 -16.38
C VAL B 295 -4.11 -4.94 -15.62
N LYS B 296 -2.81 -4.88 -15.41
CA LYS B 296 -2.15 -3.79 -14.71
C LYS B 296 -1.08 -3.25 -15.63
N PHE B 297 -1.05 -1.93 -15.80
CA PHE B 297 0.00 -1.32 -16.61
C PHE B 297 1.29 -1.24 -15.81
N ASP B 298 2.35 -1.83 -16.35
CA ASP B 298 3.68 -1.82 -15.74
C ASP B 298 4.35 -0.58 -16.31
N PRO B 299 4.43 0.50 -15.54
CA PRO B 299 4.90 1.77 -16.11
C PRO B 299 6.40 1.87 -16.31
N TYR B 300 7.18 0.98 -15.68
CA TYR B 300 8.61 0.94 -15.94
C TYR B 300 8.89 0.47 -17.37
N THR B 301 8.50 -0.76 -17.69
CA THR B 301 8.76 -1.34 -19.00
C THR B 301 7.68 -1.01 -20.02
N LEU B 302 6.69 -0.18 -19.64
CA LEU B 302 5.66 0.37 -20.53
C LEU B 302 4.81 -0.75 -21.13
N ALA B 303 4.65 -1.83 -20.37
CA ALA B 303 3.97 -3.04 -20.83
C ALA B 303 2.78 -3.35 -19.94
N ILE B 304 2.18 -4.51 -20.17
CA ILE B 304 1.00 -4.95 -19.45
C ILE B 304 1.31 -6.25 -18.74
N ASP B 305 1.07 -6.30 -17.43
CA ASP B 305 1.14 -7.53 -16.65
C ASP B 305 -0.27 -8.06 -16.48
N VAL B 306 -0.55 -9.19 -17.13
CA VAL B 306 -1.86 -9.83 -17.02
C VAL B 306 -1.96 -10.48 -15.63
N LEU B 307 -3.03 -10.18 -14.93
CA LEU B 307 -3.23 -10.74 -13.59
C LEU B 307 -4.29 -11.83 -13.69
N ASP B 308 -3.90 -12.98 -14.24
CA ASP B 308 -4.79 -14.12 -14.38
C ASP B 308 -4.52 -15.17 -13.32
N SER B 309 -3.83 -14.81 -12.25
CA SER B 309 -3.46 -15.73 -11.19
C SER B 309 -3.24 -14.93 -9.92
N PRO B 310 -3.39 -15.55 -8.75
CA PRO B 310 -2.96 -14.86 -7.51
C PRO B 310 -1.48 -14.58 -7.47
N GLN B 311 -0.67 -15.43 -8.13
CA GLN B 311 0.76 -15.22 -8.20
C GLN B 311 1.13 -14.00 -9.04
N ALA B 312 0.31 -13.68 -10.06
CA ALA B 312 0.60 -12.50 -10.88
C ALA B 312 0.33 -11.21 -10.13
N VAL B 313 -0.65 -11.21 -9.23
CA VAL B 313 -0.90 -10.04 -8.39
C VAL B 313 0.22 -9.83 -7.39
N ARG B 314 0.93 -10.92 -7.02
CA ARG B 314 2.03 -10.79 -6.08
C ARG B 314 3.22 -10.09 -6.70
N ARG B 315 3.59 -10.46 -7.93
CA ARG B 315 4.70 -9.78 -8.59
C ARG B 315 4.35 -8.35 -9.01
N SER B 316 3.08 -7.98 -9.00
CA SER B 316 2.71 -6.58 -8.93
C SER B 316 2.83 -6.01 -7.52
N LEU B 317 2.44 -6.78 -6.51
CA LEU B 317 2.45 -6.29 -5.14
C LEU B 317 3.86 -6.13 -4.60
N GLU B 318 4.82 -6.89 -5.13
CA GLU B 318 6.22 -6.60 -4.82
C GLU B 318 6.67 -5.29 -5.45
N GLY B 319 6.11 -4.94 -6.61
CA GLY B 319 6.41 -3.64 -7.19
C GLY B 319 5.75 -2.50 -6.44
N VAL B 320 4.65 -2.79 -5.75
CA VAL B 320 3.98 -1.77 -4.94
C VAL B 320 4.78 -1.51 -3.66
N GLN B 321 5.27 -2.59 -3.03
CA GLN B 321 6.02 -2.42 -1.79
C GLN B 321 7.40 -1.82 -2.03
N ASP B 322 8.02 -2.10 -3.18
CA ASP B 322 9.25 -1.40 -3.52
C ASP B 322 8.97 0.06 -3.86
N GLU B 323 7.77 0.34 -4.39
CA GLU B 323 7.32 1.71 -4.52
C GLU B 323 6.98 2.34 -3.17
N LEU B 324 6.35 1.60 -2.28
CA LEU B 324 6.04 2.12 -0.95
C LEU B 324 7.26 2.23 -0.05
N ASP B 325 8.26 1.38 -0.24
CA ASP B 325 9.46 1.50 0.59
C ASP B 325 10.30 2.70 0.17
N THR B 326 10.14 3.15 -1.07
CA THR B 326 10.64 4.47 -1.44
C THR B 326 9.92 5.56 -0.67
N LEU B 327 8.62 5.40 -0.46
CA LEU B 327 7.85 6.41 0.26
C LEU B 327 8.13 6.38 1.76
N ALA B 328 8.31 5.20 2.34
CA ALA B 328 8.64 5.13 3.76
C ALA B 328 10.03 5.64 4.05
N HIS B 329 10.99 5.41 3.16
CA HIS B 329 12.31 5.99 3.32
C HIS B 329 12.34 7.47 2.96
N ALA B 330 11.35 7.94 2.21
CA ALA B 330 11.23 9.38 1.97
C ALA B 330 10.68 10.10 3.18
N LEU B 331 9.70 9.51 3.85
CA LEU B 331 9.12 10.12 5.04
C LEU B 331 10.08 10.10 6.23
N SER B 332 11.06 9.21 6.21
CA SER B 332 12.20 9.34 7.11
C SER B 332 13.12 10.49 6.72
N ALA B 333 13.27 10.74 5.42
CA ALA B 333 14.16 11.80 4.95
C ALA B 333 13.55 13.18 5.17
N ILE B 334 12.32 13.37 4.73
CA ILE B 334 11.63 14.64 4.94
C ILE B 334 11.13 14.69 6.38
N GLY B 335 11.08 15.90 6.94
CA GLY B 335 10.65 16.09 8.32
C GLY B 335 11.54 17.03 9.10
N VAL C 1 -6.86 -31.09 6.53
CA VAL C 1 -6.35 -29.83 7.07
C VAL C 1 -6.45 -29.85 8.60
N PRO C 2 -5.39 -29.41 9.29
CA PRO C 2 -5.48 -29.25 10.74
C PRO C 2 -6.38 -28.09 11.12
N TRP C 3 -6.79 -28.04 12.39
CA TRP C 3 -7.78 -27.08 12.84
C TRP C 3 -7.09 -25.87 13.47
N PHE C 4 -7.69 -24.70 13.24
CA PHE C 4 -7.16 -23.43 13.71
C PHE C 4 -8.33 -22.56 14.16
N PRO C 5 -8.14 -21.74 15.20
CA PRO C 5 -9.23 -20.89 15.67
C PRO C 5 -9.50 -19.73 14.72
N ARG C 6 -10.69 -19.15 14.89
CA ARG C 6 -11.16 -18.05 14.06
C ARG C 6 -11.36 -16.76 14.83
N LYS C 7 -12.00 -16.81 15.99
CA LYS C 7 -12.17 -15.64 16.84
C LYS C 7 -11.45 -15.92 18.15
N VAL C 8 -11.28 -14.87 18.97
CA VAL C 8 -10.79 -15.08 20.32
C VAL C 8 -11.83 -15.78 21.19
N SER C 9 -13.12 -15.64 20.85
CA SER C 9 -14.14 -16.42 21.54
C SER C 9 -14.11 -17.87 21.13
N GLU C 10 -13.81 -18.14 19.85
CA GLU C 10 -13.63 -19.50 19.37
C GLU C 10 -12.29 -20.09 19.77
N LEU C 11 -11.38 -19.27 20.29
CA LEU C 11 -10.10 -19.74 20.78
C LEU C 11 -10.24 -20.54 22.06
N ASP C 12 -11.32 -20.35 22.82
CA ASP C 12 -11.49 -21.04 24.09
C ASP C 12 -12.18 -22.39 23.91
N LYS C 13 -13.07 -22.48 22.92
CA LYS C 13 -14.00 -23.61 22.88
C LYS C 13 -13.32 -24.88 22.37
N CYS C 14 -12.42 -24.74 21.40
CA CYS C 14 -11.77 -25.90 20.81
C CYS C 14 -10.35 -26.07 21.30
N HIS C 15 -9.95 -25.32 22.31
CA HIS C 15 -8.67 -25.51 22.97
C HIS C 15 -8.85 -25.77 24.46
N HIS C 16 -10.06 -26.13 24.87
CA HIS C 16 -10.33 -26.61 26.22
C HIS C 16 -10.82 -28.06 26.23
N LEU C 17 -11.35 -28.57 25.12
CA LEU C 17 -11.66 -29.99 25.09
C LEU C 17 -10.41 -30.82 24.91
N VAL C 18 -9.33 -30.20 24.44
CA VAL C 18 -8.07 -30.89 24.19
C VAL C 18 -7.02 -30.54 25.24
N THR C 19 -7.14 -29.37 25.88
CA THR C 19 -6.16 -28.98 26.89
C THR C 19 -6.71 -28.93 28.31
N LYS C 20 -8.03 -28.85 28.48
CA LYS C 20 -8.60 -28.70 29.81
C LYS C 20 -9.47 -29.91 30.16
N PHE C 21 -10.05 -29.84 31.36
CA PHE C 21 -10.56 -30.96 32.17
C PHE C 21 -9.69 -32.22 32.03
N ASP C 22 -8.39 -32.04 32.28
CA ASP C 22 -7.47 -33.15 32.38
C ASP C 22 -6.81 -33.11 33.75
N PRO C 23 -6.88 -34.18 34.54
CA PRO C 23 -6.19 -34.18 35.83
C PRO C 23 -4.69 -34.30 35.66
N ASP C 24 -3.98 -33.19 35.86
CA ASP C 24 -2.55 -33.15 35.68
C ASP C 24 -1.84 -33.52 36.97
N LEU C 25 -0.69 -34.16 36.83
CA LEU C 25 0.17 -34.48 37.96
C LEU C 25 0.92 -33.22 38.37
N ASP C 26 1.68 -33.29 39.46
CA ASP C 26 2.36 -32.14 40.01
C ASP C 26 3.46 -31.61 39.09
N LEU C 27 4.49 -32.41 38.84
CA LEU C 27 5.56 -32.07 37.92
C LEU C 27 5.90 -33.31 37.11
N ASP C 28 6.57 -33.10 35.97
CA ASP C 28 7.00 -34.24 35.16
C ASP C 28 8.11 -35.02 35.83
N HIS C 29 8.84 -34.40 36.75
CA HIS C 29 9.66 -35.14 37.69
C HIS C 29 8.72 -35.94 38.59
N PRO C 30 8.78 -37.27 38.58
CA PRO C 30 7.72 -38.06 39.22
C PRO C 30 7.78 -38.08 40.73
N GLY C 31 6.82 -37.41 41.37
CA GLY C 31 6.63 -37.55 42.80
C GLY C 31 7.21 -36.44 43.64
N PHE C 32 6.36 -35.54 44.13
CA PHE C 32 6.75 -34.53 45.09
C PHE C 32 6.03 -34.76 46.42
N SER C 33 6.66 -34.33 47.50
CA SER C 33 6.02 -34.32 48.81
C SER C 33 5.37 -32.97 49.09
N ASP C 34 4.53 -32.53 48.16
CA ASP C 34 4.04 -31.16 48.10
C ASP C 34 2.53 -31.14 47.86
N GLN C 35 1.79 -31.89 48.69
CA GLN C 35 0.36 -32.02 48.52
C GLN C 35 -0.38 -30.70 48.71
N VAL C 36 0.03 -29.88 49.69
CA VAL C 36 -0.59 -28.58 49.87
C VAL C 36 -0.13 -27.61 48.78
N TYR C 37 1.00 -27.91 48.14
CA TYR C 37 1.40 -27.19 46.94
C TYR C 37 0.69 -27.73 45.71
N ARG C 38 0.28 -29.01 45.76
CA ARG C 38 -0.49 -29.59 44.67
C ARG C 38 -1.90 -29.03 44.61
N GLN C 39 -2.53 -28.80 45.76
CA GLN C 39 -3.82 -28.13 45.78
C GLN C 39 -3.68 -26.68 45.37
N ARG C 40 -2.55 -26.06 45.72
CA ARG C 40 -2.24 -24.74 45.19
C ARG C 40 -1.98 -24.79 43.70
N ARG C 41 -1.43 -25.91 43.21
CA ARG C 41 -1.31 -26.10 41.77
C ARG C 41 -2.66 -26.39 41.15
N LYS C 42 -3.56 -27.03 41.91
CA LYS C 42 -4.86 -27.40 41.37
C LYS C 42 -5.79 -26.21 41.25
N LEU C 43 -5.86 -25.37 42.29
CA LEU C 43 -6.75 -24.20 42.26
C LEU C 43 -6.31 -23.20 41.21
N ILE C 44 -5.00 -23.14 40.94
CA ILE C 44 -4.50 -22.34 39.84
C ILE C 44 -4.85 -22.99 38.50
N ALA C 45 -4.82 -24.33 38.46
CA ALA C 45 -5.25 -25.03 37.26
C ALA C 45 -6.76 -24.90 37.02
N GLU C 46 -7.55 -24.60 38.06
CA GLU C 46 -8.99 -24.49 37.89
C GLU C 46 -9.45 -23.06 37.63
N ILE C 47 -8.56 -22.07 37.73
CA ILE C 47 -8.99 -20.71 37.43
C ILE C 47 -9.12 -20.51 35.93
N ALA C 48 -8.38 -21.30 35.14
CA ALA C 48 -8.47 -21.24 33.69
C ALA C 48 -9.59 -22.10 33.13
N PHE C 49 -10.22 -22.94 33.95
CA PHE C 49 -11.21 -23.88 33.43
C PHE C 49 -12.53 -23.19 33.10
N GLN C 50 -13.08 -22.45 34.06
CA GLN C 50 -14.26 -21.63 33.82
C GLN C 50 -13.93 -20.26 33.24
N TYR C 51 -12.69 -20.06 32.79
CA TYR C 51 -12.31 -18.82 32.16
C TYR C 51 -12.86 -18.76 30.75
N ARG C 52 -13.32 -17.58 30.34
CA ARG C 52 -13.77 -17.34 28.98
C ARG C 52 -13.13 -16.05 28.48
N HIS C 53 -13.12 -15.86 27.16
CA HIS C 53 -12.56 -14.65 26.61
C HIS C 53 -13.53 -13.48 26.79
N GLY C 54 -12.97 -12.30 27.06
CA GLY C 54 -13.74 -11.16 27.48
C GLY C 54 -13.99 -11.09 28.97
N ASP C 55 -14.14 -12.23 29.63
CA ASP C 55 -14.12 -12.35 31.07
C ASP C 55 -12.70 -12.04 31.55
N PRO C 56 -12.54 -11.09 32.47
CA PRO C 56 -11.20 -10.74 32.94
C PRO C 56 -10.58 -11.84 33.79
N ILE C 57 -9.29 -11.69 34.05
CA ILE C 57 -8.55 -12.65 34.85
C ILE C 57 -8.92 -12.46 36.32
N PRO C 58 -9.42 -13.49 37.01
CA PRO C 58 -9.65 -13.37 38.45
C PRO C 58 -8.32 -13.33 39.19
N ARG C 59 -8.28 -12.55 40.27
CA ARG C 59 -7.05 -12.39 41.03
C ARG C 59 -6.70 -13.68 41.78
N VAL C 60 -5.41 -13.89 41.99
CA VAL C 60 -4.88 -15.08 42.63
C VAL C 60 -4.36 -14.71 44.00
N GLU C 61 -4.80 -15.43 45.02
CA GLU C 61 -4.22 -15.25 46.34
C GLU C 61 -2.84 -15.89 46.40
N TYR C 62 -1.96 -15.30 47.19
CA TYR C 62 -0.61 -15.82 47.34
C TYR C 62 -0.25 -15.86 48.82
N THR C 63 0.22 -17.01 49.27
CA THR C 63 0.74 -17.13 50.62
C THR C 63 2.22 -16.74 50.62
N ALA C 64 2.92 -17.02 51.72
CA ALA C 64 4.26 -16.49 51.92
C ALA C 64 5.30 -17.18 51.05
N GLU C 65 5.24 -18.51 50.95
CA GLU C 65 6.36 -19.26 50.36
C GLU C 65 6.45 -19.11 48.85
N GLU C 66 5.34 -18.82 48.16
CA GLU C 66 5.44 -18.46 46.75
C GLU C 66 5.77 -16.99 46.56
N ILE C 67 5.47 -16.17 47.56
CA ILE C 67 5.95 -14.79 47.57
C ILE C 67 7.43 -14.75 47.91
N ALA C 68 7.87 -15.63 48.81
CA ALA C 68 9.27 -15.65 49.24
C ALA C 68 10.19 -16.14 48.13
N THR C 69 9.71 -17.03 47.25
CA THR C 69 10.51 -17.35 46.08
C THR C 69 10.34 -16.31 44.99
N TRP C 70 9.21 -15.59 44.99
CA TRP C 70 9.11 -14.41 44.14
C TRP C 70 10.02 -13.30 44.64
N LYS C 71 10.19 -13.21 45.97
CA LYS C 71 11.25 -12.38 46.54
C LYS C 71 12.62 -12.80 46.05
N GLU C 72 12.86 -14.11 45.93
CA GLU C 72 14.19 -14.59 45.60
C GLU C 72 14.51 -14.37 44.12
N VAL C 73 13.53 -14.62 43.25
CA VAL C 73 13.79 -14.46 41.82
C VAL C 73 13.86 -12.99 41.43
N TYR C 74 13.18 -12.10 42.16
CA TYR C 74 13.16 -10.70 41.77
C TYR C 74 14.44 -9.99 42.18
N THR C 75 15.02 -10.34 43.35
CA THR C 75 16.32 -9.79 43.70
C THR C 75 17.43 -10.27 42.79
N THR C 76 17.43 -11.55 42.42
CA THR C 76 18.56 -12.10 41.66
C THR C 76 18.48 -11.70 40.19
N LEU C 77 17.32 -11.87 39.58
CA LEU C 77 17.20 -11.70 38.14
C LEU C 77 17.14 -10.25 37.71
N LYS C 78 16.62 -9.36 38.56
CA LYS C 78 16.69 -7.94 38.22
C LYS C 78 18.10 -7.40 38.37
N GLY C 79 18.88 -7.97 39.30
CA GLY C 79 20.31 -7.73 39.30
C GLY C 79 21.00 -8.36 38.11
N LEU C 80 20.41 -9.41 37.55
CA LEU C 80 20.89 -10.04 36.34
C LEU C 80 20.32 -9.42 35.07
N TYR C 81 19.77 -8.20 35.15
CA TYR C 81 19.32 -7.53 33.94
C TYR C 81 20.30 -6.47 33.44
N ALA C 82 21.11 -5.89 34.32
CA ALA C 82 22.23 -5.10 33.86
C ALA C 82 23.33 -5.99 33.27
N THR C 83 23.37 -7.25 33.68
CA THR C 83 24.35 -8.20 33.17
C THR C 83 23.69 -9.08 32.12
N HIS C 84 24.23 -9.05 30.90
CA HIS C 84 23.99 -10.01 29.83
C HIS C 84 22.57 -10.02 29.29
N ALA C 85 21.74 -9.04 29.65
CA ALA C 85 20.36 -9.00 29.21
C ALA C 85 20.16 -7.89 28.18
N CYS C 86 19.07 -7.99 27.43
CA CYS C 86 18.78 -7.02 26.38
C CYS C 86 18.37 -5.69 26.99
N GLY C 87 18.87 -4.61 26.38
CA GLY C 87 18.50 -3.28 26.84
C GLY C 87 17.08 -2.89 26.48
N GLU C 88 16.52 -3.48 25.43
CA GLU C 88 15.11 -3.28 25.12
C GLU C 88 14.22 -3.91 26.20
N HIS C 89 14.70 -5.00 26.80
CA HIS C 89 14.04 -5.53 27.99
C HIS C 89 14.21 -4.62 29.19
N LEU C 90 15.37 -3.96 29.29
CA LEU C 90 15.67 -3.13 30.46
C LEU C 90 14.76 -1.91 30.54
N GLU C 91 14.51 -1.25 29.41
CA GLU C 91 13.55 -0.17 29.39
C GLU C 91 12.12 -0.69 29.53
N ALA C 92 11.87 -1.92 29.07
CA ALA C 92 10.56 -2.51 29.25
C ALA C 92 10.35 -2.95 30.69
N PHE C 93 11.39 -3.48 31.33
CA PHE C 93 11.27 -3.84 32.74
C PHE C 93 11.18 -2.61 33.63
N ALA C 94 11.80 -1.51 33.22
CA ALA C 94 11.59 -0.24 33.91
C ALA C 94 10.17 0.26 33.69
N LEU C 95 9.64 0.04 32.49
CA LEU C 95 8.21 0.29 32.25
C LEU C 95 7.34 -0.68 33.02
N LEU C 96 7.82 -1.92 33.23
CA LEU C 96 7.04 -2.88 33.99
C LEU C 96 7.14 -2.64 35.48
N GLU C 97 8.21 -2.00 35.94
CA GLU C 97 8.32 -1.66 37.35
C GLU C 97 7.45 -0.47 37.70
N ARG C 98 7.08 0.34 36.71
CA ARG C 98 6.28 1.54 36.97
C ARG C 98 4.80 1.27 36.79
N PHE C 99 4.42 0.64 35.68
CA PHE C 99 3.00 0.53 35.33
C PHE C 99 2.37 -0.73 35.91
N SER C 100 2.93 -1.89 35.62
CA SER C 100 2.32 -3.17 35.93
C SER C 100 2.33 -3.49 37.42
N GLY C 101 3.32 -2.98 38.15
CA GLY C 101 3.36 -3.22 39.58
C GLY C 101 4.41 -4.24 39.96
N TYR C 102 5.52 -4.26 39.22
CA TYR C 102 6.60 -5.19 39.50
C TYR C 102 7.37 -4.70 40.72
N ARG C 103 7.42 -5.52 41.75
CA ARG C 103 8.21 -5.20 42.93
C ARG C 103 8.72 -6.48 43.54
N GLU C 104 9.44 -6.32 44.65
CA GLU C 104 9.99 -7.48 45.35
C GLU C 104 8.89 -8.22 46.11
N ASP C 105 8.14 -7.49 46.95
CA ASP C 105 7.22 -8.08 47.90
C ASP C 105 5.96 -8.63 47.26
N ASN C 106 5.32 -7.86 46.38
CA ASN C 106 4.08 -8.28 45.75
C ASN C 106 4.36 -8.85 44.37
N ILE C 107 4.05 -10.13 44.20
CA ILE C 107 3.99 -10.72 42.87
C ILE C 107 2.76 -10.12 42.19
N PRO C 108 2.90 -9.51 41.01
CA PRO C 108 1.77 -8.84 40.37
C PRO C 108 0.79 -9.86 39.82
N GLN C 109 -0.50 -9.53 39.93
CA GLN C 109 -1.52 -10.38 39.36
C GLN C 109 -1.49 -10.29 37.84
N LEU C 110 -2.11 -11.29 37.21
CA LEU C 110 -2.12 -11.40 35.76
C LEU C 110 -2.93 -10.31 35.08
N GLU C 111 -3.85 -9.67 35.80
CA GLU C 111 -4.74 -8.71 35.17
C GLU C 111 -4.03 -7.39 34.88
N ASP C 112 -3.19 -6.94 35.82
CA ASP C 112 -2.51 -5.67 35.67
C ASP C 112 -1.40 -5.72 34.64
N VAL C 113 -0.82 -6.89 34.39
CA VAL C 113 0.22 -7.00 33.37
C VAL C 113 -0.41 -7.21 31.99
N SER C 114 -1.55 -7.89 31.94
CA SER C 114 -2.25 -8.06 30.67
C SER C 114 -2.87 -6.75 30.21
N ARG C 115 -3.27 -5.90 31.16
CA ARG C 115 -3.71 -4.55 30.82
C ARG C 115 -2.56 -3.69 30.31
N PHE C 116 -1.32 -4.04 30.62
CA PHE C 116 -0.20 -3.32 30.07
C PHE C 116 0.08 -3.71 28.62
N LEU C 117 -0.08 -5.00 28.29
CA LEU C 117 0.25 -5.44 26.95
C LEU C 117 -0.79 -5.00 25.94
N LYS C 118 -2.05 -4.85 26.35
CA LYS C 118 -3.03 -4.19 25.50
C LYS C 118 -2.76 -2.70 25.36
N GLU C 119 -2.06 -2.10 26.33
CA GLU C 119 -1.75 -0.69 26.26
C GLU C 119 -0.57 -0.38 25.36
N ARG C 120 0.41 -1.28 25.28
CA ARG C 120 1.59 -1.03 24.45
C ARG C 120 1.43 -1.58 23.04
N THR C 121 1.22 -2.89 22.92
CA THR C 121 1.19 -3.56 21.62
C THR C 121 -0.14 -4.20 21.27
N GLY C 122 -1.01 -4.44 22.25
CA GLY C 122 -2.24 -5.13 22.01
C GLY C 122 -2.22 -6.61 22.27
N PHE C 123 -1.16 -7.13 22.88
CA PHE C 123 -1.17 -8.50 23.34
C PHE C 123 -2.01 -8.63 24.60
N GLN C 124 -2.44 -9.86 24.89
CA GLN C 124 -3.09 -10.13 26.16
C GLN C 124 -2.56 -11.44 26.70
N LEU C 125 -2.41 -11.52 28.01
CA LEU C 125 -2.08 -12.78 28.66
C LEU C 125 -3.36 -13.56 28.88
N ARG C 126 -3.29 -14.84 28.57
CA ARG C 126 -4.46 -15.69 28.78
C ARG C 126 -4.08 -16.82 29.72
N PRO C 127 -4.75 -16.95 30.87
CA PRO C 127 -4.37 -17.95 31.85
C PRO C 127 -4.71 -19.36 31.37
N VAL C 128 -3.74 -20.26 31.53
CA VAL C 128 -3.90 -21.66 31.16
C VAL C 128 -3.02 -22.48 32.10
N ALA C 129 -3.49 -23.68 32.43
CA ALA C 129 -2.74 -24.57 33.31
C ALA C 129 -1.56 -25.20 32.60
N GLY C 130 -1.81 -25.96 31.53
CA GLY C 130 -0.78 -26.69 30.83
C GLY C 130 -0.47 -26.10 29.47
N LEU C 131 0.75 -26.38 29.01
CA LEU C 131 1.17 -26.10 27.64
C LEU C 131 0.90 -27.27 26.72
N LEU C 132 -0.09 -28.11 27.08
CA LEU C 132 -0.31 -29.48 26.61
C LEU C 132 -0.33 -29.63 25.09
N SER C 133 -0.76 -28.61 24.36
CA SER C 133 -0.68 -28.63 22.90
C SER C 133 0.29 -27.55 22.44
N ALA C 134 1.32 -27.96 21.71
CA ALA C 134 2.24 -27.02 21.09
C ALA C 134 1.63 -26.28 19.91
N ARG C 135 0.59 -26.84 19.31
CA ARG C 135 -0.11 -26.14 18.23
C ARG C 135 -0.98 -25.02 18.80
N ASP C 136 -1.75 -25.31 19.85
CA ASP C 136 -2.75 -24.39 20.37
C ASP C 136 -2.13 -23.18 21.04
N PHE C 137 -1.00 -23.36 21.72
CA PHE C 137 -0.27 -22.21 22.24
C PHE C 137 0.30 -21.36 21.12
N LEU C 138 0.70 -21.99 20.01
CA LEU C 138 1.09 -21.23 18.84
C LEU C 138 -0.10 -20.65 18.11
N ALA C 139 -1.21 -21.40 18.04
CA ALA C 139 -2.40 -20.91 17.35
C ALA C 139 -3.07 -19.77 18.10
N SER C 140 -2.87 -19.71 19.42
CA SER C 140 -3.38 -18.56 20.17
C SER C 140 -2.53 -17.34 19.95
N LEU C 141 -1.22 -17.54 19.74
CA LEU C 141 -0.27 -16.43 19.66
C LEU C 141 -0.46 -15.60 18.39
N ALA C 142 -1.11 -16.15 17.38
CA ALA C 142 -1.47 -15.37 16.20
C ALA C 142 -2.54 -14.34 16.52
N PHE C 143 -3.37 -14.63 17.53
CA PHE C 143 -4.45 -13.74 17.93
C PHE C 143 -3.99 -12.63 18.86
N ARG C 144 -2.66 -12.43 18.98
CA ARG C 144 -2.02 -11.63 20.02
C ARG C 144 -2.47 -12.06 21.41
N VAL C 145 -2.63 -13.37 21.59
CA VAL C 145 -3.09 -13.96 22.83
C VAL C 145 -2.00 -14.92 23.29
N PHE C 146 -1.39 -14.61 24.42
CA PHE C 146 -0.29 -15.40 24.95
C PHE C 146 -0.82 -16.34 26.03
N GLN C 147 -0.74 -17.64 25.76
CA GLN C 147 -1.07 -18.64 26.77
C GLN C 147 -0.05 -18.58 27.89
N CYS C 148 -0.53 -18.43 29.12
CA CYS C 148 0.33 -18.17 30.25
C CYS C 148 -0.17 -18.91 31.49
N THR C 149 0.73 -19.11 32.44
CA THR C 149 0.49 -19.96 33.59
C THR C 149 0.51 -19.13 34.87
N GLN C 150 -0.58 -19.18 35.62
CA GLN C 150 -0.68 -18.39 36.84
C GLN C 150 -0.09 -19.09 38.07
N TYR C 151 0.77 -20.09 37.90
CA TYR C 151 1.42 -20.71 39.04
C TYR C 151 2.89 -20.31 39.11
N ILE C 152 3.52 -20.70 40.22
CA ILE C 152 4.91 -20.41 40.51
C ILE C 152 5.61 -21.75 40.68
N ARG C 153 6.87 -21.83 40.25
CA ARG C 153 7.70 -23.00 40.54
C ARG C 153 7.89 -23.16 42.06
N HIS C 154 8.20 -24.39 42.44
CA HIS C 154 8.30 -24.72 43.86
C HIS C 154 9.54 -24.09 44.48
N ALA C 155 9.49 -23.87 45.80
CA ALA C 155 10.59 -23.25 46.50
C ALA C 155 11.80 -24.18 46.59
N SER C 156 11.59 -25.49 46.48
CA SER C 156 12.70 -26.44 46.47
C SER C 156 13.54 -26.32 45.20
N SER C 157 12.96 -25.86 44.10
CA SER C 157 13.69 -25.57 42.87
C SER C 157 13.33 -24.17 42.42
N PRO C 158 13.92 -23.14 43.05
CA PRO C 158 13.49 -21.77 42.77
C PRO C 158 14.24 -21.12 41.62
N MET C 159 15.41 -21.67 41.24
CA MET C 159 16.20 -21.12 40.16
C MET C 159 15.98 -21.80 38.82
N HIS C 160 16.08 -23.12 38.77
CA HIS C 160 15.78 -23.88 37.56
C HIS C 160 14.35 -24.38 37.63
N SER C 161 13.57 -24.10 36.59
CA SER C 161 12.20 -24.55 36.53
C SER C 161 12.08 -25.51 35.36
N PRO C 162 11.53 -26.70 35.59
CA PRO C 162 11.23 -27.63 34.49
C PRO C 162 10.01 -27.24 33.68
N GLU C 163 9.20 -26.32 34.18
CA GLU C 163 7.97 -25.92 33.52
C GLU C 163 7.84 -24.41 33.61
N PRO C 164 7.21 -23.77 32.63
CA PRO C 164 7.05 -22.31 32.68
C PRO C 164 6.06 -21.88 33.75
N ASP C 165 6.51 -20.97 34.62
CA ASP C 165 5.69 -20.44 35.70
C ASP C 165 5.51 -18.94 35.53
N CYS C 166 4.96 -18.26 36.55
CA CYS C 166 4.91 -16.80 36.53
C CYS C 166 6.30 -16.19 36.51
N CYS C 167 7.26 -16.81 37.21
CA CYS C 167 8.64 -16.34 37.13
C CYS C 167 9.26 -16.58 35.76
N HIS C 168 8.71 -17.48 34.96
CA HIS C 168 9.22 -17.67 33.60
C HIS C 168 8.75 -16.56 32.67
N GLU C 169 7.44 -16.30 32.66
CA GLU C 169 6.86 -15.54 31.55
C GLU C 169 6.65 -14.08 31.92
N LEU C 170 6.39 -13.79 33.20
CA LEU C 170 6.22 -12.39 33.58
C LEU C 170 7.54 -11.65 33.61
N LEU C 171 8.66 -12.35 33.73
CA LEU C 171 9.97 -11.74 33.61
C LEU C 171 10.64 -12.02 32.27
N GLY C 172 10.28 -13.12 31.61
CA GLY C 172 10.86 -13.45 30.33
C GLY C 172 10.02 -13.13 29.11
N HIS C 173 8.75 -13.52 29.13
CA HIS C 173 7.93 -13.40 27.93
C HIS C 173 7.35 -12.00 27.78
N VAL C 174 6.60 -11.54 28.78
CA VAL C 174 5.89 -10.25 28.65
C VAL C 174 6.78 -9.01 28.54
N PRO C 175 8.00 -8.94 29.14
CA PRO C 175 8.80 -7.73 28.86
C PRO C 175 9.45 -7.76 27.49
N MET C 176 9.48 -8.91 26.82
CA MET C 176 9.75 -8.93 25.40
C MET C 176 8.51 -8.53 24.61
N LEU C 177 7.34 -8.99 25.04
CA LEU C 177 6.08 -8.76 24.34
C LEU C 177 5.64 -7.30 24.35
N ALA C 178 6.20 -6.46 25.22
CA ALA C 178 5.91 -5.04 25.23
C ALA C 178 6.60 -4.28 24.11
N ASP C 179 7.49 -4.94 23.37
CA ASP C 179 8.12 -4.32 22.21
C ASP C 179 7.15 -4.33 21.03
N ARG C 180 7.17 -3.25 20.25
CA ARG C 180 6.29 -3.14 19.10
C ARG C 180 6.66 -4.14 18.01
N THR C 181 7.96 -4.24 17.70
CA THR C 181 8.40 -5.12 16.62
C THR C 181 8.35 -6.58 17.03
N PHE C 182 8.71 -6.89 18.28
CA PHE C 182 8.74 -8.29 18.72
C PHE C 182 7.35 -8.87 18.82
N ALA C 183 6.36 -8.07 19.25
CA ALA C 183 4.99 -8.55 19.32
C ALA C 183 4.43 -8.81 17.94
N GLN C 184 4.80 -7.98 16.96
CA GLN C 184 4.52 -8.31 15.56
C GLN C 184 5.31 -9.53 15.11
N PHE C 185 6.53 -9.70 15.65
CA PHE C 185 7.35 -10.84 15.27
C PHE C 185 6.84 -12.13 15.91
N SER C 186 6.59 -12.12 17.21
CA SER C 186 6.12 -13.32 17.91
C SER C 186 4.74 -13.75 17.46
N GLN C 187 3.95 -12.83 16.94
CA GLN C 187 2.66 -13.19 16.36
C GLN C 187 2.83 -13.88 15.01
N ASP C 188 3.79 -13.43 14.21
CA ASP C 188 4.04 -14.03 12.90
C ASP C 188 4.59 -15.45 13.01
N ILE C 189 5.23 -15.78 14.12
CA ILE C 189 5.53 -17.19 14.43
C ILE C 189 4.22 -17.96 14.61
N GLY C 190 3.33 -17.42 15.43
CA GLY C 190 2.04 -18.05 15.62
C GLY C 190 1.14 -17.95 14.40
N LEU C 191 1.36 -16.93 13.55
CA LEU C 191 0.54 -16.77 12.35
C LEU C 191 0.84 -17.83 11.31
N ALA C 192 1.98 -18.50 11.41
CA ALA C 192 2.29 -19.57 10.47
C ALA C 192 1.70 -20.90 10.91
N SER C 193 1.18 -20.99 12.14
CA SER C 193 0.75 -22.26 12.71
C SER C 193 -0.75 -22.52 12.56
N LEU C 194 -1.45 -21.76 11.73
CA LEU C 194 -2.89 -21.93 11.58
C LEU C 194 -3.18 -22.91 10.47
N GLY C 195 -3.73 -24.07 10.82
CA GLY C 195 -3.94 -25.12 9.85
C GLY C 195 -2.65 -25.73 9.35
N ALA C 196 -1.56 -25.60 10.08
CA ALA C 196 -0.28 -26.14 9.68
C ALA C 196 -0.14 -27.56 10.23
N SER C 197 0.60 -28.38 9.50
CA SER C 197 0.74 -29.79 9.84
C SER C 197 1.55 -29.99 11.11
N ASP C 198 1.50 -31.21 11.63
CA ASP C 198 2.15 -31.53 12.90
C ASP C 198 3.67 -31.46 12.84
N GLU C 199 4.28 -31.71 11.67
CA GLU C 199 5.71 -31.45 11.57
C GLU C 199 5.97 -29.96 11.38
N GLU C 200 5.02 -29.21 10.84
CA GLU C 200 5.15 -27.76 10.76
C GLU C 200 4.93 -27.11 12.12
N ILE C 201 4.03 -27.68 12.92
CA ILE C 201 3.92 -27.28 14.32
C ILE C 201 5.21 -27.56 15.06
N GLU C 202 5.81 -28.73 14.80
CA GLU C 202 7.08 -29.06 15.42
C GLU C 202 8.22 -28.20 14.87
N LYS C 203 8.16 -27.87 13.58
CA LYS C 203 9.18 -26.99 13.00
C LYS C 203 9.05 -25.58 13.53
N LEU C 204 7.82 -25.12 13.75
CA LEU C 204 7.62 -23.78 14.30
C LEU C 204 7.96 -23.74 15.79
N SER C 205 7.64 -24.82 16.52
CA SER C 205 7.97 -24.85 17.95
C SER C 205 9.46 -24.98 18.19
N THR C 206 10.18 -25.71 17.33
CA THR C 206 11.63 -25.67 17.36
C THR C 206 12.15 -24.30 16.95
N LEU C 207 11.45 -23.64 16.02
CA LEU C 207 11.78 -22.25 15.71
C LEU C 207 11.44 -21.35 16.90
N TYR C 208 10.27 -21.55 17.51
CA TYR C 208 9.86 -20.76 18.67
C TYR C 208 10.76 -21.01 19.88
N TRP C 209 11.36 -22.20 19.96
CA TRP C 209 12.27 -22.52 21.06
C TRP C 209 13.54 -21.68 21.00
N PHE C 210 13.93 -21.24 19.81
CA PHE C 210 15.26 -20.68 19.62
C PHE C 210 15.29 -19.21 19.23
N THR C 211 14.13 -18.59 19.01
CA THR C 211 14.11 -17.15 18.72
C THR C 211 13.11 -16.36 19.54
N VAL C 212 12.34 -16.99 20.42
CA VAL C 212 11.54 -16.29 21.41
C VAL C 212 11.83 -16.80 22.81
N GLU C 213 11.71 -18.11 23.01
CA GLU C 213 11.96 -18.71 24.32
C GLU C 213 13.43 -18.60 24.72
N PHE C 214 14.33 -19.06 23.84
CA PHE C 214 15.76 -19.03 24.10
C PHE C 214 16.43 -18.43 22.86
N GLY C 215 16.44 -17.11 22.81
CA GLY C 215 17.07 -16.40 21.70
C GLY C 215 17.93 -15.28 22.22
N LEU C 216 19.07 -15.09 21.57
CA LEU C 216 20.06 -14.11 21.99
C LEU C 216 20.10 -12.98 20.97
N CYS C 217 20.13 -11.74 21.45
CA CYS C 217 20.08 -10.59 20.56
C CYS C 217 21.47 -9.98 20.38
N LYS C 218 21.52 -8.91 19.59
CA LYS C 218 22.74 -8.13 19.38
C LYS C 218 22.34 -6.66 19.38
N GLN C 219 22.37 -6.05 20.57
CA GLN C 219 22.03 -4.65 20.73
C GLN C 219 23.28 -3.83 20.96
N ASN C 220 23.41 -2.72 20.21
CA ASN C 220 24.53 -1.78 20.28
C ASN C 220 25.88 -2.46 20.04
N GLY C 221 25.89 -3.49 19.19
CA GLY C 221 27.11 -4.21 18.92
C GLY C 221 27.32 -5.42 19.82
N GLU C 222 27.18 -5.24 21.13
CA GLU C 222 27.37 -6.34 22.05
C GLU C 222 26.20 -7.31 21.98
N VAL C 223 26.51 -8.58 22.20
CA VAL C 223 25.49 -9.63 22.18
C VAL C 223 24.86 -9.72 23.56
N LYS C 224 23.53 -9.63 23.60
CA LYS C 224 22.77 -9.74 24.83
C LYS C 224 21.67 -10.77 24.61
N ALA C 225 21.00 -11.15 25.68
CA ALA C 225 19.96 -12.17 25.59
C ALA C 225 18.59 -11.51 25.59
N TYR C 226 17.73 -11.98 24.68
CA TYR C 226 16.33 -11.57 24.68
C TYR C 226 15.36 -12.73 24.79
N GLY C 227 15.84 -13.95 24.98
CA GLY C 227 14.94 -15.08 25.13
C GLY C 227 14.17 -15.03 26.43
N ALA C 228 12.99 -15.66 26.39
CA ALA C 228 12.12 -15.68 27.56
C ALA C 228 12.69 -16.53 28.67
N GLY C 229 13.04 -17.78 28.35
CA GLY C 229 13.62 -18.66 29.35
C GLY C 229 15.03 -18.31 29.73
N LEU C 230 15.76 -17.62 28.86
CA LEU C 230 17.08 -17.11 29.23
C LEU C 230 16.97 -16.05 30.32
N LEU C 231 15.94 -15.22 30.24
CA LEU C 231 15.70 -14.21 31.26
C LEU C 231 14.69 -14.67 32.28
N SER C 232 14.73 -15.96 32.62
CA SER C 232 13.81 -16.53 33.58
C SER C 232 14.48 -17.38 34.64
N SER C 233 15.73 -17.81 34.43
CA SER C 233 16.43 -18.67 35.37
C SER C 233 17.80 -18.11 35.68
N TYR C 234 18.39 -18.61 36.76
CA TYR C 234 19.59 -17.99 37.32
C TYR C 234 20.82 -18.22 36.45
N GLY C 235 21.24 -19.48 36.30
CA GLY C 235 22.54 -19.75 35.69
C GLY C 235 22.53 -19.69 34.18
N GLU C 236 21.36 -19.80 33.56
CA GLU C 236 21.28 -19.84 32.10
C GLU C 236 21.58 -18.48 31.48
N LEU C 237 21.14 -17.40 32.12
CA LEU C 237 21.45 -16.06 31.66
C LEU C 237 22.94 -15.75 31.70
N LEU C 238 23.69 -16.39 32.60
CA LEU C 238 25.15 -16.33 32.54
C LEU C 238 25.71 -17.42 31.64
N HIS C 239 24.92 -18.43 31.31
CA HIS C 239 25.37 -19.50 30.44
C HIS C 239 25.34 -19.11 28.97
N CYS C 240 24.34 -18.32 28.55
CA CYS C 240 24.13 -18.04 27.13
C CYS C 240 25.23 -17.15 26.57
N LEU C 241 25.69 -16.18 27.34
CA LEU C 241 26.84 -15.38 26.90
C LEU C 241 28.17 -16.05 27.19
N SER C 242 28.18 -17.11 27.98
CA SER C 242 29.39 -17.90 28.16
C SER C 242 29.67 -18.70 26.89
N GLU C 243 30.90 -19.20 26.78
CA GLU C 243 31.35 -19.77 25.52
C GLU C 243 31.30 -21.30 25.48
N GLU C 244 31.03 -21.97 26.59
CA GLU C 244 30.81 -23.41 26.49
C GLU C 244 29.54 -23.80 25.71
N PRO C 245 28.50 -22.95 25.55
CA PRO C 245 27.62 -23.17 24.41
C PRO C 245 28.07 -22.38 23.19
N GLU C 246 27.57 -22.78 22.04
CA GLU C 246 27.87 -22.11 20.79
C GLU C 246 26.64 -21.38 20.29
N ILE C 247 26.82 -20.16 19.80
CA ILE C 247 25.74 -19.32 19.31
C ILE C 247 25.85 -19.25 17.80
N ARG C 248 24.97 -19.96 17.10
CA ARG C 248 24.90 -19.85 15.65
C ARG C 248 24.22 -18.55 15.26
N ALA C 249 24.34 -18.19 13.98
CA ALA C 249 23.55 -17.11 13.44
C ALA C 249 22.13 -17.60 13.20
N PHE C 250 21.17 -16.70 13.48
CA PHE C 250 19.77 -17.07 13.35
C PHE C 250 19.40 -17.22 11.88
N ASP C 251 18.85 -18.38 11.54
CA ASP C 251 18.56 -18.82 10.19
C ASP C 251 17.14 -19.35 10.11
N PRO C 252 16.48 -19.27 8.93
CA PRO C 252 15.10 -19.77 8.81
C PRO C 252 15.00 -21.28 8.95
N GLU C 253 15.78 -22.01 8.16
CA GLU C 253 15.66 -23.45 8.11
C GLU C 253 16.52 -24.15 9.15
N ALA C 254 17.63 -23.53 9.55
CA ALA C 254 18.47 -24.12 10.59
C ALA C 254 17.88 -23.96 11.99
N ALA C 255 16.83 -23.14 12.14
CA ALA C 255 16.04 -23.12 13.36
C ALA C 255 14.79 -23.99 13.26
N ALA C 256 14.43 -24.42 12.06
CA ALA C 256 13.23 -25.22 11.88
C ALA C 256 13.42 -26.67 12.31
N VAL C 257 14.57 -27.26 12.00
CA VAL C 257 14.81 -28.67 12.28
C VAL C 257 15.94 -28.81 13.29
N GLN C 258 16.19 -27.75 14.05
CA GLN C 258 17.24 -27.78 15.05
C GLN C 258 16.80 -28.64 16.24
N PRO C 259 17.60 -29.64 16.63
CA PRO C 259 17.26 -30.42 17.81
C PRO C 259 17.45 -29.60 19.08
N TYR C 260 16.75 -30.01 20.13
CA TYR C 260 16.77 -29.28 21.38
C TYR C 260 16.36 -30.21 22.51
N GLN C 261 16.91 -29.96 23.69
CA GLN C 261 16.43 -30.56 24.92
C GLN C 261 15.86 -29.45 25.80
N ASP C 262 15.46 -29.79 27.03
CA ASP C 262 14.86 -28.82 27.92
C ASP C 262 15.45 -28.78 29.31
N GLN C 263 16.20 -29.80 29.73
CA GLN C 263 16.74 -29.88 31.08
C GLN C 263 18.12 -29.25 31.21
N THR C 264 19.07 -29.69 30.40
CA THR C 264 20.41 -29.14 30.37
C THR C 264 20.33 -27.73 29.75
N TYR C 265 21.21 -26.83 30.21
CA TYR C 265 21.37 -25.53 29.58
C TYR C 265 21.74 -25.71 28.11
N GLN C 266 21.07 -24.97 27.24
CA GLN C 266 21.02 -25.32 25.82
C GLN C 266 22.36 -25.09 25.14
N SER C 267 22.66 -25.95 24.16
CA SER C 267 23.94 -25.90 23.48
C SER C 267 23.92 -24.86 22.36
N VAL C 268 23.01 -25.04 21.41
CA VAL C 268 22.96 -24.15 20.25
C VAL C 268 22.13 -22.93 20.59
N TYR C 269 22.63 -21.76 20.21
CA TYR C 269 21.89 -20.51 20.35
C TYR C 269 21.88 -19.77 19.02
N PHE C 270 20.96 -18.83 18.89
CA PHE C 270 20.70 -18.18 17.62
C PHE C 270 20.80 -16.67 17.81
N VAL C 271 21.89 -16.07 17.35
CA VAL C 271 22.05 -14.63 17.52
C VAL C 271 21.22 -13.89 16.48
N SER C 272 20.41 -12.95 16.97
CA SER C 272 19.56 -12.14 16.11
C SER C 272 20.04 -10.70 16.21
N GLU C 273 20.19 -10.04 15.06
CA GLU C 273 20.69 -8.67 15.07
C GLU C 273 19.66 -7.68 15.62
N SER C 274 18.39 -7.87 15.30
CA SER C 274 17.31 -7.04 15.84
C SER C 274 16.00 -7.80 15.74
N PHE C 275 14.98 -7.28 16.41
CA PHE C 275 13.66 -7.86 16.36
C PHE C 275 13.03 -7.74 14.98
N SER C 276 13.35 -6.66 14.26
CA SER C 276 12.85 -6.49 12.90
C SER C 276 13.51 -7.49 11.95
N ASP C 277 14.80 -7.74 12.12
CA ASP C 277 15.49 -8.73 11.30
C ASP C 277 14.97 -10.14 11.58
N ALA C 278 14.56 -10.41 12.82
CA ALA C 278 13.84 -11.64 13.10
C ALA C 278 12.46 -11.63 12.45
N LYS C 279 11.83 -10.46 12.35
CA LYS C 279 10.55 -10.35 11.66
C LYS C 279 10.73 -10.51 10.15
N ASP C 280 11.82 -9.99 9.59
CA ASP C 280 12.09 -10.22 8.16
C ASP C 280 12.44 -11.67 7.90
N LYS C 281 13.09 -12.34 8.85
CA LYS C 281 13.51 -13.71 8.59
C LYS C 281 12.36 -14.69 8.86
N LEU C 282 11.41 -14.31 9.70
CA LEU C 282 10.16 -15.07 9.77
C LEU C 282 9.27 -14.81 8.57
N ARG C 283 9.44 -13.68 7.91
CA ARG C 283 8.71 -13.44 6.66
C ARG C 283 9.21 -14.36 5.56
N SER C 284 10.51 -14.70 5.60
CA SER C 284 11.06 -15.60 4.60
C SER C 284 10.70 -17.05 4.89
N TYR C 285 10.72 -17.45 6.16
CA TYR C 285 10.48 -18.85 6.49
C TYR C 285 9.00 -19.20 6.40
N ALA C 286 8.12 -18.34 6.89
CA ALA C 286 6.70 -18.63 6.84
C ALA C 286 6.12 -18.46 5.44
N SER C 287 6.88 -17.85 4.52
CA SER C 287 6.49 -17.83 3.12
C SER C 287 6.54 -19.23 2.52
N ARG C 288 7.65 -19.94 2.72
CA ARG C 288 7.86 -21.25 2.13
C ARG C 288 7.11 -22.37 2.86
N ILE C 289 6.43 -22.05 3.96
CA ILE C 289 5.62 -23.03 4.68
C ILE C 289 4.41 -23.36 3.81
N GLN C 290 4.29 -24.63 3.45
CA GLN C 290 3.21 -25.11 2.58
C GLN C 290 1.90 -25.09 3.34
N ARG C 291 0.85 -24.58 2.69
CA ARG C 291 -0.43 -24.35 3.32
C ARG C 291 -1.44 -24.15 2.22
N PRO C 292 -2.69 -24.63 2.37
CA PRO C 292 -3.72 -24.35 1.36
C PRO C 292 -4.15 -22.88 1.29
N PHE C 293 -3.73 -22.05 2.24
CA PHE C 293 -4.06 -20.64 2.24
C PHE C 293 -2.93 -19.89 2.92
N SER C 294 -3.22 -18.66 3.32
CA SER C 294 -2.50 -17.99 4.39
C SER C 294 -3.54 -17.24 5.22
N VAL C 295 -3.11 -16.72 6.36
CA VAL C 295 -4.02 -16.05 7.28
C VAL C 295 -3.51 -14.65 7.55
N LYS C 296 -4.44 -13.72 7.71
CA LYS C 296 -4.15 -12.33 8.02
C LYS C 296 -4.85 -12.02 9.32
N PHE C 297 -4.12 -11.41 10.25
CA PHE C 297 -4.73 -10.95 11.48
C PHE C 297 -5.45 -9.63 11.25
N ASP C 298 -6.76 -9.63 11.47
CA ASP C 298 -7.60 -8.44 11.34
C ASP C 298 -7.69 -7.83 12.74
N PRO C 299 -6.87 -6.81 13.04
CA PRO C 299 -6.72 -6.38 14.43
C PRO C 299 -7.84 -5.50 14.95
N TYR C 300 -8.77 -5.09 14.09
CA TYR C 300 -9.97 -4.41 14.57
C TYR C 300 -10.80 -5.36 15.42
N THR C 301 -11.30 -6.44 14.82
CA THR C 301 -12.13 -7.41 15.51
C THR C 301 -11.31 -8.47 16.23
N LEU C 302 -9.97 -8.34 16.23
CA LEU C 302 -9.03 -9.19 16.98
C LEU C 302 -9.12 -10.65 16.52
N ALA C 303 -9.49 -10.84 15.26
CA ALA C 303 -9.77 -12.16 14.69
C ALA C 303 -8.84 -12.43 13.50
N ILE C 304 -9.10 -13.54 12.82
CA ILE C 304 -8.30 -14.01 11.70
C ILE C 304 -9.16 -14.08 10.45
N ASP C 305 -8.67 -13.48 9.37
CA ASP C 305 -9.24 -13.64 8.04
C ASP C 305 -8.43 -14.68 7.29
N VAL C 306 -9.03 -15.85 7.06
CA VAL C 306 -8.38 -16.90 6.28
C VAL C 306 -8.40 -16.48 4.80
N LEU C 307 -7.23 -16.46 4.19
CA LEU C 307 -7.12 -16.00 2.80
C LEU C 307 -6.98 -17.22 1.90
N ASP C 308 -8.09 -17.93 1.69
CA ASP C 308 -8.12 -19.10 0.83
C ASP C 308 -8.64 -18.78 -0.56
N SER C 309 -8.67 -17.51 -0.92
CA SER C 309 -9.20 -17.09 -2.21
C SER C 309 -8.56 -15.76 -2.56
N PRO C 310 -8.52 -15.40 -3.84
CA PRO C 310 -8.18 -14.01 -4.20
C PRO C 310 -9.21 -13.02 -3.69
N GLN C 311 -10.46 -13.44 -3.56
CA GLN C 311 -11.50 -12.59 -3.00
C GLN C 311 -11.30 -12.31 -1.52
N ALA C 312 -10.78 -13.27 -0.76
CA ALA C 312 -10.51 -13.02 0.65
C ALA C 312 -9.31 -12.10 0.83
N VAL C 313 -8.34 -12.16 -0.08
CA VAL C 313 -7.22 -11.23 -0.07
C VAL C 313 -7.71 -9.82 -0.42
N ARG C 314 -8.77 -9.73 -1.24
CA ARG C 314 -9.27 -8.43 -1.67
C ARG C 314 -9.95 -7.69 -0.52
N ARG C 315 -10.77 -8.38 0.28
CA ARG C 315 -11.41 -7.73 1.42
C ARG C 315 -10.42 -7.39 2.53
N SER C 316 -9.24 -7.98 2.52
CA SER C 316 -8.11 -7.42 3.24
C SER C 316 -7.54 -6.18 2.56
N LEU C 317 -7.46 -6.17 1.23
CA LEU C 317 -6.81 -5.07 0.52
C LEU C 317 -7.63 -3.79 0.56
N GLU C 318 -8.95 -3.88 0.63
CA GLU C 318 -9.75 -2.69 0.89
C GLU C 318 -9.60 -2.20 2.32
N GLY C 319 -9.21 -3.08 3.24
CA GLY C 319 -8.82 -2.62 4.56
C GLY C 319 -7.49 -1.88 4.56
N VAL C 320 -6.62 -2.16 3.58
CA VAL C 320 -5.34 -1.46 3.49
C VAL C 320 -5.56 -0.03 3.01
N GLN C 321 -6.30 0.13 1.91
CA GLN C 321 -6.51 1.46 1.35
C GLN C 321 -7.41 2.31 2.21
N ASP C 322 -8.23 1.70 3.06
CA ASP C 322 -9.05 2.46 3.99
C ASP C 322 -8.18 3.14 5.03
N GLU C 323 -7.09 2.49 5.43
CA GLU C 323 -6.13 3.14 6.32
C GLU C 323 -4.94 3.71 5.57
N LEU C 324 -4.81 3.46 4.27
CA LEU C 324 -3.90 4.26 3.44
C LEU C 324 -4.50 5.58 3.03
N ASP C 325 -5.81 5.64 2.78
CA ASP C 325 -6.44 6.94 2.56
C ASP C 325 -6.48 7.75 3.85
N THR C 326 -6.45 7.08 5.00
CA THR C 326 -6.14 7.74 6.26
C THR C 326 -4.75 8.36 6.22
N LEU C 327 -3.76 7.60 5.70
CA LEU C 327 -2.42 8.14 5.57
C LEU C 327 -2.32 9.14 4.43
N ALA C 328 -3.10 8.95 3.37
CA ALA C 328 -3.10 9.90 2.27
C ALA C 328 -3.72 11.23 2.65
N HIS C 329 -4.72 11.22 3.52
CA HIS C 329 -5.27 12.46 4.05
C HIS C 329 -4.47 13.01 5.21
N ALA C 330 -3.65 12.17 5.85
CA ALA C 330 -2.76 12.67 6.89
C ALA C 330 -1.62 13.49 6.31
N LEU C 331 -1.09 13.07 5.16
CA LEU C 331 -0.01 13.80 4.53
C LEU C 331 -0.47 15.12 3.93
N SER C 332 -1.77 15.28 3.71
CA SER C 332 -2.35 16.58 3.42
C SER C 332 -2.58 17.41 4.66
N ALA C 333 -2.91 16.77 5.79
CA ALA C 333 -3.16 17.49 7.03
C ALA C 333 -1.86 18.07 7.59
N ILE C 334 -0.80 17.27 7.63
CA ILE C 334 0.50 17.78 8.04
C ILE C 334 1.20 18.37 6.83
N GLY C 335 2.05 19.37 7.06
CA GLY C 335 2.77 20.03 5.98
C GLY C 335 3.13 21.46 6.30
N VAL D 1 22.73 23.16 -1.98
CA VAL D 1 22.08 21.97 -2.51
C VAL D 1 22.64 21.65 -3.89
N PRO D 2 23.14 20.43 -4.07
CA PRO D 2 23.64 20.02 -5.38
C PRO D 2 22.53 19.86 -6.40
N TRP D 3 22.86 19.87 -7.68
CA TRP D 3 21.87 19.89 -8.75
C TRP D 3 21.61 18.48 -9.26
N PHE D 4 20.37 18.25 -9.67
CA PHE D 4 19.90 16.96 -10.17
C PHE D 4 18.79 17.22 -11.17
N PRO D 5 18.67 16.41 -12.22
CA PRO D 5 17.64 16.65 -13.23
C PRO D 5 16.26 16.24 -12.76
N ARG D 6 15.25 16.72 -13.48
CA ARG D 6 13.86 16.44 -13.18
C ARG D 6 13.13 15.66 -14.27
N LYS D 7 13.38 15.96 -15.54
CA LYS D 7 12.82 15.19 -16.64
C LYS D 7 13.98 14.53 -17.35
N VAL D 8 13.64 13.57 -18.23
CA VAL D 8 14.65 13.06 -19.15
C VAL D 8 14.99 14.09 -20.22
N SER D 9 14.09 15.06 -20.48
CA SER D 9 14.44 16.19 -21.33
C SER D 9 15.42 17.12 -20.64
N GLU D 10 15.27 17.32 -19.33
CA GLU D 10 16.21 18.12 -18.56
C GLU D 10 17.48 17.36 -18.20
N LEU D 11 17.55 16.07 -18.54
CA LEU D 11 18.78 15.30 -18.36
C LEU D 11 19.86 15.71 -19.35
N ASP D 12 19.48 16.29 -20.49
CA ASP D 12 20.46 16.57 -21.53
C ASP D 12 21.14 17.91 -21.33
N LYS D 13 20.35 18.98 -21.17
CA LYS D 13 20.87 20.33 -21.34
C LYS D 13 21.75 20.75 -20.16
N CYS D 14 21.50 20.21 -18.98
CA CYS D 14 22.32 20.54 -17.83
C CYS D 14 23.42 19.50 -17.59
N HIS D 15 23.52 18.49 -18.46
CA HIS D 15 24.60 17.53 -18.40
C HIS D 15 25.35 17.45 -19.72
N HIS D 16 25.19 18.45 -20.59
CA HIS D 16 26.05 18.62 -21.74
C HIS D 16 26.90 19.88 -21.65
N LEU D 17 26.53 20.85 -20.82
CA LEU D 17 27.43 21.99 -20.63
C LEU D 17 28.59 21.63 -19.72
N VAL D 18 28.46 20.56 -18.94
CA VAL D 18 29.51 20.10 -18.05
C VAL D 18 30.26 18.89 -18.63
N THR D 19 29.60 18.12 -19.50
CA THR D 19 30.22 16.91 -20.03
C THR D 19 30.53 16.97 -21.52
N LYS D 20 29.89 17.84 -22.27
CA LYS D 20 30.10 17.89 -23.71
C LYS D 20 30.72 19.22 -24.12
N PHE D 21 30.87 19.37 -25.44
CA PHE D 21 31.82 20.28 -26.12
C PHE D 21 33.15 20.38 -25.37
N ASP D 22 33.72 19.22 -25.05
CA ASP D 22 35.04 19.17 -24.44
C ASP D 22 35.98 18.41 -25.36
N PRO D 23 37.06 19.02 -25.81
CA PRO D 23 38.03 18.26 -26.62
C PRO D 23 38.80 17.29 -25.77
N ASP D 24 38.45 16.02 -25.86
CA ASP D 24 39.06 14.97 -25.06
C ASP D 24 40.29 14.41 -25.76
N LEU D 25 41.27 14.03 -24.96
CA LEU D 25 42.42 13.28 -25.47
C LEU D 25 41.98 11.85 -25.75
N ASP D 26 42.84 11.07 -26.39
CA ASP D 26 42.51 9.71 -26.81
C ASP D 26 42.24 8.79 -25.63
N LEU D 27 43.25 8.52 -24.82
CA LEU D 27 43.10 7.75 -23.60
C LEU D 27 43.91 8.44 -22.52
N ASP D 28 43.59 8.12 -21.25
CA ASP D 28 44.33 8.70 -20.14
C ASP D 28 45.76 8.20 -20.09
N HIS D 29 46.02 7.02 -20.64
CA HIS D 29 47.37 6.64 -21.02
C HIS D 29 47.81 7.59 -22.13
N PRO D 30 48.79 8.46 -21.89
CA PRO D 30 49.01 9.58 -22.81
C PRO D 30 49.76 9.21 -24.08
N GLY D 31 49.11 9.40 -25.23
CA GLY D 31 49.80 9.33 -26.50
C GLY D 31 49.70 8.00 -27.21
N PHE D 32 48.88 7.94 -28.24
CA PHE D 32 48.80 6.78 -29.11
C PHE D 32 49.20 7.14 -30.53
N SER D 33 49.67 6.14 -31.27
CA SER D 33 49.83 6.26 -32.73
C SER D 33 48.57 5.78 -33.44
N ASP D 34 47.44 6.34 -33.03
CA ASP D 34 46.11 5.88 -33.42
C ASP D 34 45.27 7.05 -33.89
N GLN D 35 45.82 7.87 -34.79
CA GLN D 35 45.16 9.11 -35.19
C GLN D 35 43.91 8.85 -36.03
N VAL D 36 43.94 7.84 -36.90
CA VAL D 36 42.74 7.47 -37.64
C VAL D 36 41.75 6.76 -36.71
N TYR D 37 42.26 6.19 -35.61
CA TYR D 37 41.39 5.72 -34.54
C TYR D 37 40.96 6.88 -33.64
N ARG D 38 41.79 7.92 -33.54
CA ARG D 38 41.39 9.12 -32.80
C ARG D 38 40.32 9.90 -33.53
N GLN D 39 40.40 9.95 -34.87
CA GLN D 39 39.29 10.51 -35.64
C GLN D 39 38.07 9.61 -35.54
N ARG D 40 38.29 8.30 -35.44
CA ARG D 40 37.20 7.39 -35.09
C ARG D 40 36.76 7.60 -33.65
N ARG D 41 37.67 8.06 -32.78
CA ARG D 41 37.28 8.40 -31.41
C ARG D 41 36.64 9.78 -31.36
N LYS D 42 36.94 10.63 -32.33
CA LYS D 42 36.36 11.97 -32.32
C LYS D 42 34.95 11.96 -32.90
N LEU D 43 34.73 11.25 -34.00
CA LEU D 43 33.39 11.19 -34.59
C LEU D 43 32.42 10.44 -33.70
N ILE D 44 32.93 9.49 -32.90
CA ILE D 44 32.07 8.67 -32.05
C ILE D 44 31.59 9.48 -30.85
N ALA D 45 32.33 10.53 -30.48
CA ALA D 45 31.92 11.40 -29.39
C ALA D 45 30.97 12.48 -29.87
N GLU D 46 31.00 12.80 -31.16
CA GLU D 46 30.18 13.87 -31.69
C GLU D 46 28.75 13.42 -31.99
N ILE D 47 28.49 12.11 -31.96
CA ILE D 47 27.12 11.63 -32.10
C ILE D 47 26.31 11.98 -30.86
N ALA D 48 26.92 11.86 -29.68
CA ALA D 48 26.23 12.17 -28.44
C ALA D 48 26.10 13.67 -28.18
N PHE D 49 26.75 14.51 -28.99
CA PHE D 49 26.72 15.94 -28.77
C PHE D 49 25.37 16.53 -29.14
N GLN D 50 24.94 16.35 -30.38
CA GLN D 50 23.67 16.85 -30.86
C GLN D 50 22.50 15.94 -30.52
N TYR D 51 22.77 14.83 -29.85
CA TYR D 51 21.69 13.93 -29.44
C TYR D 51 20.93 14.53 -28.27
N ARG D 52 19.61 14.62 -28.43
CA ARG D 52 18.71 15.02 -27.36
C ARG D 52 17.80 13.84 -27.05
N HIS D 53 17.16 13.88 -25.89
CA HIS D 53 16.32 12.78 -25.47
C HIS D 53 15.02 12.75 -26.27
N GLY D 54 14.55 11.53 -26.53
CA GLY D 54 13.46 11.31 -27.44
C GLY D 54 13.88 11.05 -28.87
N ASP D 55 14.97 11.67 -29.31
CA ASP D 55 15.56 11.31 -30.58
C ASP D 55 16.20 9.93 -30.49
N PRO D 56 16.15 9.15 -31.57
CA PRO D 56 16.77 7.83 -31.53
C PRO D 56 18.28 7.91 -31.56
N ILE D 57 18.93 6.80 -31.24
CA ILE D 57 20.38 6.69 -31.35
C ILE D 57 20.73 6.58 -32.82
N PRO D 58 21.56 7.48 -33.36
CA PRO D 58 22.05 7.29 -34.73
C PRO D 58 23.02 6.13 -34.79
N ARG D 59 22.85 5.27 -35.78
CA ARG D 59 23.64 4.06 -35.88
C ARG D 59 25.08 4.38 -36.27
N VAL D 60 25.98 3.46 -35.92
CA VAL D 60 27.41 3.65 -36.08
C VAL D 60 27.91 2.72 -37.17
N GLU D 61 28.63 3.28 -38.14
CA GLU D 61 29.36 2.44 -39.09
C GLU D 61 30.66 1.97 -38.46
N TYR D 62 30.99 0.70 -38.70
CA TYR D 62 32.17 0.10 -38.10
C TYR D 62 33.07 -0.45 -39.19
N THR D 63 34.37 -0.24 -39.04
CA THR D 63 35.34 -0.91 -39.88
C THR D 63 35.59 -2.30 -39.31
N ALA D 64 36.29 -3.15 -40.07
CA ALA D 64 36.43 -4.54 -39.67
C ALA D 64 37.46 -4.71 -38.56
N GLU D 65 38.37 -3.75 -38.39
CA GLU D 65 39.45 -3.91 -37.42
C GLU D 65 38.96 -3.77 -35.99
N GLU D 66 37.89 -3.01 -35.75
CA GLU D 66 37.26 -3.03 -34.44
C GLU D 66 36.13 -4.05 -34.38
N ILE D 67 35.63 -4.50 -35.53
CA ILE D 67 34.66 -5.58 -35.56
C ILE D 67 35.33 -6.90 -35.20
N ALA D 68 36.55 -7.12 -35.69
CA ALA D 68 37.28 -8.35 -35.40
C ALA D 68 37.72 -8.40 -33.94
N THR D 69 37.98 -7.25 -33.33
CA THR D 69 38.23 -7.23 -31.90
C THR D 69 36.94 -7.26 -31.10
N TRP D 70 35.85 -6.75 -31.67
CA TRP D 70 34.53 -7.06 -31.12
C TRP D 70 34.24 -8.55 -31.24
N LYS D 71 34.69 -9.16 -32.34
CA LYS D 71 34.59 -10.61 -32.47
C LYS D 71 35.52 -11.31 -31.48
N GLU D 72 36.71 -10.75 -31.24
CA GLU D 72 37.67 -11.38 -30.34
C GLU D 72 37.18 -11.33 -28.90
N VAL D 73 36.54 -10.23 -28.51
CA VAL D 73 35.99 -10.18 -27.15
C VAL D 73 34.70 -10.99 -27.07
N TYR D 74 34.02 -11.21 -28.20
CA TYR D 74 32.78 -11.97 -28.16
C TYR D 74 33.04 -13.46 -27.96
N THR D 75 33.84 -14.07 -28.85
CA THR D 75 34.07 -15.51 -28.79
C THR D 75 34.86 -15.94 -27.56
N THR D 76 35.70 -15.06 -27.01
CA THR D 76 36.36 -15.38 -25.76
C THR D 76 35.38 -15.32 -24.59
N LEU D 77 34.69 -14.19 -24.44
CA LEU D 77 33.90 -13.96 -23.24
C LEU D 77 32.57 -14.69 -23.25
N LYS D 78 32.01 -15.01 -24.43
CA LYS D 78 30.81 -15.84 -24.45
C LYS D 78 31.14 -17.27 -24.09
N GLY D 79 32.33 -17.74 -24.48
CA GLY D 79 32.83 -18.99 -23.94
C GLY D 79 33.20 -18.87 -22.48
N LEU D 80 33.55 -17.66 -22.04
CA LEU D 80 33.83 -17.39 -20.63
C LEU D 80 32.59 -17.07 -19.81
N TYR D 81 31.39 -17.34 -20.32
CA TYR D 81 30.22 -17.21 -19.47
C TYR D 81 29.85 -18.52 -18.79
N ALA D 82 30.18 -19.66 -19.41
CA ALA D 82 30.06 -20.93 -18.71
C ALA D 82 31.05 -21.02 -17.55
N THR D 83 32.15 -20.29 -17.63
CA THR D 83 33.11 -20.17 -16.54
C THR D 83 32.77 -18.95 -15.71
N HIS D 84 32.40 -19.18 -14.44
CA HIS D 84 32.44 -18.21 -13.36
C HIS D 84 31.47 -17.03 -13.50
N ALA D 85 30.56 -17.06 -14.46
CA ALA D 85 29.62 -15.96 -14.65
C ALA D 85 28.27 -16.30 -14.03
N CYS D 86 27.47 -15.26 -13.82
CA CYS D 86 26.16 -15.42 -13.19
C CYS D 86 25.19 -16.14 -14.11
N GLY D 87 24.39 -17.02 -13.53
CA GLY D 87 23.39 -17.74 -14.30
C GLY D 87 22.25 -16.87 -14.79
N GLU D 88 21.95 -15.79 -14.07
CA GLU D 88 20.98 -14.82 -14.57
C GLU D 88 21.51 -14.10 -15.80
N HIS D 89 22.83 -13.90 -15.87
CA HIS D 89 23.44 -13.36 -17.08
C HIS D 89 23.36 -14.33 -18.25
N LEU D 90 23.45 -15.65 -17.98
CA LEU D 90 23.46 -16.64 -19.04
C LEU D 90 22.12 -16.70 -19.77
N GLU D 91 21.02 -16.61 -19.03
CA GLU D 91 19.72 -16.56 -19.68
C GLU D 91 19.47 -15.19 -20.30
N ALA D 92 20.04 -14.13 -19.72
CA ALA D 92 19.89 -12.81 -20.31
C ALA D 92 20.69 -12.69 -21.59
N PHE D 93 21.91 -13.24 -21.62
CA PHE D 93 22.70 -13.25 -22.85
C PHE D 93 22.08 -14.13 -23.92
N ALA D 94 21.38 -15.20 -23.51
CA ALA D 94 20.67 -16.02 -24.48
C ALA D 94 19.48 -15.28 -25.06
N LEU D 95 18.82 -14.44 -24.24
CA LEU D 95 17.84 -13.52 -24.78
C LEU D 95 18.46 -12.44 -25.65
N LEU D 96 19.69 -12.02 -25.33
CA LEU D 96 20.33 -11.00 -26.14
C LEU D 96 20.86 -11.57 -27.46
N GLU D 97 21.13 -12.88 -27.51
CA GLU D 97 21.53 -13.46 -28.78
C GLU D 97 20.35 -13.62 -29.72
N ARG D 98 19.14 -13.67 -29.19
CA ARG D 98 17.95 -13.81 -30.02
C ARG D 98 17.33 -12.46 -30.35
N PHE D 99 17.23 -11.58 -29.35
CA PHE D 99 16.50 -10.33 -29.53
C PHE D 99 17.38 -9.21 -30.04
N SER D 100 18.53 -8.99 -29.39
CA SER D 100 19.36 -7.83 -29.71
C SER D 100 20.25 -8.08 -30.92
N GLY D 101 20.82 -9.27 -31.04
CA GLY D 101 21.69 -9.54 -32.17
C GLY D 101 23.15 -9.64 -31.77
N TYR D 102 23.41 -10.20 -30.60
CA TYR D 102 24.77 -10.38 -30.11
C TYR D 102 25.43 -11.50 -30.91
N ARG D 103 26.38 -11.14 -31.77
CA ARG D 103 27.01 -12.12 -32.63
C ARG D 103 28.50 -11.82 -32.72
N GLU D 104 29.20 -12.73 -33.38
CA GLU D 104 30.63 -12.57 -33.60
C GLU D 104 30.90 -11.54 -34.69
N ASP D 105 30.21 -11.66 -35.83
CA ASP D 105 30.46 -10.81 -36.98
C ASP D 105 29.86 -9.42 -36.84
N ASN D 106 28.62 -9.33 -36.37
CA ASN D 106 27.92 -8.05 -36.31
C ASN D 106 27.91 -7.54 -34.88
N ILE D 107 28.46 -6.35 -34.67
CA ILE D 107 28.33 -5.65 -33.40
C ILE D 107 26.97 -4.97 -33.38
N PRO D 108 26.18 -5.14 -32.31
CA PRO D 108 24.85 -4.51 -32.28
C PRO D 108 24.96 -3.01 -32.07
N GLN D 109 24.14 -2.27 -32.80
CA GLN D 109 24.04 -0.84 -32.56
C GLN D 109 23.31 -0.58 -31.24
N LEU D 110 23.45 0.65 -30.75
CA LEU D 110 22.92 1.00 -29.45
C LEU D 110 21.41 1.16 -29.45
N GLU D 111 20.78 1.25 -30.62
CA GLU D 111 19.33 1.41 -30.68
C GLU D 111 18.62 0.11 -30.36
N ASP D 112 19.04 -0.98 -31.00
CA ASP D 112 18.32 -2.24 -30.86
C ASP D 112 18.53 -2.89 -29.50
N VAL D 113 19.62 -2.56 -28.80
CA VAL D 113 19.76 -3.00 -27.42
C VAL D 113 18.98 -2.09 -26.49
N SER D 114 18.80 -0.82 -26.88
CA SER D 114 17.95 0.08 -26.10
C SER D 114 16.49 -0.32 -26.23
N ARG D 115 16.06 -0.69 -27.44
CA ARG D 115 14.71 -1.21 -27.65
C ARG D 115 14.49 -2.54 -26.95
N PHE D 116 15.56 -3.28 -26.65
CA PHE D 116 15.43 -4.48 -25.85
C PHE D 116 15.21 -4.16 -24.38
N LEU D 117 15.88 -3.13 -23.86
CA LEU D 117 15.81 -2.85 -22.44
C LEU D 117 14.50 -2.14 -22.06
N LYS D 118 13.88 -1.41 -22.99
CA LYS D 118 12.55 -0.87 -22.70
C LYS D 118 11.50 -1.96 -22.66
N GLU D 119 11.67 -3.04 -23.41
CA GLU D 119 10.69 -4.11 -23.40
C GLU D 119 10.86 -5.06 -22.22
N ARG D 120 12.05 -5.13 -21.63
CA ARG D 120 12.25 -6.01 -20.49
C ARG D 120 11.99 -5.29 -19.18
N THR D 121 12.77 -4.26 -18.88
CA THR D 121 12.71 -3.55 -17.60
C THR D 121 12.36 -2.09 -17.72
N GLY D 122 12.48 -1.49 -18.90
CA GLY D 122 12.24 -0.08 -19.05
C GLY D 122 13.47 0.78 -18.96
N PHE D 123 14.66 0.19 -18.91
CA PHE D 123 15.86 1.00 -19.06
C PHE D 123 16.01 1.42 -20.51
N GLN D 124 16.76 2.50 -20.71
CA GLN D 124 17.19 2.88 -22.04
C GLN D 124 18.67 3.21 -21.96
N LEU D 125 19.39 2.94 -23.03
CA LEU D 125 20.77 3.35 -23.09
C LEU D 125 20.85 4.77 -23.61
N ARG D 126 21.86 5.49 -23.16
CA ARG D 126 22.01 6.86 -23.61
C ARG D 126 23.44 7.07 -24.07
N PRO D 127 23.64 7.45 -25.33
CA PRO D 127 25.00 7.65 -25.82
C PRO D 127 25.65 8.87 -25.19
N VAL D 128 26.88 8.67 -24.71
CA VAL D 128 27.63 9.73 -24.06
C VAL D 128 29.11 9.45 -24.34
N ALA D 129 29.89 10.54 -24.41
CA ALA D 129 31.31 10.43 -24.71
C ALA D 129 32.10 9.97 -23.48
N GLY D 130 32.06 10.76 -22.40
CA GLY D 130 32.91 10.53 -21.26
C GLY D 130 32.14 10.11 -20.02
N LEU D 131 32.89 9.53 -19.08
CA LEU D 131 32.45 9.31 -17.71
C LEU D 131 32.83 10.49 -16.81
N LEU D 132 32.94 11.69 -17.40
CA LEU D 132 33.57 12.87 -16.83
C LEU D 132 32.94 13.33 -15.52
N SER D 133 31.66 13.06 -15.30
CA SER D 133 31.03 13.34 -14.01
C SER D 133 30.54 12.03 -13.40
N ALA D 134 30.92 11.80 -12.15
CA ALA D 134 30.39 10.69 -11.39
C ALA D 134 28.99 10.97 -10.86
N ARG D 135 28.61 12.25 -10.75
CA ARG D 135 27.26 12.57 -10.31
C ARG D 135 26.25 12.40 -11.43
N ASP D 136 26.56 12.97 -12.61
CA ASP D 136 25.61 13.00 -13.72
C ASP D 136 25.34 11.61 -14.29
N PHE D 137 26.32 10.72 -14.28
CA PHE D 137 26.08 9.34 -14.66
C PHE D 137 25.19 8.64 -13.64
N LEU D 138 25.36 8.95 -12.35
CA LEU D 138 24.47 8.41 -11.34
C LEU D 138 23.11 9.09 -11.38
N ALA D 139 23.09 10.40 -11.65
CA ALA D 139 21.81 11.12 -11.70
C ALA D 139 20.98 10.70 -12.90
N SER D 140 21.63 10.24 -13.97
CA SER D 140 20.88 9.73 -15.11
C SER D 140 20.29 8.36 -14.81
N LEU D 141 21.02 7.53 -14.07
CA LEU D 141 20.63 6.15 -13.81
C LEU D 141 19.39 6.07 -12.94
N ALA D 142 19.10 7.11 -12.17
CA ALA D 142 17.84 7.21 -11.45
C ALA D 142 16.65 7.29 -12.39
N PHE D 143 16.85 7.86 -13.57
CA PHE D 143 15.79 8.03 -14.56
C PHE D 143 15.56 6.79 -15.40
N ARG D 144 16.08 5.63 -14.95
CA ARG D 144 16.20 4.40 -15.73
C ARG D 144 16.92 4.64 -17.05
N VAL D 145 17.94 5.50 -17.01
CA VAL D 145 18.70 5.92 -18.18
C VAL D 145 20.16 5.62 -17.92
N PHE D 146 20.71 4.64 -18.63
CA PHE D 146 22.09 4.22 -18.45
C PHE D 146 22.96 4.96 -19.44
N GLN D 147 23.88 5.79 -18.93
CA GLN D 147 24.85 6.43 -19.79
C GLN D 147 25.80 5.40 -20.37
N CYS D 148 25.88 5.35 -21.69
CA CYS D 148 26.69 4.38 -22.38
C CYS D 148 27.55 5.06 -23.43
N THR D 149 28.64 4.41 -23.80
CA THR D 149 29.58 4.91 -24.78
C THR D 149 29.33 4.19 -26.10
N GLN D 150 29.74 4.82 -27.20
CA GLN D 150 29.59 4.20 -28.50
C GLN D 150 30.92 3.76 -29.10
N TYR D 151 32.03 3.92 -28.38
CA TYR D 151 33.34 3.57 -28.92
C TYR D 151 33.76 2.18 -28.46
N ILE D 152 34.87 1.73 -29.02
CA ILE D 152 35.46 0.43 -28.73
C ILE D 152 36.85 0.67 -28.19
N ARG D 153 37.32 -0.23 -27.31
CA ARG D 153 38.72 -0.25 -26.95
C ARG D 153 39.57 -0.58 -28.18
N HIS D 154 40.83 -0.16 -28.12
CA HIS D 154 41.70 -0.30 -29.28
C HIS D 154 42.11 -1.76 -29.48
N ALA D 155 42.50 -2.08 -30.72
CA ALA D 155 42.94 -3.43 -31.08
C ALA D 155 44.23 -3.80 -30.37
N SER D 156 45.05 -2.82 -30.02
CA SER D 156 46.28 -3.10 -29.28
C SER D 156 46.01 -3.57 -27.86
N SER D 157 44.90 -3.17 -27.27
CA SER D 157 44.49 -3.64 -25.94
C SER D 157 43.09 -4.21 -26.04
N PRO D 158 42.94 -5.46 -26.53
CA PRO D 158 41.61 -6.01 -26.73
C PRO D 158 41.02 -6.65 -25.48
N MET D 159 41.86 -7.05 -24.53
CA MET D 159 41.40 -7.72 -23.34
C MET D 159 41.21 -6.79 -22.15
N HIS D 160 42.23 -6.02 -21.78
CA HIS D 160 42.10 -5.04 -20.71
C HIS D 160 41.82 -3.67 -21.30
N SER D 161 40.74 -3.05 -20.84
CA SER D 161 40.41 -1.71 -21.26
C SER D 161 40.45 -0.82 -20.04
N PRO D 162 41.18 0.30 -20.09
CA PRO D 162 41.18 1.26 -18.98
C PRO D 162 39.97 2.18 -18.96
N GLU D 163 39.13 2.14 -20.00
CA GLU D 163 37.95 2.97 -20.06
C GLU D 163 36.79 2.11 -20.52
N PRO D 164 35.56 2.39 -20.07
CA PRO D 164 34.42 1.58 -20.48
C PRO D 164 34.02 1.85 -21.93
N ASP D 165 33.95 0.78 -22.71
CA ASP D 165 33.55 0.85 -24.12
C ASP D 165 32.30 0.02 -24.35
N CYS D 166 31.93 -0.20 -25.61
CA CYS D 166 30.79 -1.09 -25.89
C CYS D 166 31.09 -2.53 -25.51
N CYS D 167 32.36 -2.93 -25.55
CA CYS D 167 32.73 -4.24 -25.00
C CYS D 167 32.58 -4.29 -23.48
N HIS D 168 32.61 -3.13 -22.81
CA HIS D 168 32.40 -3.12 -21.37
C HIS D 168 30.93 -3.27 -21.01
N GLU D 169 30.07 -2.46 -21.64
CA GLU D 169 28.73 -2.27 -21.09
C GLU D 169 27.69 -3.13 -21.82
N LEU D 170 27.88 -3.38 -23.12
CA LEU D 170 26.91 -4.20 -23.82
C LEU D 170 27.03 -5.67 -23.44
N LEU D 171 28.19 -6.10 -22.96
CA LEU D 171 28.37 -7.46 -22.45
C LEU D 171 28.34 -7.52 -20.93
N GLY D 172 28.68 -6.43 -20.25
CA GLY D 172 28.70 -6.43 -18.81
C GLY D 172 27.56 -5.70 -18.12
N HIS D 173 27.21 -4.52 -18.62
CA HIS D 173 26.18 -3.72 -17.93
C HIS D 173 24.79 -4.16 -18.33
N VAL D 174 24.45 -4.01 -19.61
CA VAL D 174 23.07 -4.23 -20.06
C VAL D 174 22.55 -5.68 -19.96
N PRO D 175 23.38 -6.74 -19.94
CA PRO D 175 22.77 -8.04 -19.59
C PRO D 175 22.42 -8.17 -18.12
N MET D 176 23.01 -7.36 -17.25
CA MET D 176 22.47 -7.25 -15.90
C MET D 176 21.26 -6.34 -15.88
N LEU D 177 21.25 -5.30 -16.72
CA LEU D 177 20.14 -4.36 -16.78
C LEU D 177 18.86 -4.95 -17.35
N ALA D 178 18.93 -6.11 -18.00
CA ALA D 178 17.74 -6.82 -18.46
C ALA D 178 17.04 -7.57 -17.34
N ASP D 179 17.64 -7.64 -16.16
CA ASP D 179 16.99 -8.19 -14.99
C ASP D 179 16.10 -7.14 -14.35
N ARG D 180 14.94 -7.57 -13.84
CA ARG D 180 13.99 -6.63 -13.26
C ARG D 180 14.49 -6.10 -11.92
N THR D 181 14.77 -7.00 -10.97
CA THR D 181 15.10 -6.54 -9.62
C THR D 181 16.50 -5.97 -9.53
N PHE D 182 17.37 -6.25 -10.50
CA PHE D 182 18.64 -5.53 -10.56
C PHE D 182 18.44 -4.12 -11.07
N ALA D 183 17.57 -3.94 -12.07
CA ALA D 183 17.35 -2.62 -12.65
C ALA D 183 16.66 -1.70 -11.66
N GLN D 184 15.78 -2.25 -10.82
CA GLN D 184 15.25 -1.45 -9.71
C GLN D 184 16.33 -1.16 -8.68
N PHE D 185 17.23 -2.11 -8.45
CA PHE D 185 18.32 -1.91 -7.50
C PHE D 185 19.34 -0.91 -8.01
N SER D 186 19.79 -1.07 -9.27
CA SER D 186 20.78 -0.17 -9.84
C SER D 186 20.23 1.24 -10.03
N GLN D 187 18.91 1.37 -10.20
CA GLN D 187 18.30 2.69 -10.20
C GLN D 187 18.30 3.30 -8.80
N ASP D 188 18.03 2.50 -7.77
CA ASP D 188 18.01 3.03 -6.41
C ASP D 188 19.39 3.43 -5.91
N ILE D 189 20.44 2.91 -6.53
CA ILE D 189 21.76 3.51 -6.35
C ILE D 189 21.76 4.94 -6.90
N GLY D 190 21.30 5.11 -8.13
CA GLY D 190 21.20 6.43 -8.71
C GLY D 190 20.11 7.28 -8.10
N LEU D 191 19.06 6.65 -7.56
CA LEU D 191 18.01 7.41 -6.88
C LEU D 191 18.49 8.04 -5.59
N ALA D 192 19.57 7.51 -5.01
CA ALA D 192 20.13 8.13 -3.82
C ALA D 192 21.04 9.30 -4.15
N SER D 193 21.38 9.50 -5.41
CA SER D 193 22.41 10.47 -5.80
C SER D 193 21.85 11.81 -6.25
N LEU D 194 20.54 12.01 -6.20
CA LEU D 194 19.95 13.27 -6.64
C LEU D 194 20.02 14.29 -5.52
N GLY D 195 20.78 15.36 -5.75
CA GLY D 195 20.99 16.34 -4.71
C GLY D 195 21.88 15.87 -3.59
N ALA D 196 22.60 14.77 -3.80
CA ALA D 196 23.52 14.26 -2.80
C ALA D 196 24.84 15.01 -2.90
N SER D 197 25.52 15.11 -1.75
CA SER D 197 26.76 15.84 -1.66
C SER D 197 27.88 15.15 -2.43
N ASP D 198 28.97 15.89 -2.64
CA ASP D 198 30.11 15.38 -3.41
C ASP D 198 30.80 14.20 -2.73
N GLU D 199 30.81 14.13 -1.40
CA GLU D 199 31.30 12.92 -0.77
C GLU D 199 30.25 11.82 -0.77
N GLU D 200 28.97 12.18 -0.89
CA GLU D 200 27.94 11.16 -1.08
C GLU D 200 27.92 10.67 -2.52
N ILE D 201 28.19 11.56 -3.47
CA ILE D 201 28.38 11.15 -4.86
C ILE D 201 29.58 10.23 -4.97
N GLU D 202 30.66 10.54 -4.23
CA GLU D 202 31.82 9.65 -4.18
C GLU D 202 31.48 8.34 -3.49
N LYS D 203 30.75 8.40 -2.36
CA LYS D 203 30.40 7.19 -1.62
C LYS D 203 29.46 6.29 -2.43
N LEU D 204 28.55 6.89 -3.19
CA LEU D 204 27.67 6.10 -4.03
C LEU D 204 28.42 5.53 -5.22
N SER D 205 29.35 6.30 -5.79
CA SER D 205 30.22 5.76 -6.82
C SER D 205 31.22 4.76 -6.24
N THR D 206 31.59 4.93 -4.97
CA THR D 206 32.30 3.87 -4.26
C THR D 206 31.41 2.64 -4.11
N LEU D 207 30.14 2.87 -3.81
CA LEU D 207 29.19 1.77 -3.75
C LEU D 207 28.94 1.18 -5.13
N TYR D 208 28.80 2.04 -6.14
CA TYR D 208 28.54 1.58 -7.51
C TYR D 208 29.73 0.82 -8.10
N TRP D 209 30.94 1.10 -7.61
CA TRP D 209 32.12 0.39 -8.09
C TRP D 209 32.13 -1.06 -7.64
N PHE D 210 31.40 -1.38 -6.56
CA PHE D 210 31.58 -2.67 -5.91
C PHE D 210 30.33 -3.54 -5.89
N THR D 211 29.17 -3.03 -6.33
CA THR D 211 27.99 -3.88 -6.41
C THR D 211 27.26 -3.82 -7.73
N VAL D 212 27.73 -3.03 -8.69
CA VAL D 212 27.25 -3.10 -10.07
C VAL D 212 28.40 -3.31 -11.05
N GLU D 213 29.41 -2.43 -10.98
CA GLU D 213 30.55 -2.50 -11.88
C GLU D 213 31.40 -3.75 -11.60
N PHE D 214 31.79 -3.95 -10.35
CA PHE D 214 32.62 -5.09 -9.96
C PHE D 214 31.96 -5.71 -8.73
N GLY D 215 30.98 -6.57 -8.97
CA GLY D 215 30.26 -7.21 -7.90
C GLY D 215 30.08 -8.68 -8.21
N LEU D 216 30.22 -9.51 -7.18
CA LEU D 216 30.16 -10.95 -7.30
C LEU D 216 28.87 -11.46 -6.67
N CYS D 217 28.17 -12.34 -7.38
CA CYS D 217 26.87 -12.83 -6.93
C CYS D 217 27.01 -14.20 -6.27
N LYS D 218 25.85 -14.79 -5.96
CA LYS D 218 25.80 -16.15 -5.40
C LYS D 218 24.50 -16.78 -5.90
N GLN D 219 24.61 -17.53 -6.98
CA GLN D 219 23.47 -18.22 -7.57
C GLN D 219 23.61 -19.72 -7.38
N ASN D 220 22.51 -20.35 -6.94
CA ASN D 220 22.43 -21.79 -6.64
C ASN D 220 23.49 -22.24 -5.64
N GLY D 221 23.81 -21.38 -4.67
CA GLY D 221 24.81 -21.71 -3.68
C GLY D 221 26.22 -21.32 -4.07
N GLU D 222 26.62 -21.70 -5.28
CA GLU D 222 27.96 -21.36 -5.76
C GLU D 222 28.07 -19.88 -6.06
N VAL D 223 29.26 -19.35 -5.85
CA VAL D 223 29.53 -17.93 -6.06
C VAL D 223 29.91 -17.71 -7.53
N LYS D 224 29.22 -16.77 -8.17
CA LYS D 224 29.48 -16.39 -9.55
C LYS D 224 29.60 -14.88 -9.60
N ALA D 225 30.02 -14.35 -10.74
CA ALA D 225 30.23 -12.92 -10.89
C ALA D 225 29.08 -12.29 -11.66
N TYR D 226 28.64 -11.13 -11.19
CA TYR D 226 27.63 -10.34 -11.90
C TYR D 226 28.05 -8.91 -12.16
N GLY D 227 29.26 -8.51 -11.81
CA GLY D 227 29.74 -7.18 -12.10
C GLY D 227 29.92 -6.94 -13.57
N ALA D 228 29.76 -5.67 -13.96
CA ALA D 228 29.84 -5.29 -15.36
C ALA D 228 31.26 -5.43 -15.89
N GLY D 229 32.23 -4.82 -15.19
CA GLY D 229 33.62 -4.93 -15.61
C GLY D 229 34.22 -6.29 -15.39
N LEU D 230 33.67 -7.07 -14.46
CA LEU D 230 34.07 -8.47 -14.33
C LEU D 230 33.69 -9.26 -15.56
N LEU D 231 32.52 -8.99 -16.13
CA LEU D 231 32.07 -9.65 -17.34
C LEU D 231 32.37 -8.83 -18.58
N SER D 232 33.50 -8.14 -18.59
CA SER D 232 33.90 -7.30 -19.70
C SER D 232 35.32 -7.55 -20.17
N SER D 233 36.14 -8.26 -19.41
CA SER D 233 37.54 -8.44 -19.73
C SER D 233 37.95 -9.89 -19.57
N TYR D 234 39.13 -10.23 -20.09
CA TYR D 234 39.53 -11.63 -20.20
C TYR D 234 39.91 -12.23 -18.86
N GLY D 235 40.91 -11.64 -18.19
CA GLY D 235 41.48 -12.29 -17.02
C GLY D 235 40.80 -11.97 -15.71
N GLU D 236 40.04 -10.88 -15.67
CA GLU D 236 39.42 -10.46 -14.41
C GLU D 236 38.26 -11.37 -14.03
N LEU D 237 37.51 -11.86 -15.02
CA LEU D 237 36.51 -12.89 -14.76
C LEU D 237 37.14 -14.20 -14.28
N LEU D 238 38.37 -14.49 -14.69
CA LEU D 238 39.14 -15.56 -14.07
C LEU D 238 39.74 -15.15 -12.74
N HIS D 239 39.83 -13.84 -12.47
CA HIS D 239 40.47 -13.35 -11.26
C HIS D 239 39.52 -13.29 -10.07
N CYS D 240 38.23 -13.04 -10.33
CA CYS D 240 37.29 -12.75 -9.23
C CYS D 240 37.00 -14.00 -8.39
N LEU D 241 36.80 -15.15 -9.03
CA LEU D 241 36.68 -16.37 -8.26
C LEU D 241 38.02 -16.99 -7.90
N SER D 242 39.12 -16.50 -8.45
CA SER D 242 40.43 -16.90 -7.95
C SER D 242 40.63 -16.28 -6.57
N GLU D 243 41.55 -16.88 -5.81
CA GLU D 243 41.57 -16.59 -4.38
C GLU D 243 42.66 -15.62 -3.96
N GLU D 244 43.55 -15.20 -4.86
CA GLU D 244 44.47 -14.13 -4.50
C GLU D 244 43.79 -12.77 -4.28
N PRO D 245 42.60 -12.46 -4.82
CA PRO D 245 41.81 -11.40 -4.18
C PRO D 245 40.93 -11.97 -3.08
N GLU D 246 40.47 -11.07 -2.21
CA GLU D 246 39.59 -11.43 -1.11
C GLU D 246 38.19 -10.89 -1.39
N ILE D 247 37.18 -11.67 -1.03
CA ILE D 247 35.79 -11.31 -1.28
C ILE D 247 35.11 -11.08 0.07
N ARG D 248 34.85 -9.81 0.38
CA ARG D 248 34.08 -9.49 1.57
C ARG D 248 32.61 -9.78 1.35
N ALA D 249 31.85 -9.84 2.43
CA ALA D 249 30.40 -9.82 2.31
C ALA D 249 29.95 -8.40 2.01
N PHE D 250 28.87 -8.30 1.22
CA PHE D 250 28.39 -7.00 0.80
C PHE D 250 27.74 -6.29 1.99
N ASP D 251 28.30 -5.14 2.36
CA ASP D 251 27.89 -4.25 3.44
C ASP D 251 27.71 -2.84 2.90
N PRO D 252 26.78 -2.04 3.45
CA PRO D 252 26.61 -0.67 2.95
C PRO D 252 27.77 0.24 3.31
N GLU D 253 28.20 0.19 4.57
CA GLU D 253 29.28 1.06 5.03
C GLU D 253 30.64 0.61 4.50
N ALA D 254 30.86 -0.70 4.40
CA ALA D 254 32.11 -1.21 3.86
C ALA D 254 32.26 -0.95 2.37
N ALA D 255 31.15 -0.77 1.65
CA ALA D 255 31.19 -0.33 0.26
C ALA D 255 31.10 1.17 0.12
N ALA D 256 30.91 1.91 1.21
CA ALA D 256 30.84 3.36 1.14
C ALA D 256 32.22 4.00 1.14
N VAL D 257 33.15 3.48 1.93
CA VAL D 257 34.47 4.09 2.06
C VAL D 257 35.55 3.09 1.65
N GLN D 258 35.22 2.23 0.71
CA GLN D 258 36.18 1.23 0.27
C GLN D 258 37.21 1.85 -0.67
N PRO D 259 38.51 1.73 -0.40
CA PRO D 259 39.50 2.17 -1.36
C PRO D 259 39.52 1.26 -2.58
N TYR D 260 39.77 1.87 -3.74
CA TYR D 260 39.75 1.11 -4.98
C TYR D 260 40.65 1.79 -6.00
N GLN D 261 41.28 0.97 -6.83
CA GLN D 261 42.02 1.43 -7.99
C GLN D 261 41.19 1.13 -9.24
N ASP D 262 41.77 1.36 -10.40
CA ASP D 262 41.10 1.08 -11.66
C ASP D 262 41.95 0.32 -12.66
N GLN D 263 43.25 0.18 -12.43
CA GLN D 263 44.16 -0.37 -13.43
C GLN D 263 44.40 -1.87 -13.29
N THR D 264 44.98 -2.30 -12.18
CA THR D 264 45.17 -3.74 -11.98
C THR D 264 43.88 -4.37 -11.47
N TYR D 265 43.92 -5.68 -11.32
CA TYR D 265 42.73 -6.43 -10.91
C TYR D 265 42.44 -6.16 -9.44
N GLN D 266 41.16 -5.95 -9.12
CA GLN D 266 40.78 -5.43 -7.81
C GLN D 266 40.99 -6.48 -6.73
N SER D 267 41.40 -6.01 -5.55
CA SER D 267 41.66 -6.92 -4.43
C SER D 267 40.39 -7.21 -3.66
N VAL D 268 39.70 -6.17 -3.20
CA VAL D 268 38.50 -6.32 -2.39
C VAL D 268 37.30 -6.55 -3.32
N TYR D 269 36.48 -7.54 -2.97
CA TYR D 269 35.24 -7.82 -3.67
C TYR D 269 34.11 -7.97 -2.67
N PHE D 270 32.88 -7.92 -3.17
CA PHE D 270 31.69 -7.91 -2.33
C PHE D 270 30.74 -8.99 -2.83
N VAL D 271 30.60 -10.08 -2.07
CA VAL D 271 29.67 -11.12 -2.50
C VAL D 271 28.24 -10.72 -2.12
N SER D 272 27.35 -10.83 -3.11
CA SER D 272 25.95 -10.52 -2.91
C SER D 272 25.15 -11.80 -3.09
N GLU D 273 24.23 -12.07 -2.16
CA GLU D 273 23.47 -13.31 -2.21
C GLU D 273 22.44 -13.31 -3.33
N SER D 274 21.81 -12.17 -3.59
CA SER D 274 20.88 -12.04 -4.71
C SER D 274 20.74 -10.56 -5.05
N PHE D 275 20.11 -10.30 -6.20
CA PHE D 275 19.83 -8.94 -6.62
C PHE D 275 18.79 -8.28 -5.72
N SER D 276 17.87 -9.07 -5.16
CA SER D 276 16.90 -8.55 -4.21
C SER D 276 17.58 -8.17 -2.90
N ASP D 277 18.52 -9.00 -2.45
CA ASP D 277 19.29 -8.68 -1.24
C ASP D 277 20.16 -7.45 -1.43
N ALA D 278 20.64 -7.21 -2.65
CA ALA D 278 21.27 -5.94 -2.96
C ALA D 278 20.27 -4.80 -2.92
N LYS D 279 19.01 -5.06 -3.31
CA LYS D 279 17.98 -4.04 -3.25
C LYS D 279 17.56 -3.77 -1.81
N ASP D 280 17.49 -4.82 -0.97
CA ASP D 280 17.17 -4.60 0.44
C ASP D 280 18.31 -3.90 1.16
N LYS D 281 19.55 -4.16 0.76
CA LYS D 281 20.67 -3.53 1.44
C LYS D 281 20.89 -2.10 0.96
N LEU D 282 20.53 -1.80 -0.28
CA LEU D 282 20.49 -0.42 -0.72
C LEU D 282 19.35 0.36 -0.08
N ARG D 283 18.29 -0.34 0.34
CA ARG D 283 17.23 0.33 1.09
C ARG D 283 17.74 0.80 2.45
N SER D 284 18.65 0.05 3.05
CA SER D 284 19.25 0.47 4.31
C SER D 284 20.22 1.63 4.11
N TYR D 285 20.99 1.62 3.02
CA TYR D 285 22.01 2.65 2.86
C TYR D 285 21.42 3.95 2.35
N ALA D 286 20.40 3.88 1.48
CA ALA D 286 19.78 5.09 0.97
C ALA D 286 18.96 5.81 2.02
N SER D 287 18.58 5.13 3.10
CA SER D 287 17.86 5.77 4.18
C SER D 287 18.77 6.73 4.94
N ARG D 288 19.95 6.25 5.34
CA ARG D 288 20.84 7.02 6.19
C ARG D 288 21.64 8.08 5.43
N ILE D 289 21.48 8.17 4.11
CA ILE D 289 22.10 9.22 3.33
C ILE D 289 21.40 10.53 3.67
N GLN D 290 22.14 11.48 4.21
CA GLN D 290 21.57 12.75 4.67
C GLN D 290 21.19 13.60 3.47
N ARG D 291 19.94 14.08 3.47
CA ARG D 291 19.37 14.80 2.36
C ARG D 291 18.16 15.55 2.91
N PRO D 292 17.92 16.80 2.50
CA PRO D 292 16.73 17.51 2.98
C PRO D 292 15.42 16.99 2.43
N PHE D 293 15.44 16.00 1.55
CA PHE D 293 14.24 15.39 0.98
C PHE D 293 14.59 13.97 0.59
N SER D 294 13.70 13.35 -0.19
CA SER D 294 14.03 12.17 -0.97
C SER D 294 13.22 12.24 -2.25
N VAL D 295 13.53 11.35 -3.19
CA VAL D 295 12.93 11.40 -4.50
C VAL D 295 12.27 10.06 -4.81
N LYS D 296 11.16 10.14 -5.54
CA LYS D 296 10.46 8.96 -6.06
C LYS D 296 10.49 9.06 -7.57
N PHE D 297 10.94 7.99 -8.23
CA PHE D 297 10.87 7.94 -9.67
C PHE D 297 9.43 7.69 -10.10
N ASP D 298 8.85 8.67 -10.79
CA ASP D 298 7.47 8.60 -11.27
C ASP D 298 7.54 7.97 -12.65
N PRO D 299 7.22 6.68 -12.77
CA PRO D 299 7.58 5.93 -13.99
C PRO D 299 6.60 6.08 -15.13
N TYR D 300 5.43 6.67 -14.90
CA TYR D 300 4.53 6.98 -16.01
C TYR D 300 5.15 8.01 -16.93
N THR D 301 5.42 9.21 -16.41
CA THR D 301 6.07 10.27 -17.17
C THR D 301 7.59 10.19 -17.12
N LEU D 302 8.14 9.14 -16.49
CA LEU D 302 9.58 8.82 -16.50
C LEU D 302 10.40 9.95 -15.85
N ALA D 303 9.81 10.57 -14.82
CA ALA D 303 10.35 11.76 -14.19
C ALA D 303 10.73 11.48 -12.74
N ILE D 304 11.15 12.52 -12.04
CA ILE D 304 11.52 12.45 -10.64
C ILE D 304 10.60 13.38 -9.85
N ASP D 305 9.95 12.84 -8.82
CA ASP D 305 9.13 13.60 -7.91
C ASP D 305 9.94 13.89 -6.65
N VAL D 306 10.24 15.17 -6.41
CA VAL D 306 10.90 15.57 -5.18
C VAL D 306 9.89 15.47 -4.05
N LEU D 307 10.24 14.71 -3.01
CA LEU D 307 9.38 14.63 -1.84
C LEU D 307 10.00 15.50 -0.77
N ASP D 308 9.89 16.81 -0.96
CA ASP D 308 10.42 17.80 -0.03
C ASP D 308 9.31 18.36 0.85
N SER D 309 8.16 17.69 0.89
CA SER D 309 7.03 18.12 1.69
C SER D 309 6.19 16.89 1.98
N PRO D 310 5.40 16.90 3.05
CA PRO D 310 4.42 15.82 3.24
C PRO D 310 3.35 15.80 2.16
N GLN D 311 3.01 16.97 1.61
CA GLN D 311 2.08 17.04 0.49
C GLN D 311 2.62 16.38 -0.77
N ALA D 312 3.93 16.42 -0.98
CA ALA D 312 4.50 15.75 -2.15
C ALA D 312 4.43 14.23 -2.02
N VAL D 313 4.57 13.70 -0.80
CA VAL D 313 4.43 12.27 -0.58
C VAL D 313 2.98 11.84 -0.77
N ARG D 314 2.03 12.76 -0.58
CA ARG D 314 0.62 12.43 -0.76
C ARG D 314 0.29 12.20 -2.23
N ARG D 315 0.73 13.11 -3.11
CA ARG D 315 0.49 12.92 -4.53
C ARG D 315 1.33 11.80 -5.15
N SER D 316 2.29 11.26 -4.41
CA SER D 316 2.83 9.95 -4.70
C SER D 316 1.99 8.83 -4.12
N LEU D 317 1.39 9.05 -2.95
CA LEU D 317 0.63 7.99 -2.27
C LEU D 317 -0.67 7.68 -3.00
N GLU D 318 -1.32 8.67 -3.61
CA GLU D 318 -2.43 8.34 -4.48
C GLU D 318 -1.97 7.66 -5.76
N GLY D 319 -0.75 7.93 -6.21
CA GLY D 319 -0.19 7.17 -7.32
C GLY D 319 0.02 5.71 -6.99
N VAL D 320 0.18 5.39 -5.70
CA VAL D 320 0.14 4.00 -5.27
C VAL D 320 -1.29 3.48 -5.28
N GLN D 321 -2.23 4.29 -4.77
CA GLN D 321 -3.58 3.80 -4.55
C GLN D 321 -4.39 3.67 -5.84
N ASP D 322 -4.05 4.42 -6.89
CA ASP D 322 -4.72 4.25 -8.16
C ASP D 322 -4.34 2.93 -8.82
N GLU D 323 -3.15 2.42 -8.52
CA GLU D 323 -2.77 1.11 -9.02
C GLU D 323 -2.87 0.02 -7.96
N LEU D 324 -3.10 0.38 -6.70
CA LEU D 324 -3.43 -0.63 -5.70
C LEU D 324 -4.92 -0.96 -5.73
N ASP D 325 -5.77 0.02 -6.05
CA ASP D 325 -7.17 -0.27 -6.35
C ASP D 325 -7.30 -1.10 -7.62
N THR D 326 -6.35 -0.95 -8.55
CA THR D 326 -6.24 -1.87 -9.68
C THR D 326 -5.99 -3.30 -9.19
N LEU D 327 -5.12 -3.47 -8.19
CA LEU D 327 -4.92 -4.77 -7.59
C LEU D 327 -6.13 -5.22 -6.78
N ALA D 328 -6.82 -4.27 -6.14
CA ALA D 328 -8.03 -4.61 -5.41
C ALA D 328 -9.17 -5.02 -6.34
N HIS D 329 -9.20 -4.51 -7.56
CA HIS D 329 -10.18 -4.94 -8.54
C HIS D 329 -9.73 -6.17 -9.32
N ALA D 330 -8.43 -6.41 -9.41
CA ALA D 330 -7.93 -7.61 -10.07
C ALA D 330 -8.17 -8.85 -9.23
N LEU D 331 -8.09 -8.72 -7.90
CA LEU D 331 -8.37 -9.85 -7.02
C LEU D 331 -9.85 -10.19 -6.97
N SER D 332 -10.71 -9.25 -7.34
CA SER D 332 -12.12 -9.57 -7.58
C SER D 332 -12.33 -10.23 -8.93
N ALA D 333 -11.56 -9.83 -9.95
CA ALA D 333 -11.71 -10.41 -11.28
C ALA D 333 -11.22 -11.85 -11.31
N ILE D 334 -10.03 -12.09 -10.80
CA ILE D 334 -9.51 -13.45 -10.69
C ILE D 334 -10.10 -14.11 -9.46
N GLY D 335 -10.17 -15.44 -9.46
CA GLY D 335 -10.72 -16.18 -8.35
C GLY D 335 -11.60 -17.34 -8.79
FE FE E . -27.56 7.49 20.28
FE FE F . -10.16 11.58 -31.45
FE FE G . 7.48 -19.73 27.95
FE FE H . 30.26 0.55 -17.31
#